data_7AML
#
_entry.id   7AML
#
_cell.length_a   1.00
_cell.length_b   1.00
_cell.length_c   1.00
_cell.angle_alpha   90.00
_cell.angle_beta   90.00
_cell.angle_gamma   90.00
#
_symmetry.space_group_name_H-M   'P 1'
#
loop_
_entity.id
_entity.type
_entity.pdbx_description
1 polymer 'Proto-oncogene tyrosine-protein kinase receptor Ret'
2 polymer 'GDNF family receptor alpha'
3 polymer 'Glial cell line-derived neurotrophic factor'
4 non-polymer 'CALCIUM ION'
5 non-polymer 2-acetamido-2-deoxy-beta-D-glucopyranose
#
loop_
_entity_poly.entity_id
_entity_poly.type
_entity_poly.pdbx_seq_one_letter_code
_entity_poly.pdbx_strand_id
1 'polypeptide(L)'
;GLYFPQRLYTENIYVGQQQGSPLLQVISMREFPTERPYFFLCSHRDAFTSWFHIDEASGVLYLNKTLEWSDFSSLRSGSV
RSPKDLTLKVGVSSTPPMKVMCTILPTVEVKLSFINDTAPSCGQVELSTLCFPEKISNPHITENREPGALRQLRRFTHMS
ICPNYTISYGVVAGSSVPFAVDDSTSELVVTAQVDREEKEVYHLDIVCMVRTERNLEEVFRSLHVNIYDEDDNSPYVNGT
DTEDVLVEFDRSEGTVFGTLFVYDRDTTPVYPTNQVQNKLVGTLMTNDSWIKNNFAIEHKFREEKAIFGNVRGTVHEYKL
KLSQNLSVTEQRSFLLGYLVNDTTFPGPEGTVLLHFNVTVLPVPIRFSNVTYSFTVSQKATTYSQIGKVCVENCQKFKGI
DVTYQLEIVDRNITAEAQSCYWAVSLAQNPNDNTGVLYVNDTKVLRRPECQELEYVVIAQEQQNKLQAKTQLTVSFQGEA
DSLRTDEPRFPACAEKRQRGDCEATRGLGAPTGRCQWRQGRDKGISKRYSTCSPNLGTCPDGYCDAIESKNISICPQDCS
SEAIIGGYERDLYGIKAGHGTCYCFEGKCFCERDEPEDDICNDMCGSEFENLYFQ
;
A,D
2 'polypeptide(L)'
;EESYFSSSNRLDCVKANELCLKEPGCSSKYRTMRQCVAGRESNFSMATGMEAKDECRLVLDALKQSPLYNCRCKRGMKKE
KNCLRIYWGIYQHLQGNDLLEDSPYEPVNSRLSDIFRLAPIYSGEPALAKENNCLNAAKACNLNDTCKKYRSAYISPCTS
RVSTAEVCNKRKCHKALRQFFDKVPPKHSYGMLYCSCPLGDQSACSERRRQTIVPACSYEDKERPNCLTLQVSCKTNYIC
RSRLADFFTNCQPEPLSLSGCLKENYADCLLSYSGLIGTVMTPNYLRSPKISVSPFCDCSSSGNSKEECDRFTEFFTDNA
CLRNAIQAFGNGGSEFLEVLFQGPGGGENLYFQ
;
B,E
3 'polypeptide(L)'
;VKGQGRGCLLKEIHLNVTDLDLGYRTKEELIFRYCSGPCHDAETNYDKILNNLTHNKKLDKDTPSRTCCRPIAFDDDISF
LDDSLEYHTLKKHSAKKCACV
;
C,F
#
loop_
_chem_comp.id
_chem_comp.type
_chem_comp.name
_chem_comp.formula
CA non-polymer 'CALCIUM ION' 'Ca 2'
NAG D-saccharide, beta linking 2-acetamido-2-deoxy-beta-D-glucopyranose 'C8 H15 N O6'
#
# COMPACT_ATOMS: atom_id res chain seq x y z
N GLY A 1 63.36 44.72 -4.62
CA GLY A 1 64.75 44.29 -4.66
C GLY A 1 65.34 44.11 -3.28
N LEU A 2 65.50 45.21 -2.55
CA LEU A 2 66.04 45.16 -1.20
C LEU A 2 65.03 44.50 -0.27
N TYR A 3 65.38 43.33 0.25
CA TYR A 3 64.44 42.57 1.07
C TYR A 3 64.34 43.16 2.47
N PHE A 4 63.21 42.88 3.13
CA PHE A 4 62.87 43.46 4.42
C PHE A 4 63.03 42.42 5.51
N PRO A 5 63.89 42.63 6.51
CA PRO A 5 64.05 41.60 7.55
C PRO A 5 62.78 41.31 8.31
N GLN A 6 61.87 42.27 8.42
CA GLN A 6 60.63 42.10 9.15
C GLN A 6 59.48 42.60 8.28
N ARG A 7 58.28 42.10 8.59
CA ARG A 7 57.05 42.55 7.94
C ARG A 7 56.14 43.31 8.89
N LEU A 8 56.60 43.61 10.10
CA LEU A 8 55.78 44.23 11.13
C LEU A 8 56.56 45.37 11.78
N TYR A 9 56.06 46.59 11.62
CA TYR A 9 56.60 47.78 12.27
C TYR A 9 55.46 48.39 13.08
N THR A 10 55.48 48.17 14.39
CA THR A 10 54.36 48.52 15.26
C THR A 10 54.80 49.51 16.34
N GLU A 11 53.94 50.48 16.62
CA GLU A 11 54.14 51.46 17.67
C GLU A 11 52.78 51.98 18.09
N ASN A 12 52.74 52.65 19.24
CA ASN A 12 51.52 53.26 19.74
C ASN A 12 51.58 54.77 19.63
N ILE A 13 50.42 55.38 19.45
CA ILE A 13 50.29 56.83 19.27
C ILE A 13 49.22 57.34 20.23
N TYR A 14 49.34 58.62 20.58
CA TYR A 14 48.43 59.24 21.53
C TYR A 14 48.13 60.66 21.08
N VAL A 15 47.15 61.28 21.75
CA VAL A 15 46.73 62.64 21.41
C VAL A 15 47.71 63.64 22.00
N GLY A 16 47.73 64.83 21.41
CA GLY A 16 48.58 65.89 21.91
C GLY A 16 49.97 65.92 21.34
N GLN A 17 50.15 65.53 20.08
CA GLN A 17 51.45 65.51 19.44
C GLN A 17 51.52 66.62 18.40
N GLN A 18 52.75 66.91 17.96
CA GLN A 18 53.03 68.05 17.10
C GLN A 18 53.59 67.58 15.76
N GLN A 19 53.44 68.44 14.76
CA GLN A 19 54.00 68.18 13.45
C GLN A 19 55.52 68.34 13.49
N GLY A 20 56.18 67.79 12.47
CA GLY A 20 57.63 67.84 12.42
C GLY A 20 58.30 67.10 13.55
N SER A 21 57.71 66.01 14.01
CA SER A 21 58.24 65.23 15.11
C SER A 21 58.51 63.80 14.63
N PRO A 22 59.72 63.26 14.86
CA PRO A 22 60.00 61.90 14.39
C PRO A 22 59.14 60.86 15.09
N LEU A 23 58.76 59.82 14.34
CA LEU A 23 57.93 58.75 14.86
C LEU A 23 58.53 57.37 14.68
N LEU A 24 59.24 57.12 13.58
CA LEU A 24 59.91 55.84 13.36
C LEU A 24 60.71 55.94 12.07
N GLN A 25 61.77 55.15 12.00
CA GLN A 25 62.59 55.04 10.79
C GLN A 25 62.73 53.56 10.44
N VAL A 26 62.59 53.24 9.15
CA VAL A 26 62.72 51.89 8.66
C VAL A 26 63.98 51.81 7.80
N ILE A 27 64.60 50.63 7.82
CA ILE A 27 65.90 50.42 7.18
C ILE A 27 65.79 49.31 6.15
N SER A 28 66.53 49.45 5.07
CA SER A 28 66.61 48.47 4.00
C SER A 28 68.03 47.98 3.83
N MET A 29 68.17 46.74 3.37
CA MET A 29 69.46 46.10 3.19
C MET A 29 69.77 45.96 1.70
N ARG A 30 71.01 46.30 1.32
CA ARG A 30 71.46 46.20 -0.05
C ARG A 30 72.65 45.25 -0.13
N GLU A 31 72.66 44.41 -1.17
CA GLU A 31 73.77 43.46 -1.33
C GLU A 31 75.05 44.19 -1.75
N PHE A 32 74.93 45.21 -2.58
CA PHE A 32 76.06 45.97 -3.08
C PHE A 32 75.80 47.47 -2.87
N PRO A 33 76.87 48.27 -2.79
CA PRO A 33 76.69 49.67 -2.37
C PRO A 33 76.18 50.60 -3.45
N THR A 34 76.28 50.23 -4.74
CA THR A 34 75.87 51.14 -5.79
C THR A 34 74.37 51.38 -5.81
N GLU A 35 73.58 50.58 -5.08
CA GLU A 35 72.15 50.79 -4.95
C GLU A 35 71.89 51.68 -3.75
N ARG A 36 71.58 52.95 -4.00
CA ARG A 36 71.24 53.87 -2.93
C ARG A 36 69.73 54.05 -2.85
N PRO A 37 69.13 53.96 -1.66
CA PRO A 37 67.68 53.93 -1.56
C PRO A 37 67.04 55.30 -1.45
N TYR A 38 65.72 55.32 -1.62
CA TYR A 38 64.91 56.52 -1.45
C TYR A 38 63.52 56.08 -0.98
N PHE A 39 63.16 56.47 0.23
CA PHE A 39 61.93 56.01 0.86
C PHE A 39 60.73 56.87 0.46
N PHE A 40 59.54 56.32 0.65
CA PHE A 40 58.30 56.98 0.28
C PHE A 40 57.13 56.10 0.71
N LEU A 41 55.94 56.70 0.80
CA LEU A 41 54.74 55.98 1.19
C LEU A 41 53.94 55.52 -0.03
N CYS A 42 52.80 54.92 0.26
CA CYS A 42 51.79 54.56 -0.72
C CYS A 42 50.45 54.47 0.00
N SER A 43 49.45 53.92 -0.67
CA SER A 43 48.08 53.91 -0.18
C SER A 43 47.57 55.35 -0.04
N HIS A 44 47.73 56.10 -1.12
CA HIS A 44 47.32 57.50 -1.20
C HIS A 44 45.80 57.67 -1.26
N ARG A 45 45.04 56.58 -1.25
CA ARG A 45 43.60 56.68 -1.46
C ARG A 45 42.92 57.46 -0.33
N ASP A 46 43.06 56.98 0.90
CA ASP A 46 42.37 57.60 2.03
C ASP A 46 42.91 59.01 2.27
N ALA A 47 42.21 59.74 3.14
CA ALA A 47 42.49 61.14 3.41
C ALA A 47 43.39 61.36 4.62
N PHE A 48 43.25 60.53 5.66
CA PHE A 48 44.08 60.71 6.85
C PHE A 48 45.55 60.64 6.52
N THR A 49 45.92 59.96 5.44
CA THR A 49 47.30 59.86 5.03
C THR A 49 47.91 61.20 4.64
N SER A 50 47.08 62.21 4.39
CA SER A 50 47.60 63.52 4.02
C SER A 50 48.35 64.19 5.17
N TRP A 51 48.15 63.72 6.40
CA TRP A 51 48.82 64.34 7.55
C TRP A 51 50.25 63.83 7.69
N PHE A 52 50.46 62.52 7.59
CA PHE A 52 51.78 61.95 7.73
C PHE A 52 52.71 62.49 6.66
N HIS A 53 53.97 62.73 7.04
CA HIS A 53 54.99 63.18 6.09
C HIS A 53 56.26 62.37 6.29
N ILE A 54 56.97 62.12 5.19
CA ILE A 54 58.17 61.30 5.17
C ILE A 54 59.28 62.00 4.40
N ASP A 55 60.50 61.59 4.71
CA ASP A 55 61.70 62.14 4.09
C ASP A 55 62.20 61.18 3.01
N GLU A 56 62.37 61.73 1.80
CA GLU A 56 62.63 60.88 0.63
C GLU A 56 63.87 60.03 0.82
N ALA A 57 64.84 60.48 1.59
CA ALA A 57 66.14 59.85 1.68
C ALA A 57 66.43 59.19 3.02
N SER A 58 66.29 59.92 4.12
CA SER A 58 66.72 59.40 5.42
C SER A 58 65.88 58.20 5.84
N GLY A 59 64.57 58.25 5.59
CA GLY A 59 63.70 57.14 5.91
C GLY A 59 62.94 57.25 7.20
N VAL A 60 62.94 58.41 7.86
CA VAL A 60 62.24 58.58 9.11
C VAL A 60 60.83 59.09 8.84
N LEU A 61 59.94 58.91 9.82
CA LEU A 61 58.53 59.24 9.70
C LEU A 61 58.23 60.48 10.53
N TYR A 62 57.62 61.49 9.90
CA TYR A 62 57.21 62.73 10.56
C TYR A 62 55.71 62.93 10.39
N LEU A 63 55.23 64.08 10.89
CA LEU A 63 53.83 64.47 10.77
C LEU A 63 53.75 65.90 10.26
N ASN A 64 52.65 66.21 9.56
CA ASN A 64 52.42 67.53 9.02
C ASN A 64 51.27 68.27 9.69
N LYS A 65 50.58 67.66 10.65
CA LYS A 65 49.45 68.28 11.31
C LYS A 65 49.40 67.83 12.77
N THR A 66 48.75 68.64 13.59
CA THR A 66 48.57 68.34 15.00
C THR A 66 47.36 67.42 15.20
N LEU A 67 47.07 67.10 16.45
CA LEU A 67 45.96 66.24 16.81
C LEU A 67 44.86 67.05 17.47
N GLU A 68 43.61 66.76 17.11
CA GLU A 68 42.45 67.37 17.72
C GLU A 68 41.39 66.30 17.94
N TRP A 69 40.53 66.53 18.93
CA TRP A 69 39.51 65.55 19.27
C TRP A 69 38.61 65.24 18.08
N SER A 70 38.34 66.25 17.23
CA SER A 70 37.50 66.02 16.06
C SER A 70 38.10 64.97 15.14
N ASP A 71 39.43 64.93 15.04
CA ASP A 71 40.08 63.97 14.16
C ASP A 71 39.83 62.54 14.59
N PHE A 72 39.63 62.31 15.89
CA PHE A 72 39.40 60.95 16.38
C PHE A 72 38.11 60.38 15.80
N SER A 73 37.06 61.19 15.69
CA SER A 73 35.78 60.69 15.20
C SER A 73 35.84 60.35 13.72
N SER A 74 36.50 61.19 12.92
CA SER A 74 36.51 60.98 11.48
C SER A 74 37.16 59.65 11.10
N LEU A 75 38.10 59.18 11.90
CA LEU A 75 38.77 57.91 11.64
C LEU A 75 37.90 56.78 12.15
N ARG A 76 37.34 55.98 11.23
CA ARG A 76 36.47 54.87 11.57
C ARG A 76 37.09 53.57 11.07
N SER A 77 37.06 52.55 11.92
CA SER A 77 37.61 51.25 11.55
C SER A 77 36.78 50.17 12.25
N GLY A 78 35.83 49.61 11.54
CA GLY A 78 35.02 48.54 12.10
C GLY A 78 34.27 49.02 13.34
N SER A 79 34.50 48.33 14.45
CA SER A 79 33.82 48.67 15.69
C SER A 79 34.19 50.09 16.13
N VAL A 80 33.30 50.68 16.93
CA VAL A 80 33.49 52.05 17.42
C VAL A 80 34.26 52.08 18.74
N ARG A 81 34.51 50.94 19.35
CA ARG A 81 35.15 50.89 20.66
C ARG A 81 36.67 51.02 20.51
N SER A 82 37.27 51.82 21.38
CA SER A 82 38.71 51.89 21.44
C SER A 82 39.27 50.53 21.84
N PRO A 83 40.47 50.15 21.38
CA PRO A 83 41.35 50.94 20.52
C PRO A 83 40.98 50.84 19.03
N LYS A 84 41.40 51.81 18.24
CA LYS A 84 41.17 51.80 16.80
C LYS A 84 42.43 51.35 16.08
N ASP A 85 42.25 50.56 15.04
CA ASP A 85 43.36 49.98 14.28
C ASP A 85 43.40 50.57 12.88
N LEU A 86 44.58 50.98 12.43
CA LEU A 86 44.82 51.49 11.10
C LEU A 86 45.94 50.70 10.44
N THR A 87 46.11 50.90 9.14
CA THR A 87 47.12 50.18 8.38
C THR A 87 47.61 51.04 7.23
N LEU A 88 48.91 50.99 6.98
CA LEU A 88 49.55 51.79 5.94
C LEU A 88 50.48 50.91 5.13
N LYS A 89 51.08 51.49 4.09
CA LYS A 89 52.00 50.76 3.23
C LYS A 89 53.14 51.67 2.80
N VAL A 90 54.26 51.04 2.45
CA VAL A 90 55.51 51.75 2.19
C VAL A 90 56.33 50.95 1.19
N GLY A 91 57.06 51.65 0.35
CA GLY A 91 58.03 51.04 -0.52
C GLY A 91 59.28 51.89 -0.61
N VAL A 92 60.35 51.26 -1.09
CA VAL A 92 61.64 51.93 -1.22
C VAL A 92 62.30 51.47 -2.51
N SER A 93 62.49 52.39 -3.44
CA SER A 93 63.27 52.17 -4.65
C SER A 93 64.52 53.03 -4.61
N SER A 94 65.38 52.85 -5.61
CA SER A 94 66.64 53.59 -5.67
C SER A 94 66.51 54.91 -6.42
N THR A 95 65.36 55.18 -7.03
CA THR A 95 65.14 56.38 -7.82
C THR A 95 63.76 56.95 -7.53
N PRO A 96 63.51 58.21 -7.87
CA PRO A 96 62.22 58.83 -7.58
C PRO A 96 61.08 58.01 -8.16
N PRO A 97 60.21 57.45 -7.31
CA PRO A 97 59.11 56.62 -7.82
C PRO A 97 57.81 57.37 -7.99
N MET A 98 56.97 56.89 -8.92
CA MET A 98 55.69 57.50 -9.23
C MET A 98 54.59 56.87 -8.36
N LYS A 99 53.35 57.37 -8.50
CA LYS A 99 52.21 56.71 -7.88
C LYS A 99 52.15 55.23 -8.27
N VAL A 100 52.40 54.92 -9.54
CA VAL A 100 52.27 53.56 -10.04
C VAL A 100 53.43 52.66 -9.63
N MET A 101 54.49 53.22 -9.07
CA MET A 101 55.73 52.47 -8.89
C MET A 101 55.66 51.40 -7.82
N CYS A 102 54.73 51.51 -6.85
CA CYS A 102 54.77 50.65 -5.68
C CYS A 102 53.67 49.59 -5.64
N THR A 103 52.61 49.74 -6.43
CA THR A 103 51.66 48.66 -6.56
C THR A 103 52.27 47.43 -7.24
N ILE A 104 53.46 47.60 -7.81
CA ILE A 104 54.16 46.50 -8.47
C ILE A 104 55.17 45.83 -7.55
N LEU A 105 55.82 46.59 -6.67
CA LEU A 105 56.91 46.09 -5.84
C LEU A 105 56.38 45.49 -4.54
N PRO A 106 57.16 44.62 -3.89
CA PRO A 106 56.74 44.09 -2.59
C PRO A 106 56.89 45.14 -1.51
N THR A 107 55.88 45.23 -0.65
CA THR A 107 55.79 46.26 0.39
C THR A 107 55.62 45.60 1.75
N VAL A 108 55.45 46.45 2.77
CA VAL A 108 55.25 45.99 4.14
C VAL A 108 54.09 46.78 4.74
N GLU A 109 53.51 46.20 5.78
CA GLU A 109 52.37 46.77 6.47
C GLU A 109 52.82 47.44 7.76
N VAL A 110 52.17 48.55 8.10
CA VAL A 110 52.41 49.26 9.35
C VAL A 110 51.09 49.31 10.11
N LYS A 111 51.07 48.70 11.29
CA LYS A 111 49.86 48.58 12.10
C LYS A 111 50.05 49.41 13.37
N LEU A 112 49.36 50.54 13.44
CA LEU A 112 49.44 51.46 14.57
C LEU A 112 48.09 51.55 15.26
N SER A 113 48.10 51.47 16.59
CA SER A 113 46.88 51.55 17.38
C SER A 113 46.65 52.98 17.86
N PHE A 114 45.40 53.43 17.78
CA PHE A 114 45.02 54.79 18.12
C PHE A 114 44.18 54.78 19.39
N ILE A 115 44.56 55.62 20.35
CA ILE A 115 43.81 55.81 21.58
C ILE A 115 43.64 57.31 21.81
N ASN A 116 42.46 57.69 22.29
CA ASN A 116 42.09 59.09 22.48
C ASN A 116 42.49 59.60 23.87
N ASP A 117 43.77 59.41 24.21
CA ASP A 117 44.33 59.86 25.48
C ASP A 117 45.61 60.65 25.20
N THR A 118 46.12 61.29 26.25
CA THR A 118 47.34 62.08 26.17
C THR A 118 48.49 61.32 26.83
N ALA A 119 49.64 61.97 26.91
CA ALA A 119 50.82 61.33 27.44
C ALA A 119 50.60 60.96 28.92
N PRO A 120 51.05 59.79 29.35
CA PRO A 120 50.73 59.30 30.69
C PRO A 120 51.73 59.75 31.75
N SER A 121 51.46 59.46 33.03
CA SER A 121 52.41 59.75 34.07
C SER A 121 53.43 58.63 33.86
N CYS A 122 54.71 58.97 33.68
CA CYS A 122 55.72 57.93 33.40
C CYS A 122 56.33 57.24 34.61
N GLY A 123 55.93 57.61 35.82
CA GLY A 123 56.42 56.96 37.02
C GLY A 123 55.53 55.80 37.49
N GLN A 124 54.42 55.56 36.79
CA GLN A 124 53.48 54.50 37.14
C GLN A 124 53.72 53.22 36.36
N VAL A 125 54.73 53.18 35.48
CA VAL A 125 54.94 52.05 34.59
C VAL A 125 55.58 50.89 35.35
N GLU A 126 55.56 49.71 34.75
CA GLU A 126 56.15 48.51 35.31
C GLU A 126 57.47 48.19 34.60
N LEU A 127 58.33 47.45 35.29
CA LEU A 127 59.64 47.12 34.74
C LEU A 127 59.54 46.25 33.50
N SER A 128 58.60 45.30 33.49
CA SER A 128 58.53 44.34 32.40
C SER A 128 58.18 45.01 31.08
N THR A 129 57.42 46.09 31.11
CA THR A 129 56.94 46.77 29.91
C THR A 129 57.82 47.97 29.55
N LEU A 130 58.95 48.13 30.24
CA LEU A 130 59.74 49.35 30.13
C LEU A 130 60.47 49.44 28.79
N CYS A 131 61.17 48.36 28.41
CA CYS A 131 62.05 48.41 27.24
C CYS A 131 61.62 47.48 26.10
N PHE A 132 60.61 46.64 26.30
CA PHE A 132 60.24 45.65 25.29
C PHE A 132 58.73 45.52 25.20
N PRO A 133 58.22 45.06 24.04
CA PRO A 133 56.76 44.98 23.86
C PRO A 133 56.15 43.79 24.57
N GLU A 134 54.84 43.59 24.35
CA GLU A 134 54.15 42.44 24.93
C GLU A 134 54.50 41.17 24.16
N LYS A 135 54.24 41.17 22.85
CA LYS A 135 54.65 40.07 21.98
C LYS A 135 55.67 40.59 20.97
N ILE A 136 56.51 39.67 20.49
CA ILE A 136 57.63 40.02 19.62
C ILE A 136 57.63 39.11 18.40
N SER A 137 58.28 39.59 17.34
CA SER A 137 58.46 38.83 16.10
C SER A 137 59.93 38.43 15.98
N ASN A 138 60.16 37.30 15.29
CA ASN A 138 61.51 36.81 15.08
C ASN A 138 61.94 37.14 13.65
N PRO A 139 62.90 38.06 13.46
CA PRO A 139 63.36 38.34 12.09
C PRO A 139 64.18 37.19 11.52
N HIS A 140 64.68 37.36 10.30
CA HIS A 140 65.38 36.30 9.59
C HIS A 140 66.60 36.85 8.89
N ILE A 141 67.53 35.95 8.57
CA ILE A 141 68.75 36.32 7.85
C ILE A 141 69.08 35.22 6.84
N THR A 142 69.86 35.60 5.83
CA THR A 142 70.23 34.73 4.73
C THR A 142 71.70 34.33 4.82
N GLU A 143 71.98 33.06 4.56
CA GLU A 143 73.34 32.55 4.67
C GLU A 143 74.21 33.05 3.51
N ASN A 144 75.49 33.23 3.81
CA ASN A 144 76.51 33.56 2.80
C ASN A 144 76.16 34.86 2.09
N ARG A 145 76.01 35.93 2.87
CA ARG A 145 75.64 37.21 2.32
C ARG A 145 76.20 38.34 3.18
N GLU A 146 76.31 39.51 2.57
CA GLU A 146 76.93 40.66 3.22
C GLU A 146 76.15 41.05 4.47
N PRO A 147 76.83 41.51 5.54
CA PRO A 147 76.11 41.87 6.77
C PRO A 147 75.58 43.31 6.77
N GLY A 148 74.96 43.70 7.87
CA GLY A 148 74.43 45.04 7.99
C GLY A 148 73.68 45.21 9.30
N ALA A 149 73.03 46.37 9.44
CA ALA A 149 72.23 46.68 10.62
C ALA A 149 70.85 46.05 10.50
N LEU A 150 70.38 45.44 11.59
CA LEU A 150 69.22 44.56 11.55
C LEU A 150 67.93 45.22 12.02
N ARG A 151 67.90 45.67 13.29
CA ARG A 151 66.63 46.10 13.88
C ARG A 151 66.87 47.28 14.80
N GLN A 152 65.81 48.05 15.03
CA GLN A 152 65.78 49.12 16.00
C GLN A 152 65.16 48.63 17.31
N LEU A 153 65.66 49.17 18.43
CA LEU A 153 65.21 48.74 19.76
C LEU A 153 64.87 49.90 20.70
N ARG A 154 64.59 51.09 20.16
CA ARG A 154 64.09 52.20 20.98
C ARG A 154 62.58 52.29 20.82
N ARG A 155 61.88 52.38 21.93
CA ARG A 155 60.43 52.52 21.92
C ARG A 155 60.08 53.99 22.14
N PHE A 156 59.48 54.62 21.13
CA PHE A 156 59.29 56.05 21.18
C PHE A 156 58.14 56.45 22.10
N THR A 157 57.32 55.50 22.54
CA THR A 157 56.29 55.81 23.53
C THR A 157 56.91 56.05 24.90
N HIS A 158 57.82 55.17 25.31
CA HIS A 158 58.46 55.30 26.61
C HIS A 158 59.69 56.20 26.61
N MET A 159 60.14 56.60 25.41
CA MET A 159 61.30 57.46 25.30
C MET A 159 60.97 58.95 25.16
N SER A 160 59.74 59.27 24.75
CA SER A 160 59.34 60.66 24.57
C SER A 160 58.49 61.22 25.71
N ILE A 161 58.02 60.36 26.61
CA ILE A 161 57.20 60.81 27.73
C ILE A 161 58.01 61.14 28.98
N CYS A 162 59.17 60.48 29.12
CA CYS A 162 60.03 60.69 30.27
C CYS A 162 61.48 60.72 29.79
N PRO A 163 61.92 61.88 29.24
CA PRO A 163 63.31 61.97 28.75
C PRO A 163 64.31 62.57 29.74
N ASN A 164 64.37 62.07 30.96
CA ASN A 164 65.31 62.58 31.95
C ASN A 164 66.54 61.67 32.14
N TYR A 165 66.53 60.52 31.48
CA TYR A 165 67.65 59.57 31.61
C TYR A 165 68.00 58.97 30.25
N THR A 166 69.16 58.31 30.19
CA THR A 166 69.64 57.67 28.98
C THR A 166 69.62 56.15 29.16
N ILE A 167 69.42 55.43 28.06
CA ILE A 167 69.32 53.98 28.08
C ILE A 167 70.24 53.41 27.02
N SER A 168 70.78 52.22 27.29
CA SER A 168 71.55 51.45 26.33
C SER A 168 71.13 49.99 26.44
N TYR A 169 71.79 49.12 25.69
CA TYR A 169 71.43 47.71 25.64
C TYR A 169 72.70 46.87 25.62
N GLY A 170 72.52 45.55 25.55
CA GLY A 170 73.64 44.66 25.42
C GLY A 170 73.21 43.23 25.16
N VAL A 171 74.07 42.47 24.48
CA VAL A 171 73.85 41.05 24.28
C VAL A 171 74.44 40.31 25.48
N VAL A 172 73.63 39.47 26.12
CA VAL A 172 73.99 38.86 27.39
C VAL A 172 73.94 37.35 27.27
N ALA A 173 74.79 36.68 28.05
CA ALA A 173 74.82 35.23 28.12
C ALA A 173 75.03 34.61 26.73
N GLY A 174 76.17 34.96 26.15
CA GLY A 174 76.51 34.48 24.83
C GLY A 174 77.88 33.82 24.77
N SER A 175 77.93 32.59 24.26
CA SER A 175 79.19 31.86 24.11
C SER A 175 79.83 32.18 22.76
N SER A 176 80.18 33.45 22.60
CA SER A 176 80.84 33.96 21.39
C SER A 176 79.96 33.74 20.16
N VAL A 177 78.77 34.34 20.20
CA VAL A 177 77.83 34.27 19.08
C VAL A 177 78.04 35.51 18.22
N PRO A 178 77.97 35.39 16.88
CA PRO A 178 78.28 36.55 16.01
C PRO A 178 77.17 37.58 15.96
N PHE A 179 77.04 38.34 17.03
CA PHE A 179 76.15 39.50 17.08
C PHE A 179 76.83 40.60 17.89
N ALA A 180 76.27 41.79 17.83
CA ALA A 180 76.87 42.94 18.50
C ALA A 180 75.76 43.95 18.80
N VAL A 181 76.18 45.11 19.30
CA VAL A 181 75.26 46.20 19.60
C VAL A 181 76.00 47.52 19.34
N ASP A 182 75.35 48.47 18.70
CA ASP A 182 76.02 49.75 18.51
C ASP A 182 75.59 50.65 19.68
N ASP A 183 76.27 51.77 19.83
CA ASP A 183 75.98 52.76 20.87
C ASP A 183 75.56 54.09 20.28
N SER A 184 76.05 54.42 19.08
CA SER A 184 75.62 55.65 18.42
C SER A 184 74.12 55.62 18.14
N THR A 185 73.65 54.54 17.51
CA THR A 185 72.25 54.36 17.21
C THR A 185 71.66 53.12 17.86
N SER A 186 72.36 52.50 18.82
CA SER A 186 71.82 51.41 19.62
C SER A 186 71.00 50.43 18.78
N GLU A 187 71.59 50.01 17.66
CA GLU A 187 70.97 49.08 16.74
C GLU A 187 71.62 47.71 16.88
N LEU A 188 70.81 46.66 16.79
CA LEU A 188 71.36 45.31 16.78
C LEU A 188 71.96 45.02 15.41
N VAL A 189 73.21 44.60 15.39
CA VAL A 189 73.95 44.41 14.15
C VAL A 189 74.58 43.01 14.15
N VAL A 190 74.84 42.51 12.94
CA VAL A 190 75.49 41.22 12.76
C VAL A 190 76.96 41.45 12.51
N THR A 191 77.79 40.60 13.11
CA THR A 191 79.24 40.81 13.07
C THR A 191 79.80 40.59 11.66
N ALA A 192 79.44 39.47 11.03
CA ALA A 192 79.99 39.14 9.73
C ALA A 192 79.13 38.03 9.10
N GLN A 193 79.62 37.49 7.99
CA GLN A 193 78.86 36.48 7.25
C GLN A 193 78.73 35.21 8.09
N VAL A 194 77.85 34.32 7.61
CA VAL A 194 77.55 33.07 8.30
C VAL A 194 77.25 32.00 7.26
N ASP A 195 77.36 30.74 7.69
CA ASP A 195 77.00 29.59 6.87
C ASP A 195 75.92 28.81 7.60
N ARG A 196 74.74 28.70 6.98
CA ARG A 196 73.64 27.97 7.60
C ARG A 196 74.03 26.52 7.85
N GLU A 197 74.91 25.96 7.02
CA GLU A 197 75.28 24.56 7.18
C GLU A 197 76.06 24.32 8.46
N GLU A 198 76.52 25.37 9.13
CA GLU A 198 77.21 25.28 10.41
C GLU A 198 76.26 25.39 11.59
N LYS A 199 75.50 26.47 11.67
CA LYS A 199 74.57 26.72 12.77
C LYS A 199 73.21 27.09 12.19
N GLU A 200 72.16 26.50 12.76
CA GLU A 200 70.80 26.68 12.24
C GLU A 200 69.98 27.68 13.03
N VAL A 201 70.14 27.72 14.35
CA VAL A 201 69.35 28.59 15.22
C VAL A 201 70.30 29.36 16.14
N TYR A 202 69.81 30.51 16.61
CA TYR A 202 70.57 31.38 17.51
C TYR A 202 69.68 31.80 18.68
N HIS A 203 69.74 31.04 19.77
CA HIS A 203 69.09 31.47 21.00
C HIS A 203 69.84 32.65 21.59
N LEU A 204 69.09 33.68 22.00
CA LEU A 204 69.67 34.92 22.47
C LEU A 204 69.09 35.28 23.83
N ASP A 205 69.69 36.30 24.45
CA ASP A 205 69.24 36.81 25.74
C ASP A 205 69.70 38.25 25.83
N ILE A 206 68.77 39.20 25.69
CA ILE A 206 69.10 40.61 25.57
C ILE A 206 68.63 41.34 26.82
N VAL A 207 69.29 42.46 27.10
CA VAL A 207 69.10 43.20 28.35
C VAL A 207 68.91 44.68 28.05
N CYS A 208 68.24 45.37 28.97
CA CYS A 208 68.09 46.81 28.92
C CYS A 208 69.00 47.44 29.98
N MET A 209 69.90 48.32 29.55
CA MET A 209 70.79 49.05 30.45
C MET A 209 70.20 50.42 30.71
N VAL A 210 69.63 50.57 31.90
CA VAL A 210 69.01 51.82 32.33
C VAL A 210 69.82 52.40 33.48
N ARG A 211 69.90 53.72 33.52
CA ARG A 211 70.59 54.44 34.59
C ARG A 211 69.54 55.00 35.54
N THR A 212 69.54 54.51 36.78
CA THR A 212 68.56 54.90 37.78
C THR A 212 69.27 55.22 39.09
N GLU A 213 68.70 56.17 39.83
CA GLU A 213 69.32 56.61 41.06
C GLU A 213 69.31 55.52 42.13
N ARG A 214 68.19 54.80 42.26
CA ARG A 214 68.11 53.74 43.27
C ARG A 214 69.18 52.67 43.04
N ASN A 215 69.27 52.17 41.81
CA ASN A 215 70.25 51.16 41.46
C ASN A 215 70.17 50.93 39.96
N LEU A 216 71.26 50.43 39.39
CA LEU A 216 71.30 50.14 37.96
C LEU A 216 70.30 49.04 37.64
N GLU A 217 69.36 49.35 36.75
CA GLU A 217 68.26 48.45 36.43
C GLU A 217 68.62 47.64 35.18
N GLU A 218 68.61 46.31 35.32
CA GLU A 218 68.84 45.39 34.21
C GLU A 218 67.64 44.47 34.09
N VAL A 219 67.08 44.39 32.89
CA VAL A 219 65.93 43.54 32.60
C VAL A 219 66.26 42.66 31.40
N PHE A 220 65.94 41.38 31.51
CA PHE A 220 66.38 40.37 30.55
C PHE A 220 65.18 39.91 29.73
N ARG A 221 65.32 39.95 28.40
CA ARG A 221 64.36 39.37 27.48
C ARG A 221 65.10 38.42 26.54
N SER A 222 64.33 37.58 25.85
CA SER A 222 64.89 36.52 25.02
C SER A 222 64.23 36.51 23.64
N LEU A 223 64.98 35.99 22.67
CA LEU A 223 64.50 35.82 21.30
C LEU A 223 65.49 34.92 20.58
N HIS A 224 65.17 34.57 19.35
CA HIS A 224 66.08 33.78 18.52
C HIS A 224 65.81 34.07 17.05
N VAL A 225 66.90 34.24 16.29
CA VAL A 225 66.82 34.58 14.88
C VAL A 225 66.90 33.30 14.05
N ASN A 226 66.40 33.38 12.82
CA ASN A 226 66.36 32.24 11.91
C ASN A 226 67.26 32.49 10.71
N ILE A 227 67.64 31.41 10.06
CA ILE A 227 68.58 31.44 8.93
C ILE A 227 67.85 31.00 7.67
N TYR A 228 68.23 31.62 6.55
CA TYR A 228 67.64 31.34 5.25
C TYR A 228 68.69 30.66 4.37
N ASP A 229 68.37 29.47 3.87
CA ASP A 229 69.31 28.71 3.06
C ASP A 229 69.25 29.14 1.60
N GLU A 230 70.43 29.33 1.02
CA GLU A 230 70.59 29.41 -0.42
C GLU A 230 71.33 28.16 -0.89
N ASP A 231 71.04 27.72 -2.11
CA ASP A 231 71.56 26.45 -2.67
C ASP A 231 73.05 26.58 -2.96
N ASP A 232 73.91 26.50 -1.93
CA ASP A 232 75.36 26.54 -2.12
C ASP A 232 75.98 25.17 -1.91
N ASN A 233 75.18 24.10 -1.95
CA ASN A 233 75.66 22.74 -1.73
C ASN A 233 75.16 21.84 -2.84
N SER A 234 76.10 21.20 -3.54
CA SER A 234 75.82 20.20 -4.53
C SER A 234 75.66 18.83 -3.87
N PRO A 235 75.04 17.88 -4.54
CA PRO A 235 74.74 16.59 -3.91
C PRO A 235 75.97 15.69 -3.90
N TYR A 236 75.82 14.56 -3.23
CA TYR A 236 76.88 13.55 -3.18
C TYR A 236 76.20 12.18 -3.12
N VAL A 237 76.97 11.16 -2.72
CA VAL A 237 76.45 9.81 -2.64
C VAL A 237 77.13 9.07 -1.49
N ASN A 238 76.39 8.13 -0.90
CA ASN A 238 76.94 7.15 0.03
C ASN A 238 76.85 5.78 -0.64
N GLY A 239 77.96 5.05 -0.60
CA GLY A 239 77.96 3.70 -1.16
C GLY A 239 78.32 3.75 -2.64
N THR A 240 77.52 3.08 -3.46
CA THR A 240 77.74 2.97 -4.89
C THR A 240 76.61 3.67 -5.65
N ASP A 241 76.74 3.67 -6.97
CA ASP A 241 75.74 4.24 -7.87
C ASP A 241 75.21 3.16 -8.82
N THR A 242 75.02 1.95 -8.29
CA THR A 242 74.56 0.83 -9.10
C THR A 242 73.61 -0.03 -8.27
N GLU A 243 72.74 -0.76 -8.97
CA GLU A 243 71.75 -1.61 -8.33
C GLU A 243 71.49 -2.82 -9.21
N ASP A 244 71.16 -3.93 -8.57
CA ASP A 244 70.85 -5.17 -9.27
C ASP A 244 69.35 -5.31 -9.44
N VAL A 245 68.93 -5.66 -10.64
CA VAL A 245 67.51 -5.80 -10.99
C VAL A 245 67.31 -7.18 -11.62
N LEU A 246 66.16 -7.78 -11.34
CA LEU A 246 65.82 -9.09 -11.88
C LEU A 246 64.34 -9.15 -12.24
N VAL A 247 64.05 -9.78 -13.38
CA VAL A 247 62.68 -9.91 -13.87
C VAL A 247 62.43 -11.33 -14.34
N GLU A 248 61.87 -12.18 -13.48
CA GLU A 248 61.62 -13.58 -13.84
C GLU A 248 60.15 -13.94 -13.82
N PHE A 249 59.46 -13.75 -12.68
CA PHE A 249 58.09 -14.20 -12.53
C PHE A 249 57.12 -13.08 -12.22
N ASP A 250 57.61 -11.86 -11.97
CA ASP A 250 56.77 -10.68 -11.74
C ASP A 250 56.91 -9.78 -12.96
N ARG A 251 55.90 -9.78 -13.82
CA ARG A 251 55.91 -8.96 -15.03
C ARG A 251 54.71 -8.02 -15.10
N SER A 252 53.94 -7.92 -14.02
CA SER A 252 52.83 -6.99 -13.97
C SER A 252 53.33 -5.55 -13.91
N GLU A 253 52.49 -4.63 -14.37
CA GLU A 253 52.87 -3.23 -14.43
C GLU A 253 52.78 -2.59 -13.06
N GLY A 254 53.63 -1.60 -12.82
CA GLY A 254 53.63 -0.91 -11.55
C GLY A 254 54.38 -1.61 -10.45
N THR A 255 55.18 -2.62 -10.78
CA THR A 255 56.01 -3.31 -9.80
C THR A 255 57.39 -2.68 -9.77
N VAL A 256 58.05 -2.74 -8.62
CA VAL A 256 59.28 -2.02 -8.37
C VAL A 256 60.34 -2.99 -7.87
N PHE A 257 61.58 -2.78 -8.32
CA PHE A 257 62.71 -3.62 -7.94
C PHE A 257 63.83 -2.83 -7.28
N GLY A 258 64.23 -1.68 -7.84
CA GLY A 258 65.45 -1.03 -7.44
C GLY A 258 65.27 0.01 -6.35
N THR A 259 66.40 0.43 -5.80
CA THR A 259 66.44 1.45 -4.75
C THR A 259 67.75 2.20 -4.85
N LEU A 260 67.68 3.49 -5.19
CA LEU A 260 68.84 4.36 -5.25
C LEU A 260 68.52 5.67 -4.56
N PHE A 261 69.51 6.25 -3.89
CA PHE A 261 69.34 7.49 -3.16
C PHE A 261 70.37 8.52 -3.59
N VAL A 262 70.15 9.75 -3.13
CA VAL A 262 71.05 10.88 -3.32
C VAL A 262 70.83 11.82 -2.14
N TYR A 263 71.76 12.75 -1.94
CA TYR A 263 71.65 13.68 -0.83
C TYR A 263 72.06 15.08 -1.27
N ASP A 264 71.28 16.07 -0.85
CA ASP A 264 71.57 17.48 -1.07
C ASP A 264 71.55 18.17 0.29
N ARG A 265 72.62 18.89 0.61
CA ARG A 265 72.71 19.52 1.93
C ARG A 265 71.74 20.67 2.08
N ASP A 266 71.09 21.08 0.99
CA ASP A 266 70.17 22.20 1.02
C ASP A 266 68.82 21.74 1.56
N THR A 267 67.83 22.62 1.53
CA THR A 267 66.47 22.32 1.93
C THR A 267 65.52 22.52 0.76
N THR A 268 64.49 21.67 0.71
CA THR A 268 63.55 21.65 -0.41
C THR A 268 62.16 22.04 0.08
N PRO A 269 61.76 23.31 -0.01
CA PRO A 269 60.41 23.68 0.41
C PRO A 269 59.38 22.95 -0.43
N VAL A 270 58.31 22.51 0.20
CA VAL A 270 57.22 21.87 -0.54
C VAL A 270 56.21 22.91 -1.02
N TYR A 271 56.08 24.01 -0.29
CA TYR A 271 55.14 25.07 -0.59
C TYR A 271 55.87 26.40 -0.67
N PRO A 272 55.56 27.25 -1.66
CA PRO A 272 54.64 27.06 -2.78
C PRO A 272 55.14 26.05 -3.80
N THR A 273 54.21 25.50 -4.59
CA THR A 273 54.50 24.43 -5.53
C THR A 273 55.04 24.95 -6.87
N ASN A 274 55.03 26.26 -7.09
CA ASN A 274 55.52 26.81 -8.34
C ASN A 274 56.99 27.25 -8.26
N GLN A 275 57.74 26.58 -7.39
CA GLN A 275 59.15 26.89 -7.20
C GLN A 275 60.04 25.87 -7.91
N VAL A 276 61.35 26.09 -7.80
CA VAL A 276 62.34 25.25 -8.46
C VAL A 276 63.50 24.86 -7.54
N GLN A 277 63.51 25.33 -6.29
CA GLN A 277 64.69 25.18 -5.45
C GLN A 277 64.91 23.73 -5.05
N ASN A 278 66.15 23.27 -5.21
CA ASN A 278 66.59 21.93 -4.81
C ASN A 278 65.58 20.86 -5.19
N LYS A 279 64.91 21.04 -6.32
CA LYS A 279 64.03 20.04 -6.90
C LYS A 279 64.76 19.41 -8.07
N LEU A 280 64.96 18.10 -8.02
CA LEU A 280 65.81 17.41 -8.98
C LEU A 280 64.99 16.95 -10.18
N VAL A 281 65.45 17.33 -11.36
CA VAL A 281 64.88 16.86 -12.62
C VAL A 281 65.79 15.76 -13.16
N GLY A 282 65.20 14.62 -13.50
CA GLY A 282 65.93 13.49 -14.04
C GLY A 282 65.60 13.28 -15.50
N THR A 283 66.65 13.09 -16.31
CA THR A 283 66.52 12.85 -17.74
C THR A 283 67.16 11.52 -18.11
N LEU A 284 66.51 10.79 -19.01
CA LEU A 284 67.06 9.57 -19.57
C LEU A 284 67.74 9.86 -20.89
N MET A 285 68.74 9.05 -21.24
CA MET A 285 69.42 9.15 -22.52
C MET A 285 69.44 7.81 -23.25
N THR A 286 68.32 7.12 -23.24
CA THR A 286 68.14 5.89 -24.01
C THR A 286 67.09 6.12 -25.09
N ASN A 287 67.36 5.58 -26.28
CA ASN A 287 66.47 5.75 -27.42
C ASN A 287 65.70 4.50 -27.79
N ASP A 288 66.03 3.35 -27.20
CA ASP A 288 65.28 2.13 -27.48
C ASP A 288 63.81 2.33 -27.16
N SER A 289 62.95 2.02 -28.13
CA SER A 289 61.52 2.19 -27.94
C SER A 289 60.95 1.12 -27.03
N TRP A 290 61.42 -0.11 -27.16
CA TRP A 290 60.92 -1.21 -26.32
C TRP A 290 61.17 -0.92 -24.86
N ILE A 291 62.42 -0.62 -24.50
CA ILE A 291 62.77 -0.40 -23.10
C ILE A 291 62.04 0.84 -22.59
N LYS A 292 62.14 1.95 -23.32
CA LYS A 292 61.55 3.20 -22.86
C LYS A 292 60.03 3.07 -22.72
N ASN A 293 59.39 2.42 -23.69
CA ASN A 293 57.95 2.25 -23.64
C ASN A 293 57.51 1.23 -22.59
N ASN A 294 58.45 0.43 -22.07
CA ASN A 294 58.10 -0.65 -21.16
C ASN A 294 58.49 -0.38 -19.72
N PHE A 295 59.43 0.53 -19.46
CA PHE A 295 59.98 0.72 -18.13
C PHE A 295 59.65 2.11 -17.59
N ALA A 296 59.60 2.21 -16.27
CA ALA A 296 59.16 3.41 -15.58
C ALA A 296 60.12 3.76 -14.46
N ILE A 297 60.21 5.06 -14.17
CA ILE A 297 61.04 5.57 -13.08
C ILE A 297 60.13 6.24 -12.06
N GLU A 298 60.55 6.21 -10.80
CA GLU A 298 59.82 6.81 -9.69
C GLU A 298 60.68 7.83 -8.96
N HIS A 299 60.04 8.92 -8.52
CA HIS A 299 60.70 9.99 -7.78
C HIS A 299 59.91 10.26 -6.51
N LYS A 300 60.62 10.40 -5.39
CA LYS A 300 60.00 10.63 -4.10
C LYS A 300 61.07 11.15 -3.14
N PHE A 301 60.85 12.33 -2.56
CA PHE A 301 61.87 12.98 -1.75
C PHE A 301 61.29 13.48 -0.45
N ARG A 302 62.02 13.25 0.63
CA ARG A 302 61.73 13.72 1.96
C ARG A 302 62.95 14.52 2.46
N GLU A 303 62.92 14.89 3.73
CA GLU A 303 64.04 15.60 4.34
C GLU A 303 64.37 14.96 5.68
N GLU A 304 65.66 14.94 6.01
CA GLU A 304 66.15 14.32 7.23
C GLU A 304 66.97 15.33 8.01
N LYS A 305 67.21 15.02 9.28
CA LYS A 305 67.87 15.92 10.20
C LYS A 305 68.97 15.25 11.03
N ALA A 306 69.13 13.94 10.93
CA ALA A 306 69.97 13.18 11.87
C ALA A 306 71.29 12.72 11.28
N ILE A 307 71.64 13.15 10.06
CA ILE A 307 72.86 12.68 9.42
C ILE A 307 73.67 13.84 8.87
N PHE A 308 73.36 15.05 9.30
CA PHE A 308 74.07 16.24 8.88
C PHE A 308 74.46 17.08 10.07
N GLY A 309 74.91 16.43 11.15
CA GLY A 309 75.18 17.13 12.38
C GLY A 309 73.94 17.71 13.03
N ASN A 310 72.85 16.94 13.05
CA ASN A 310 71.59 17.41 13.61
C ASN A 310 71.06 18.64 12.88
N VAL A 311 71.34 18.72 11.58
CA VAL A 311 70.89 19.83 10.74
C VAL A 311 69.91 19.30 9.73
N ARG A 312 68.94 20.15 9.36
CA ARG A 312 67.87 19.75 8.46
C ARG A 312 68.43 19.63 7.05
N GLY A 313 68.39 18.41 6.51
CA GLY A 313 68.93 18.15 5.19
C GLY A 313 67.92 17.41 4.34
N THR A 314 68.15 17.49 3.03
CA THR A 314 67.26 16.91 2.04
C THR A 314 67.80 15.57 1.56
N VAL A 315 66.89 14.67 1.19
CA VAL A 315 67.27 13.37 0.65
C VAL A 315 66.30 12.98 -0.47
N HIS A 316 66.81 12.98 -1.71
CA HIS A 316 66.03 12.45 -2.81
C HIS A 316 66.10 10.92 -2.83
N GLU A 317 65.23 10.32 -3.64
CA GLU A 317 65.19 8.87 -3.80
C GLU A 317 64.75 8.55 -5.21
N TYR A 318 65.15 7.37 -5.68
CA TYR A 318 64.81 6.90 -7.02
C TYR A 318 64.73 5.39 -7.01
N LYS A 319 63.72 4.85 -7.69
CA LYS A 319 63.51 3.42 -7.75
C LYS A 319 62.93 3.05 -9.12
N LEU A 320 63.10 1.79 -9.49
CA LEU A 320 62.70 1.30 -10.80
C LEU A 320 61.28 0.78 -10.79
N LYS A 321 60.62 0.86 -11.94
CA LYS A 321 59.26 0.36 -12.07
C LYS A 321 58.95 0.06 -13.53
N LEU A 322 57.97 -0.80 -13.74
CA LEU A 322 57.51 -1.16 -15.06
C LEU A 322 56.36 -0.26 -15.50
N SER A 323 56.14 -0.22 -16.82
CA SER A 323 55.09 0.60 -17.41
C SER A 323 53.87 -0.23 -17.78
N GLN A 324 54.04 -1.26 -18.61
CA GLN A 324 52.95 -2.10 -19.08
C GLN A 324 53.28 -3.56 -18.82
N ASN A 325 52.29 -4.42 -19.03
CA ASN A 325 52.37 -5.81 -18.62
C ASN A 325 52.95 -6.66 -19.74
N LEU A 326 54.04 -7.35 -19.42
CA LEU A 326 55.04 -7.80 -20.37
C LEU A 326 54.79 -9.25 -20.80
N SER A 327 55.40 -9.62 -21.92
CA SER A 327 55.26 -10.94 -22.49
C SER A 327 56.10 -11.96 -21.72
N VAL A 328 55.95 -13.23 -22.10
CA VAL A 328 56.61 -14.34 -21.42
C VAL A 328 57.70 -14.98 -22.26
N THR A 329 57.97 -14.47 -23.46
CA THR A 329 58.89 -15.09 -24.39
C THR A 329 60.04 -14.15 -24.76
N GLU A 330 60.36 -13.19 -23.91
CA GLU A 330 61.41 -12.22 -24.18
C GLU A 330 62.61 -12.47 -23.29
N GLN A 331 63.75 -11.93 -23.72
CA GLN A 331 64.99 -12.06 -22.97
C GLN A 331 65.94 -10.96 -23.41
N ARG A 332 66.34 -10.11 -22.46
CA ARG A 332 67.25 -9.02 -22.76
C ARG A 332 68.08 -8.71 -21.52
N SER A 333 69.25 -8.13 -21.76
CA SER A 333 70.15 -7.71 -20.69
C SER A 333 70.88 -6.47 -21.15
N PHE A 334 70.90 -5.45 -20.29
CA PHE A 334 71.41 -4.14 -20.67
C PHE A 334 71.66 -3.33 -19.41
N LEU A 335 72.11 -2.09 -19.60
CA LEU A 335 72.36 -1.16 -18.51
C LEU A 335 71.61 0.13 -18.80
N LEU A 336 70.81 0.58 -17.83
CA LEU A 336 70.12 1.85 -17.92
C LEU A 336 70.85 2.90 -17.10
N GLY A 337 71.09 4.05 -17.72
CA GLY A 337 71.77 5.14 -17.05
C GLY A 337 70.84 6.34 -16.94
N TYR A 338 70.57 6.79 -15.72
CA TYR A 338 69.59 7.85 -15.49
C TYR A 338 70.26 8.99 -14.74
N LEU A 339 70.18 10.18 -15.31
CA LEU A 339 70.94 11.34 -14.86
C LEU A 339 70.06 12.25 -14.01
N VAL A 340 70.72 13.11 -13.23
CA VAL A 340 70.05 14.06 -12.35
C VAL A 340 70.83 15.36 -12.37
N ASN A 341 70.13 16.48 -12.28
CA ASN A 341 70.77 17.80 -12.35
C ASN A 341 70.06 18.74 -11.39
N ASP A 342 70.82 19.30 -10.45
CA ASP A 342 70.28 20.27 -9.49
C ASP A 342 70.37 21.65 -10.14
N THR A 343 69.32 22.04 -10.87
CA THR A 343 69.35 23.23 -11.71
C THR A 343 69.55 24.52 -10.92
N THR A 344 69.34 24.50 -9.60
CA THR A 344 69.44 25.74 -8.80
C THR A 344 70.87 25.95 -8.29
N PHE A 345 71.84 25.10 -8.69
CA PHE A 345 73.21 25.27 -8.25
C PHE A 345 74.00 25.97 -9.34
N PRO A 346 74.39 27.23 -9.17
CA PRO A 346 75.20 27.92 -10.19
C PRO A 346 76.67 27.55 -10.09
N GLY A 347 76.96 26.26 -10.23
CA GLY A 347 78.31 25.77 -10.18
C GLY A 347 78.65 24.88 -11.36
N PRO A 348 79.94 24.62 -11.57
CA PRO A 348 80.32 23.78 -12.73
C PRO A 348 79.69 22.40 -12.71
N GLU A 349 79.58 21.79 -11.53
CA GLU A 349 79.09 20.43 -11.39
C GLU A 349 77.84 20.43 -10.53
N GLY A 350 76.74 19.92 -11.09
CA GLY A 350 75.49 19.83 -10.36
C GLY A 350 74.73 18.56 -10.64
N THR A 351 75.43 17.47 -10.93
CA THR A 351 74.80 16.23 -11.37
C THR A 351 75.47 15.04 -10.69
N VAL A 352 74.89 13.86 -10.92
CA VAL A 352 75.47 12.58 -10.55
C VAL A 352 75.12 11.57 -11.64
N LEU A 353 75.57 10.33 -11.44
CA LEU A 353 75.33 9.27 -12.41
C LEU A 353 74.84 8.02 -11.70
N LEU A 354 73.73 7.47 -12.17
CA LEU A 354 73.20 6.20 -11.69
C LEU A 354 73.42 5.12 -12.74
N HIS A 355 73.11 3.89 -12.37
CA HIS A 355 73.19 2.77 -13.30
C HIS A 355 72.34 1.64 -12.78
N PHE A 356 71.55 1.04 -13.66
CA PHE A 356 70.69 -0.09 -13.33
C PHE A 356 71.20 -1.34 -14.02
N ASN A 357 71.11 -2.48 -13.32
CA ASN A 357 71.56 -3.77 -13.82
C ASN A 357 70.30 -4.60 -14.10
N VAL A 358 69.75 -4.44 -15.30
CA VAL A 358 68.49 -5.06 -15.67
C VAL A 358 68.77 -6.40 -16.33
N THR A 359 68.02 -7.42 -15.93
CA THR A 359 68.13 -8.77 -16.48
C THR A 359 66.72 -9.29 -16.72
N VAL A 360 66.26 -9.21 -17.96
CA VAL A 360 64.94 -9.68 -18.34
C VAL A 360 65.08 -11.10 -18.88
N LEU A 361 64.31 -12.03 -18.32
CA LEU A 361 64.38 -13.43 -18.69
C LEU A 361 63.00 -13.94 -19.09
N PRO A 362 62.93 -14.98 -19.92
CA PRO A 362 61.66 -15.58 -20.27
C PRO A 362 61.29 -16.71 -19.31
N VAL A 363 60.08 -17.24 -19.49
CA VAL A 363 59.57 -18.29 -18.62
C VAL A 363 59.02 -19.44 -19.47
N PRO A 364 59.27 -20.69 -19.08
CA PRO A 364 58.65 -21.81 -19.79
C PRO A 364 57.29 -22.19 -19.20
N ILE A 365 56.25 -22.20 -20.05
CA ILE A 365 54.92 -22.64 -19.64
C ILE A 365 54.84 -24.11 -20.02
N ARG A 366 55.23 -24.99 -19.10
CA ARG A 366 55.18 -26.41 -19.35
C ARG A 366 54.89 -27.13 -18.05
N PHE A 367 54.34 -28.34 -18.19
CA PHE A 367 54.08 -29.19 -17.05
C PHE A 367 55.34 -29.95 -16.68
N SER A 368 55.31 -30.61 -15.52
CA SER A 368 56.44 -31.40 -15.08
C SER A 368 56.51 -32.70 -15.84
N ASN A 369 57.67 -33.36 -15.75
CA ASN A 369 57.81 -34.69 -16.33
C ASN A 369 56.79 -35.65 -15.74
N VAL A 370 56.35 -35.39 -14.52
CA VAL A 370 55.34 -36.21 -13.89
C VAL A 370 53.95 -35.79 -14.35
N THR A 371 52.99 -36.68 -14.17
CA THR A 371 51.60 -36.44 -14.55
C THR A 371 50.78 -36.08 -13.32
N TYR A 372 49.48 -35.93 -13.52
CA TYR A 372 48.52 -35.71 -12.44
C TYR A 372 47.54 -36.87 -12.48
N SER A 373 47.57 -37.71 -11.45
CA SER A 373 46.69 -38.87 -11.33
C SER A 373 45.99 -38.79 -9.98
N PHE A 374 44.84 -38.12 -9.97
CA PHE A 374 44.06 -38.01 -8.74
C PHE A 374 43.26 -39.29 -8.51
N THR A 375 42.31 -39.20 -7.59
CA THR A 375 41.47 -40.32 -7.20
C THR A 375 40.44 -39.79 -6.22
N VAL A 376 39.37 -40.56 -6.03
CA VAL A 376 38.30 -40.22 -5.10
C VAL A 376 38.17 -41.33 -4.09
N SER A 377 38.24 -40.96 -2.80
CA SER A 377 38.19 -41.95 -1.73
C SER A 377 36.84 -42.67 -1.73
N GLN A 378 35.76 -41.92 -1.59
CA GLN A 378 34.44 -42.52 -1.49
C GLN A 378 33.43 -41.84 -2.41
N LYS A 379 32.16 -42.22 -2.24
CA LYS A 379 31.09 -41.75 -3.09
C LYS A 379 30.69 -40.33 -2.69
N ALA A 380 30.84 -39.40 -3.62
CA ALA A 380 30.94 -37.98 -3.33
C ALA A 380 29.66 -37.23 -3.68
N THR A 381 29.75 -35.90 -3.57
CA THR A 381 28.63 -35.01 -3.80
C THR A 381 29.05 -33.91 -4.76
N THR A 382 28.05 -33.17 -5.22
CA THR A 382 28.28 -32.12 -6.19
C THR A 382 29.12 -31.00 -5.59
N TYR A 383 29.89 -30.34 -6.45
CA TYR A 383 30.68 -29.17 -6.06
C TYR A 383 31.71 -29.52 -4.99
N SER A 384 32.21 -30.74 -5.03
CA SER A 384 33.30 -31.15 -4.16
C SER A 384 34.62 -30.62 -4.71
N GLN A 385 35.73 -31.16 -4.19
CA GLN A 385 37.06 -30.76 -4.64
C GLN A 385 37.99 -31.94 -4.41
N ILE A 386 38.79 -32.28 -5.42
CA ILE A 386 39.73 -33.38 -5.33
C ILE A 386 41.17 -32.89 -5.44
N GLY A 387 41.52 -32.25 -6.55
CA GLY A 387 42.90 -31.89 -6.81
C GLY A 387 43.03 -30.58 -7.54
N LYS A 388 44.15 -29.91 -7.29
CA LYS A 388 44.57 -28.73 -8.03
C LYS A 388 45.56 -29.15 -9.12
N VAL A 389 45.68 -28.30 -10.13
CA VAL A 389 46.62 -28.51 -11.22
C VAL A 389 47.24 -27.17 -11.58
N CYS A 390 48.57 -27.15 -11.69
CA CYS A 390 49.27 -25.93 -12.05
C CYS A 390 50.56 -26.29 -12.76
N VAL A 391 51.01 -25.39 -13.63
CA VAL A 391 52.28 -25.54 -14.32
C VAL A 391 53.41 -25.32 -13.33
N GLU A 392 54.64 -25.63 -13.73
CA GLU A 392 55.77 -25.46 -12.84
C GLU A 392 55.93 -23.99 -12.46
N ASN A 393 56.31 -23.75 -11.20
CA ASN A 393 56.48 -22.40 -10.68
C ASN A 393 55.18 -21.61 -10.78
N CYS A 394 54.08 -22.21 -10.32
CA CYS A 394 52.77 -21.61 -10.45
C CYS A 394 52.48 -20.57 -9.37
N GLN A 395 53.04 -20.73 -8.18
CA GLN A 395 52.80 -19.76 -7.12
C GLN A 395 53.38 -18.40 -7.44
N LYS A 396 54.54 -18.37 -8.11
CA LYS A 396 55.28 -17.13 -8.29
C LYS A 396 54.80 -16.30 -9.47
N PHE A 397 53.83 -16.77 -10.25
CA PHE A 397 53.35 -15.99 -11.38
C PHE A 397 52.69 -14.70 -10.89
N LYS A 398 52.75 -13.67 -11.74
CA LYS A 398 52.15 -12.37 -11.50
C LYS A 398 52.05 -11.75 -12.90
N GLY A 399 50.89 -11.19 -13.26
CA GLY A 399 50.75 -10.66 -14.60
C GLY A 399 50.52 -11.71 -15.65
N ILE A 400 50.31 -12.96 -15.23
CA ILE A 400 50.16 -14.09 -16.14
C ILE A 400 48.76 -14.65 -15.92
N ASP A 401 47.92 -14.56 -16.94
CA ASP A 401 46.58 -15.13 -16.90
C ASP A 401 46.57 -16.41 -17.73
N VAL A 402 46.05 -17.48 -17.14
CA VAL A 402 46.10 -18.81 -17.74
C VAL A 402 44.73 -19.44 -17.67
N THR A 403 44.33 -20.09 -18.76
CA THR A 403 43.08 -20.83 -18.83
C THR A 403 43.37 -22.31 -18.92
N TYR A 404 42.55 -23.11 -18.25
CA TYR A 404 42.74 -24.55 -18.16
C TYR A 404 41.52 -25.24 -18.76
N GLN A 405 41.77 -26.28 -19.55
CA GLN A 405 40.71 -27.10 -20.12
C GLN A 405 41.12 -28.55 -20.06
N LEU A 406 40.17 -29.42 -20.40
CA LEU A 406 40.38 -30.85 -20.37
C LEU A 406 39.52 -31.48 -21.46
N GLU A 407 39.94 -32.65 -21.94
CA GLU A 407 39.22 -33.33 -23.00
C GLU A 407 39.37 -34.84 -22.83
N ILE A 408 38.43 -35.56 -23.43
CA ILE A 408 38.42 -37.01 -23.36
C ILE A 408 39.41 -37.58 -24.37
N VAL A 409 39.87 -38.80 -24.10
CA VAL A 409 40.78 -39.48 -25.02
C VAL A 409 40.01 -40.36 -25.99
N ASP A 410 39.01 -41.10 -25.51
CA ASP A 410 38.16 -41.93 -26.36
C ASP A 410 37.11 -41.02 -26.98
N ARG A 411 37.30 -40.66 -28.24
CA ARG A 411 36.47 -39.63 -28.86
C ARG A 411 35.02 -40.08 -28.99
N ASN A 412 34.79 -41.17 -29.73
CA ASN A 412 33.43 -41.59 -30.08
C ASN A 412 33.23 -43.06 -29.73
N ILE A 413 32.27 -43.32 -28.84
CA ILE A 413 31.84 -44.67 -28.49
C ILE A 413 30.32 -44.60 -28.27
N THR A 414 29.71 -45.76 -28.08
CA THR A 414 28.30 -45.84 -27.71
C THR A 414 27.94 -44.72 -26.73
N ALA A 415 26.73 -44.18 -26.89
CA ALA A 415 26.30 -43.08 -26.03
C ALA A 415 26.26 -43.50 -24.58
N GLU A 416 25.77 -44.71 -24.31
CA GLU A 416 25.71 -45.20 -22.93
C GLU A 416 27.08 -45.09 -22.26
N ALA A 417 28.14 -45.45 -22.98
CA ALA A 417 29.48 -45.31 -22.42
C ALA A 417 29.95 -43.87 -22.47
N GLN A 418 29.37 -43.05 -23.36
CA GLN A 418 29.73 -41.65 -23.42
C GLN A 418 29.28 -40.89 -22.17
N SER A 419 28.18 -41.34 -21.55
CA SER A 419 27.68 -40.65 -20.37
C SER A 419 28.71 -40.60 -19.25
N CYS A 420 29.56 -41.63 -19.15
CA CYS A 420 30.48 -41.74 -18.02
C CYS A 420 31.45 -40.58 -17.95
N TYR A 421 31.48 -39.68 -18.92
CA TYR A 421 32.30 -38.48 -18.84
C TYR A 421 31.49 -37.26 -18.44
N TRP A 422 30.44 -37.46 -17.62
CA TRP A 422 29.66 -36.38 -17.06
C TRP A 422 29.87 -36.23 -15.55
N ALA A 423 30.79 -36.99 -14.97
CA ALA A 423 31.03 -36.99 -13.53
C ALA A 423 32.23 -36.15 -13.14
N VAL A 424 32.61 -35.18 -13.98
CA VAL A 424 33.80 -34.38 -13.72
C VAL A 424 33.62 -33.03 -14.40
N SER A 425 34.31 -32.03 -13.87
CA SER A 425 34.25 -30.67 -14.39
C SER A 425 35.55 -29.98 -14.05
N LEU A 426 35.56 -28.65 -14.15
CA LEU A 426 36.74 -27.86 -13.89
C LEU A 426 36.34 -26.47 -13.44
N ALA A 427 37.26 -25.79 -12.78
CA ALA A 427 37.08 -24.40 -12.38
C ALA A 427 38.39 -23.65 -12.63
N GLN A 428 38.32 -22.32 -12.52
CA GLN A 428 39.45 -21.46 -12.80
C GLN A 428 39.53 -20.35 -11.75
N ASN A 429 40.75 -20.04 -11.30
CA ASN A 429 41.11 -19.18 -10.17
C ASN A 429 42.22 -18.19 -10.52
N PRO A 430 41.86 -16.94 -10.88
CA PRO A 430 42.97 -16.07 -11.29
C PRO A 430 43.86 -15.64 -10.14
N ASN A 431 43.42 -15.82 -8.90
CA ASN A 431 44.23 -15.44 -7.76
C ASN A 431 45.51 -16.28 -7.66
N ASP A 432 45.36 -17.60 -7.58
CA ASP A 432 46.49 -18.49 -7.44
C ASP A 432 47.03 -18.99 -8.77
N ASN A 433 46.33 -18.70 -9.88
CA ASN A 433 46.76 -19.10 -11.21
C ASN A 433 46.90 -20.63 -11.29
N THR A 434 45.80 -21.31 -10.94
CA THR A 434 45.75 -22.76 -10.96
C THR A 434 44.36 -23.17 -11.45
N GLY A 435 44.07 -24.46 -11.30
CA GLY A 435 42.80 -25.00 -11.73
C GLY A 435 42.26 -26.01 -10.77
N VAL A 436 41.01 -25.84 -10.37
CA VAL A 436 40.38 -26.70 -9.38
C VAL A 436 39.48 -27.70 -10.09
N LEU A 437 39.42 -28.91 -9.54
CA LEU A 437 38.69 -30.00 -10.14
C LEU A 437 37.59 -30.44 -9.20
N TYR A 438 36.35 -30.43 -9.68
CA TYR A 438 35.18 -30.79 -8.88
C TYR A 438 34.22 -31.63 -9.68
N VAL A 439 33.57 -32.57 -9.01
CA VAL A 439 32.56 -33.42 -9.64
C VAL A 439 31.34 -32.57 -9.98
N ASN A 440 30.55 -33.06 -10.92
CA ASN A 440 29.34 -32.39 -11.36
C ASN A 440 28.09 -33.25 -11.21
N ASP A 441 28.15 -34.51 -11.63
CA ASP A 441 27.00 -35.41 -11.58
C ASP A 441 27.36 -36.67 -10.79
N THR A 442 26.35 -37.24 -10.15
CA THR A 442 26.49 -38.43 -9.33
C THR A 442 25.72 -39.62 -9.86
N LYS A 443 24.70 -39.38 -10.69
CA LYS A 443 23.94 -40.49 -11.27
C LYS A 443 24.76 -41.26 -12.30
N VAL A 444 25.99 -40.80 -12.56
CA VAL A 444 26.82 -41.45 -13.57
C VAL A 444 27.66 -42.55 -12.94
N LEU A 445 28.15 -42.30 -11.73
CA LEU A 445 29.05 -43.20 -10.99
C LEU A 445 28.54 -44.61 -10.69
N ARG A 446 27.23 -44.80 -10.71
CA ARG A 446 26.64 -46.11 -10.42
C ARG A 446 27.17 -47.20 -11.37
N ARG A 447 27.29 -46.87 -12.64
CA ARG A 447 27.74 -47.81 -13.66
C ARG A 447 29.21 -48.23 -13.48
N PRO A 448 29.54 -49.51 -13.80
CA PRO A 448 30.95 -49.88 -13.67
C PRO A 448 31.83 -49.38 -14.80
N GLU A 449 31.25 -48.81 -15.86
CA GLU A 449 32.07 -48.33 -16.97
C GLU A 449 32.74 -47.02 -16.60
N CYS A 450 32.10 -46.21 -15.76
CA CYS A 450 32.66 -44.94 -15.30
C CYS A 450 33.83 -45.12 -14.35
N GLN A 451 34.06 -46.33 -13.85
CA GLN A 451 35.04 -46.52 -12.79
C GLN A 451 36.42 -46.01 -13.19
N GLU A 452 36.69 -45.95 -14.49
CA GLU A 452 37.96 -45.44 -14.98
C GLU A 452 37.69 -44.43 -16.08
N LEU A 453 38.39 -43.30 -16.02
CA LEU A 453 38.28 -42.25 -17.02
C LEU A 453 39.68 -41.77 -17.38
N GLU A 454 39.77 -41.08 -18.51
CA GLU A 454 41.05 -40.55 -18.96
C GLU A 454 40.78 -39.22 -19.67
N TYR A 455 41.52 -38.20 -19.27
CA TYR A 455 41.37 -36.86 -19.83
C TYR A 455 42.73 -36.35 -20.26
N VAL A 456 42.71 -35.40 -21.19
CA VAL A 456 43.91 -34.72 -21.65
C VAL A 456 43.75 -33.26 -21.23
N VAL A 457 44.47 -32.86 -20.19
CA VAL A 457 44.35 -31.50 -19.70
C VAL A 457 45.03 -30.55 -20.66
N ILE A 458 44.45 -29.36 -20.81
CA ILE A 458 44.93 -28.35 -21.73
C ILE A 458 45.19 -27.06 -20.95
N ALA A 459 46.35 -26.46 -21.17
CA ALA A 459 46.72 -25.20 -20.55
C ALA A 459 47.04 -24.23 -21.67
N GLN A 460 46.33 -23.10 -21.70
CA GLN A 460 46.46 -22.12 -22.77
C GLN A 460 46.72 -20.75 -22.19
N GLU A 461 47.95 -20.26 -22.34
CA GLU A 461 48.25 -18.88 -21.98
C GLU A 461 47.54 -17.93 -22.92
N GLN A 462 46.96 -16.87 -22.36
CA GLN A 462 46.07 -16.01 -23.13
C GLN A 462 46.84 -15.21 -24.17
N GLN A 463 47.92 -14.56 -23.76
CA GLN A 463 48.59 -13.60 -24.64
C GLN A 463 49.29 -14.29 -25.80
N ASN A 464 49.95 -15.42 -25.54
CA ASN A 464 50.79 -16.07 -26.52
C ASN A 464 50.14 -17.30 -27.14
N LYS A 465 49.05 -17.80 -26.56
CA LYS A 465 48.33 -18.95 -27.10
C LYS A 465 49.17 -20.23 -27.04
N LEU A 466 50.16 -20.25 -26.15
CA LEU A 466 50.95 -21.46 -25.95
C LEU A 466 50.07 -22.57 -25.38
N GLN A 467 50.52 -23.81 -25.54
CA GLN A 467 49.76 -24.98 -25.13
C GLN A 467 50.68 -25.97 -24.44
N ALA A 468 50.07 -26.79 -23.58
CA ALA A 468 50.78 -27.84 -22.87
C ALA A 468 49.75 -28.78 -22.28
N LYS A 469 50.02 -30.07 -22.37
CA LYS A 469 49.07 -31.05 -21.87
C LYS A 469 49.73 -32.32 -21.38
N THR A 470 48.98 -33.06 -20.59
CA THR A 470 49.41 -34.34 -20.05
C THR A 470 48.18 -35.25 -20.01
N GLN A 471 48.33 -36.40 -19.35
CA GLN A 471 47.26 -37.37 -19.25
C GLN A 471 46.77 -37.45 -17.81
N LEU A 472 45.46 -37.36 -17.63
CA LEU A 472 44.83 -37.47 -16.33
C LEU A 472 43.92 -38.68 -16.29
N THR A 473 43.97 -39.41 -15.18
CA THR A 473 43.08 -40.55 -14.94
C THR A 473 42.40 -40.37 -13.60
N VAL A 474 41.11 -40.68 -13.57
CA VAL A 474 40.29 -40.53 -12.37
C VAL A 474 39.57 -41.85 -12.13
N SER A 475 39.72 -42.39 -10.93
CA SER A 475 39.14 -43.68 -10.56
C SER A 475 38.32 -43.52 -9.29
N PHE A 476 37.08 -43.97 -9.34
CA PHE A 476 36.20 -44.03 -8.18
C PHE A 476 36.07 -45.48 -7.73
N GLN A 477 36.33 -45.72 -6.44
CA GLN A 477 36.24 -47.06 -5.86
C GLN A 477 35.30 -47.09 -4.66
N GLY A 478 34.37 -46.14 -4.57
CA GLY A 478 33.41 -46.12 -3.49
C GLY A 478 32.09 -46.76 -3.87
N GLU A 479 31.84 -47.97 -3.35
CA GLU A 479 30.60 -48.67 -3.65
C GLU A 479 29.42 -48.00 -2.95
N ALA A 480 28.24 -48.14 -3.55
CA ALA A 480 27.05 -47.51 -3.01
C ALA A 480 26.58 -48.23 -1.77
N ASP A 481 26.49 -47.51 -0.66
CA ASP A 481 25.98 -48.10 0.50
C ASP A 481 24.53 -47.71 0.52
N SER A 482 23.66 -48.57 -0.08
CA SER A 482 22.20 -48.60 -0.03
C SER A 482 21.63 -47.18 0.02
N LEU A 483 21.89 -46.43 -1.06
CA LEU A 483 21.39 -45.06 -1.18
C LEU A 483 20.92 -44.75 -2.60
N ARG A 484 20.41 -45.76 -3.33
CA ARG A 484 19.94 -45.52 -4.69
C ARG A 484 18.68 -44.68 -4.71
N THR A 485 17.84 -44.78 -3.67
CA THR A 485 16.56 -44.10 -3.68
C THR A 485 16.72 -42.59 -3.88
N ASP A 486 17.82 -42.03 -3.43
CA ASP A 486 18.00 -40.58 -3.45
C ASP A 486 18.28 -40.13 -4.88
N GLU A 487 17.42 -39.25 -5.39
CA GLU A 487 17.61 -38.65 -6.71
C GLU A 487 18.55 -37.46 -6.56
N PRO A 488 18.92 -36.81 -7.68
CA PRO A 488 19.85 -35.69 -7.59
C PRO A 488 19.27 -34.47 -6.88
N ARG A 489 19.12 -34.57 -5.56
CA ARG A 489 18.64 -33.46 -4.74
C ARG A 489 19.27 -33.59 -3.37
N PHE A 490 20.17 -32.66 -3.04
CA PHE A 490 20.94 -32.73 -1.81
C PHE A 490 20.82 -31.42 -1.03
N PRO A 491 20.46 -31.48 0.25
CA PRO A 491 20.27 -30.25 1.02
C PRO A 491 21.59 -29.62 1.42
N ALA A 492 21.51 -28.34 1.78
CA ALA A 492 22.69 -27.59 2.18
C ALA A 492 23.14 -28.00 3.57
N CYS A 493 24.33 -27.52 3.95
CA CYS A 493 24.92 -27.80 5.24
C CYS A 493 25.13 -26.56 6.09
N ALA A 494 25.01 -25.37 5.51
CA ALA A 494 25.24 -24.12 6.22
C ALA A 494 24.14 -23.80 7.22
N GLU A 495 23.06 -24.57 7.26
CA GLU A 495 21.88 -24.22 8.04
C GLU A 495 21.55 -25.25 9.12
N LYS A 496 22.39 -26.27 9.30
CA LYS A 496 22.14 -27.24 10.36
C LYS A 496 22.31 -26.61 11.74
N ARG A 497 23.17 -25.60 11.85
CA ARG A 497 23.37 -24.87 13.10
C ARG A 497 23.42 -25.82 14.30
N GLN A 498 24.10 -26.95 14.15
CA GLN A 498 24.23 -27.92 15.23
C GLN A 498 25.19 -29.00 14.80
N ARG A 499 25.83 -29.64 15.80
CA ARG A 499 26.76 -30.72 15.52
C ARG A 499 26.04 -31.96 15.00
N GLY A 500 25.00 -32.39 15.72
CA GLY A 500 24.38 -33.68 15.45
C GLY A 500 23.86 -33.83 14.03
N ASP A 501 23.13 -32.82 13.54
CA ASP A 501 22.68 -32.88 12.15
C ASP A 501 23.84 -32.80 11.18
N CYS A 502 24.71 -31.80 11.34
CA CYS A 502 25.74 -31.55 10.34
C CYS A 502 26.57 -32.78 10.05
N GLU A 503 26.76 -33.65 11.05
CA GLU A 503 27.56 -34.84 10.81
C GLU A 503 26.82 -35.87 9.97
N ALA A 504 25.49 -35.87 10.01
CA ALA A 504 24.69 -36.85 9.30
C ALA A 504 23.93 -36.24 8.11
N THR A 505 24.47 -35.21 7.49
CA THR A 505 23.92 -34.68 6.26
C THR A 505 24.75 -35.10 5.07
N ARG A 506 24.16 -34.96 3.90
CA ARG A 506 24.81 -35.21 2.62
C ARG A 506 24.41 -34.08 1.70
N GLY A 507 25.34 -33.19 1.42
CA GLY A 507 25.03 -31.94 0.77
C GLY A 507 26.17 -31.42 -0.05
N LEU A 508 26.05 -30.16 -0.46
CA LEU A 508 26.95 -29.59 -1.43
C LEU A 508 28.35 -29.44 -0.86
N GLY A 509 29.35 -29.78 -1.66
CA GLY A 509 30.72 -29.68 -1.25
C GLY A 509 31.18 -30.76 -0.31
N ALA A 510 30.58 -31.95 -0.36
CA ALA A 510 30.93 -33.03 0.55
C ALA A 510 31.72 -34.12 -0.18
N PRO A 511 33.06 -34.06 -0.17
CA PRO A 511 33.83 -35.15 -0.76
C PRO A 511 33.47 -36.50 -0.17
N THR A 512 33.61 -36.61 1.14
CA THR A 512 33.21 -37.83 1.83
C THR A 512 31.70 -37.99 1.86
N GLY A 513 30.96 -36.93 1.54
CA GLY A 513 29.52 -36.93 1.63
C GLY A 513 28.96 -36.42 2.94
N ARG A 514 29.82 -36.03 3.87
CA ARG A 514 29.40 -35.44 5.13
C ARG A 514 30.14 -34.12 5.31
N CYS A 515 29.40 -33.10 5.73
CA CYS A 515 29.97 -31.77 5.89
C CYS A 515 30.68 -31.65 7.24
N GLN A 516 31.69 -30.79 7.28
CA GLN A 516 32.58 -30.72 8.42
C GLN A 516 31.96 -29.89 9.54
N TRP A 517 32.58 -29.98 10.73
CA TRP A 517 32.01 -29.44 11.96
C TRP A 517 33.10 -28.69 12.73
N ARG A 518 32.76 -27.51 13.24
CA ARG A 518 33.67 -26.67 13.99
C ARG A 518 33.05 -26.34 15.35
N GLN A 519 33.91 -26.12 16.34
CA GLN A 519 33.48 -25.86 17.71
C GLN A 519 34.44 -24.84 18.32
N GLY A 520 34.05 -23.56 18.22
CA GLY A 520 34.85 -22.50 18.78
C GLY A 520 34.38 -22.08 20.17
N ARG A 521 35.26 -22.23 21.15
CA ARG A 521 34.96 -21.89 22.54
C ARG A 521 35.76 -20.66 22.94
N ASP A 522 35.08 -19.71 23.58
CA ASP A 522 35.68 -18.45 23.99
C ASP A 522 34.62 -17.66 24.73
N LYS A 523 35.05 -16.60 25.41
CA LYS A 523 34.16 -15.72 26.16
C LYS A 523 33.93 -14.46 25.33
N GLY A 524 32.97 -14.55 24.41
CA GLY A 524 32.50 -13.39 23.66
C GLY A 524 32.65 -13.59 22.16
N ILE A 525 32.94 -12.49 21.48
CA ILE A 525 33.07 -12.47 20.02
C ILE A 525 34.50 -12.88 19.69
N SER A 526 34.67 -14.11 19.21
CA SER A 526 35.98 -14.64 18.86
C SER A 526 36.01 -15.02 17.38
N LYS A 527 37.22 -15.01 16.82
CA LYS A 527 37.39 -15.39 15.42
C LYS A 527 37.08 -16.86 15.19
N ARG A 528 36.97 -17.65 16.25
CA ARG A 528 36.60 -19.05 16.15
C ARG A 528 35.18 -19.21 16.69
N TYR A 529 34.23 -19.28 15.76
CA TYR A 529 32.82 -19.46 16.08
C TYR A 529 32.34 -20.77 15.47
N SER A 530 31.64 -21.57 16.27
CA SER A 530 31.21 -22.88 15.82
C SER A 530 30.25 -22.76 14.66
N THR A 531 30.45 -23.57 13.62
CA THR A 531 29.59 -23.58 12.45
C THR A 531 29.57 -24.99 11.87
N CYS A 532 29.03 -25.12 10.66
CA CYS A 532 29.07 -26.36 9.89
C CYS A 532 29.41 -26.00 8.46
N SER A 533 30.51 -26.58 7.96
CA SER A 533 31.00 -26.26 6.63
C SER A 533 31.23 -27.54 5.85
N PRO A 534 31.12 -27.48 4.53
CA PRO A 534 31.40 -28.66 3.72
C PRO A 534 32.85 -29.08 3.83
N ASN A 535 33.75 -28.15 3.51
CA ASN A 535 35.19 -28.36 3.63
C ASN A 535 35.77 -27.19 4.43
N LEU A 536 36.34 -27.50 5.60
CA LEU A 536 36.91 -26.48 6.44
C LEU A 536 38.12 -25.81 5.82
N GLY A 537 38.68 -26.39 4.75
CA GLY A 537 39.90 -25.85 4.19
C GLY A 537 39.73 -24.44 3.65
N THR A 538 38.60 -24.17 3.00
CA THR A 538 38.40 -22.88 2.34
C THR A 538 37.02 -22.30 2.55
N CYS A 539 36.21 -22.84 3.45
CA CYS A 539 34.88 -22.28 3.68
C CYS A 539 34.94 -21.06 4.58
N PRO A 540 35.59 -21.10 5.74
CA PRO A 540 35.77 -19.88 6.55
C PRO A 540 37.09 -19.15 6.34
N ASP A 541 37.87 -19.51 5.33
CA ASP A 541 39.18 -18.91 5.11
C ASP A 541 39.19 -17.37 5.13
N GLY A 542 38.07 -16.76 4.75
CA GLY A 542 37.96 -15.31 4.74
C GLY A 542 37.16 -14.83 3.54
N TYR A 543 37.72 -15.05 2.35
CA TYR A 543 37.06 -14.67 1.10
C TYR A 543 36.63 -15.95 0.37
N CYS A 544 35.92 -15.81 -0.75
CA CYS A 544 35.48 -16.99 -1.47
C CYS A 544 36.29 -17.30 -2.73
N ASP A 545 36.23 -18.56 -3.16
CA ASP A 545 36.93 -19.02 -4.35
C ASP A 545 35.91 -19.19 -5.48
N ALA A 546 36.39 -19.53 -6.67
CA ALA A 546 35.52 -19.71 -7.83
C ALA A 546 34.34 -20.65 -7.59
N ILE A 547 34.57 -21.71 -6.81
CA ILE A 547 33.51 -22.68 -6.56
C ILE A 547 32.45 -22.09 -5.63
N GLU A 548 32.89 -21.41 -4.58
CA GLU A 548 31.97 -20.81 -3.61
C GLU A 548 30.93 -19.90 -4.25
N SER A 549 31.28 -19.26 -5.36
CA SER A 549 30.35 -18.39 -6.08
C SER A 549 29.34 -19.11 -7.01
N LYS A 550 29.44 -20.43 -7.18
CA LYS A 550 28.48 -21.11 -8.03
C LYS A 550 27.10 -21.14 -7.40
N ASN A 551 27.00 -21.62 -6.17
CA ASN A 551 25.75 -21.70 -5.43
C ASN A 551 25.85 -20.86 -4.17
N ILE A 552 24.69 -20.42 -3.68
CA ILE A 552 24.62 -19.64 -2.46
C ILE A 552 24.48 -20.53 -1.23
N SER A 553 24.20 -21.82 -1.41
CA SER A 553 24.05 -22.75 -0.31
C SER A 553 25.34 -23.47 0.01
N ILE A 554 26.46 -23.01 -0.55
CA ILE A 554 27.77 -23.60 -0.34
C ILE A 554 28.62 -22.55 0.36
N CYS A 555 28.79 -22.71 1.67
CA CYS A 555 29.55 -21.77 2.49
C CYS A 555 29.21 -20.32 2.18
N PRO A 556 28.05 -19.83 2.61
CA PRO A 556 27.81 -18.39 2.53
C PRO A 556 28.73 -17.60 3.44
N GLN A 557 29.36 -18.26 4.41
CA GLN A 557 30.12 -17.58 5.45
C GLN A 557 31.11 -16.56 4.92
N ASP A 558 31.89 -16.95 3.92
CA ASP A 558 32.89 -16.06 3.35
C ASP A 558 32.43 -15.28 2.11
N CYS A 559 31.32 -15.67 1.50
CA CYS A 559 30.84 -14.99 0.31
C CYS A 559 29.49 -14.27 0.40
N SER A 560 28.85 -14.31 1.57
CA SER A 560 27.55 -13.67 1.73
C SER A 560 27.69 -12.16 1.80
N SER A 561 26.58 -11.48 1.55
CA SER A 561 26.56 -10.02 1.46
C SER A 561 25.41 -9.37 2.21
N GLU A 562 24.37 -10.09 2.58
CA GLU A 562 23.15 -9.49 3.09
C GLU A 562 23.26 -9.27 4.60
N ALA A 563 22.24 -8.61 5.15
CA ALA A 563 22.28 -8.19 6.53
C ALA A 563 22.37 -9.38 7.46
N ILE A 564 23.07 -9.18 8.57
CA ILE A 564 23.33 -10.24 9.54
C ILE A 564 22.82 -9.77 10.89
N ILE A 565 22.46 -10.72 11.73
CA ILE A 565 21.66 -10.46 12.91
C ILE A 565 22.28 -11.17 14.10
N GLY A 566 22.48 -10.43 15.18
CA GLY A 566 23.08 -10.95 16.40
C GLY A 566 24.39 -10.25 16.71
N GLY A 567 25.19 -10.91 17.55
CA GLY A 567 26.50 -10.40 17.91
C GLY A 567 27.56 -10.81 16.92
N TYR A 568 28.17 -9.84 16.23
CA TYR A 568 29.12 -10.20 15.18
C TYR A 568 30.07 -9.05 14.87
N GLU A 569 31.25 -9.43 14.37
CA GLU A 569 32.10 -8.55 13.57
C GLU A 569 32.14 -9.03 12.13
N ARG A 570 32.36 -8.10 11.22
CA ARG A 570 32.42 -8.40 9.80
C ARG A 570 33.26 -7.36 9.09
N ASP A 571 34.04 -7.83 8.13
CA ASP A 571 34.71 -6.97 7.16
C ASP A 571 33.80 -6.81 5.94
N LEU A 572 34.35 -6.37 4.82
CA LEU A 572 33.60 -6.23 3.59
C LEU A 572 32.61 -7.36 3.36
N TYR A 573 33.12 -8.60 3.25
CA TYR A 573 32.29 -9.76 3.02
C TYR A 573 32.58 -10.82 4.06
N GLY A 574 31.54 -11.56 4.44
CA GLY A 574 31.69 -12.68 5.33
C GLY A 574 32.01 -12.31 6.76
N ILE A 575 31.60 -13.17 7.67
CA ILE A 575 31.65 -12.89 9.10
C ILE A 575 33.02 -13.28 9.65
N LYS A 576 33.64 -12.37 10.39
CA LYS A 576 34.92 -12.66 11.02
C LYS A 576 34.74 -13.22 12.43
N ALA A 577 33.77 -12.69 13.16
CA ALA A 577 33.47 -13.18 14.49
C ALA A 577 32.00 -12.96 14.78
N GLY A 578 31.33 -14.01 15.26
CA GLY A 578 29.94 -13.91 15.66
C GLY A 578 29.74 -14.59 17.00
N HIS A 579 28.97 -13.93 17.86
CA HIS A 579 28.86 -14.34 19.26
C HIS A 579 28.11 -15.66 19.38
N GLY A 580 28.84 -16.74 19.10
CA GLY A 580 28.40 -18.06 19.49
C GLY A 580 28.23 -19.01 18.33
N THR A 581 27.31 -19.96 18.48
CA THR A 581 27.02 -20.97 17.46
C THR A 581 26.29 -20.31 16.30
N CYS A 582 27.04 -19.58 15.48
CA CYS A 582 26.46 -18.89 14.35
C CYS A 582 25.97 -19.89 13.30
N TYR A 583 25.18 -19.39 12.37
CA TYR A 583 24.58 -20.20 11.33
C TYR A 583 24.12 -19.25 10.23
N CYS A 584 23.46 -19.81 9.23
CA CYS A 584 23.00 -19.04 8.10
C CYS A 584 21.87 -19.77 7.41
N PHE A 585 21.13 -19.03 6.61
CA PHE A 585 20.15 -19.57 5.67
C PHE A 585 20.53 -19.04 4.28
N GLU A 586 19.62 -19.20 3.33
CA GLU A 586 19.97 -18.88 1.96
C GLU A 586 20.13 -17.38 1.76
N GLY A 587 21.24 -16.84 2.27
CA GLY A 587 21.60 -15.45 2.11
C GLY A 587 21.50 -14.63 3.38
N LYS A 588 20.69 -15.06 4.34
CA LYS A 588 20.47 -14.32 5.58
C LYS A 588 21.10 -15.11 6.71
N CYS A 589 21.81 -14.42 7.59
CA CYS A 589 22.62 -15.06 8.61
C CYS A 589 22.29 -14.51 9.99
N PHE A 590 22.44 -15.38 10.98
CA PHE A 590 22.09 -15.08 12.37
C PHE A 590 23.16 -15.74 13.24
N CYS A 591 24.13 -14.97 13.69
CA CYS A 591 25.06 -15.45 14.72
C CYS A 591 24.48 -15.16 16.09
N GLU A 592 24.26 -16.22 16.87
CA GLU A 592 23.70 -16.11 18.20
C GLU A 592 24.47 -16.98 19.17
N ARG A 593 24.02 -17.07 20.41
CA ARG A 593 24.58 -17.97 21.40
C ARG A 593 23.46 -18.81 21.98
N ASP A 594 23.67 -20.12 22.00
CA ASP A 594 22.66 -21.05 22.49
C ASP A 594 22.88 -21.30 23.97
N GLU A 595 21.96 -20.81 24.80
CA GLU A 595 22.05 -21.05 26.24
C GLU A 595 21.96 -22.53 26.56
N PRO A 596 21.00 -23.29 26.01
CA PRO A 596 20.95 -24.75 26.26
C PRO A 596 22.26 -25.45 25.89
N GLY B 1 -67.04 -10.23 -38.08
CA GLY B 1 -68.39 -10.22 -37.54
C GLY B 1 -68.82 -11.57 -37.01
N LEU B 2 -69.00 -12.52 -37.91
CA LEU B 2 -69.40 -13.86 -37.53
C LEU B 2 -68.24 -14.55 -36.80
N TYR B 3 -68.44 -14.84 -35.52
CA TYR B 3 -67.36 -15.39 -34.70
C TYR B 3 -67.17 -16.87 -35.00
N PHE B 4 -65.96 -17.36 -34.70
CA PHE B 4 -65.55 -18.71 -35.04
C PHE B 4 -65.50 -19.56 -33.78
N PRO B 5 -66.27 -20.65 -33.69
CA PRO B 5 -66.24 -21.46 -32.46
C PRO B 5 -64.88 -22.03 -32.15
N GLN B 6 -64.04 -22.27 -33.16
CA GLN B 6 -62.72 -22.83 -32.97
C GLN B 6 -61.71 -22.01 -33.74
N ARG B 7 -60.45 -22.11 -33.33
CA ARG B 7 -59.34 -21.47 -34.01
C ARG B 7 -58.40 -22.49 -34.66
N LEU B 8 -58.77 -23.77 -34.65
CA LEU B 8 -57.89 -24.85 -35.13
C LEU B 8 -58.70 -25.78 -36.02
N TYR B 9 -58.32 -25.85 -37.29
CA TYR B 9 -58.89 -26.78 -38.26
C TYR B 9 -57.73 -27.61 -38.81
N THR B 10 -57.59 -28.84 -38.31
CA THR B 10 -56.43 -29.67 -38.60
C THR B 10 -56.84 -30.96 -39.28
N GLU B 11 -56.04 -31.37 -40.26
CA GLU B 11 -56.22 -32.64 -40.97
C GLU B 11 -54.87 -33.04 -41.54
N ASN B 12 -54.78 -34.31 -41.96
CA ASN B 12 -53.56 -34.82 -42.56
C ASN B 12 -53.76 -35.04 -44.06
N ILE B 13 -52.67 -34.91 -44.81
CA ILE B 13 -52.68 -35.04 -46.26
C ILE B 13 -51.58 -35.99 -46.67
N TYR B 14 -51.77 -36.62 -47.83
CA TYR B 14 -50.82 -37.60 -48.34
C TYR B 14 -50.68 -37.44 -49.85
N VAL B 15 -49.70 -38.16 -50.40
CA VAL B 15 -49.43 -38.08 -51.83
C VAL B 15 -50.42 -38.96 -52.59
N GLY B 16 -50.61 -38.63 -53.86
CA GLY B 16 -51.47 -39.42 -54.72
C GLY B 16 -52.93 -38.99 -54.71
N GLN B 17 -53.19 -37.69 -54.57
CA GLN B 17 -54.54 -37.16 -54.56
C GLN B 17 -54.82 -36.39 -55.84
N GLN B 18 -56.10 -36.14 -56.09
CA GLN B 18 -56.57 -35.57 -57.34
C GLN B 18 -57.21 -34.21 -57.11
N GLN B 19 -57.23 -33.41 -58.17
CA GLN B 19 -57.91 -32.12 -58.13
C GLN B 19 -59.42 -32.32 -58.12
N GLY B 20 -60.13 -31.26 -57.73
CA GLY B 20 -61.58 -31.34 -57.64
C GLY B 20 -62.07 -32.33 -56.62
N SER B 21 -61.34 -32.50 -55.52
CA SER B 21 -61.69 -33.44 -54.47
C SER B 21 -61.90 -32.69 -53.15
N PRO B 22 -63.01 -32.90 -52.45
CA PRO B 22 -63.24 -32.17 -51.20
C PRO B 22 -62.23 -32.56 -50.13
N LEU B 23 -61.83 -31.58 -49.33
CA LEU B 23 -60.87 -31.78 -48.26
C LEU B 23 -61.36 -31.34 -46.89
N LEU B 24 -62.08 -30.22 -46.84
CA LEU B 24 -62.70 -29.78 -45.60
C LEU B 24 -63.70 -28.66 -45.85
N GLN B 25 -64.67 -28.52 -44.95
CA GLN B 25 -65.59 -27.39 -45.00
C GLN B 25 -65.64 -26.74 -43.63
N VAL B 26 -65.60 -25.41 -43.61
CA VAL B 26 -65.67 -24.64 -42.37
C VAL B 26 -67.00 -23.90 -42.34
N ILE B 27 -67.52 -23.71 -41.13
CA ILE B 27 -68.85 -23.15 -40.93
C ILE B 27 -68.74 -21.90 -40.06
N SER B 28 -69.61 -20.93 -40.35
CA SER B 28 -69.70 -19.69 -39.61
C SER B 28 -71.10 -19.53 -39.03
N MET B 29 -71.18 -18.83 -37.90
CA MET B 29 -72.42 -18.62 -37.18
C MET B 29 -72.87 -17.17 -37.33
N ARG B 30 -74.16 -16.97 -37.60
CA ARG B 30 -74.74 -15.65 -37.73
C ARG B 30 -75.84 -15.47 -36.71
N GLU B 31 -75.90 -14.28 -36.11
CA GLU B 31 -76.94 -14.01 -35.12
C GLU B 31 -78.30 -13.86 -35.77
N PHE B 32 -78.35 -13.26 -36.94
CA PHE B 32 -79.58 -13.03 -37.68
C PHE B 32 -79.44 -13.54 -39.11
N PRO B 33 -80.55 -13.88 -39.77
CA PRO B 33 -80.45 -14.57 -41.06
C PRO B 33 -80.13 -13.67 -42.25
N THR B 34 -80.33 -12.36 -42.14
CA THR B 34 -80.10 -11.49 -43.28
C THR B 34 -78.63 -11.41 -43.68
N GLU B 35 -77.72 -11.87 -42.83
CA GLU B 35 -76.29 -11.92 -43.16
C GLU B 35 -75.99 -13.28 -43.80
N ARG B 36 -75.82 -13.27 -45.12
CA ARG B 36 -75.46 -14.50 -45.83
C ARG B 36 -73.96 -14.49 -46.13
N PRO B 37 -73.24 -15.58 -45.87
CA PRO B 37 -71.78 -15.55 -45.96
C PRO B 37 -71.26 -15.90 -47.35
N TYR B 38 -69.96 -15.63 -47.53
CA TYR B 38 -69.24 -15.99 -48.75
C TYR B 38 -67.79 -16.24 -48.37
N PHE B 39 -67.34 -17.48 -48.53
CA PHE B 39 -66.01 -17.88 -48.08
C PHE B 39 -64.95 -17.59 -49.13
N PHE B 40 -63.70 -17.54 -48.68
CA PHE B 40 -62.55 -17.23 -49.53
C PHE B 40 -61.29 -17.37 -48.70
N LEU B 41 -60.15 -17.50 -49.38
CA LEU B 41 -58.85 -17.61 -48.73
C LEU B 41 -58.15 -16.27 -48.62
N CYS B 42 -56.94 -16.33 -48.07
CA CYS B 42 -56.01 -15.22 -48.06
C CYS B 42 -54.60 -15.79 -47.96
N SER B 43 -53.62 -14.93 -47.65
CA SER B 43 -52.21 -15.30 -47.69
C SER B 43 -51.82 -15.71 -49.11
N HIS B 44 -52.14 -14.82 -50.05
CA HIS B 44 -51.86 -15.03 -51.46
C HIS B 44 -50.39 -14.88 -51.80
N ARG B 45 -49.54 -14.59 -50.82
CA ARG B 45 -48.13 -14.29 -51.10
C ARG B 45 -47.42 -15.50 -51.70
N ASP B 46 -47.39 -16.61 -50.96
CA ASP B 46 -46.65 -17.78 -51.42
C ASP B 46 -47.27 -18.36 -52.68
N ALA B 47 -46.55 -19.31 -53.28
CA ALA B 47 -46.92 -19.90 -54.56
C ALA B 47 -47.71 -21.20 -54.42
N PHE B 48 -47.40 -22.02 -53.42
CA PHE B 48 -48.11 -23.28 -53.25
C PHE B 48 -49.60 -23.07 -53.11
N THR B 49 -50.01 -21.91 -52.63
CA THR B 49 -51.42 -21.59 -52.47
C THR B 49 -52.17 -21.55 -53.79
N SER B 50 -51.47 -21.45 -54.92
CA SER B 50 -52.12 -21.43 -56.22
C SER B 50 -52.80 -22.75 -56.56
N TRP B 51 -52.45 -23.83 -55.86
CA TRP B 51 -53.04 -25.13 -56.15
C TRP B 51 -54.41 -25.27 -55.48
N PHE B 52 -54.50 -24.91 -54.20
CA PHE B 52 -55.76 -25.03 -53.49
C PHE B 52 -56.84 -24.18 -54.14
N HIS B 53 -58.07 -24.70 -54.15
CA HIS B 53 -59.21 -23.96 -54.69
C HIS B 53 -60.39 -24.08 -53.73
N ILE B 54 -61.18 -23.01 -53.64
CA ILE B 54 -62.29 -22.92 -52.72
C ILE B 54 -63.53 -22.41 -53.45
N ASP B 55 -64.68 -22.72 -52.87
CA ASP B 55 -65.97 -22.33 -53.39
C ASP B 55 -66.49 -21.12 -52.64
N GLU B 56 -66.84 -20.07 -53.40
CA GLU B 56 -67.14 -18.78 -52.80
C GLU B 56 -68.29 -18.87 -51.80
N ALA B 57 -69.21 -19.80 -51.99
CA ALA B 57 -70.44 -19.85 -51.21
C ALA B 57 -70.53 -21.04 -50.27
N SER B 58 -70.34 -22.26 -50.77
CA SER B 58 -70.59 -23.44 -49.94
C SER B 58 -69.62 -23.53 -48.78
N GLY B 59 -68.35 -23.19 -49.00
CA GLY B 59 -67.36 -23.18 -47.95
C GLY B 59 -66.48 -24.41 -47.87
N VAL B 60 -66.51 -25.29 -48.86
CA VAL B 60 -65.70 -26.50 -48.85
C VAL B 60 -64.38 -26.22 -49.53
N LEU B 61 -63.39 -27.07 -49.26
CA LEU B 61 -62.03 -26.91 -49.76
C LEU B 61 -61.75 -27.96 -50.81
N TYR B 62 -61.30 -27.52 -51.98
CA TYR B 62 -60.93 -28.39 -53.09
C TYR B 62 -59.47 -28.15 -53.48
N LEU B 63 -59.04 -28.84 -54.54
CA LEU B 63 -57.70 -28.70 -55.09
C LEU B 63 -57.78 -28.51 -56.60
N ASN B 64 -56.79 -27.81 -57.15
CA ASN B 64 -56.73 -27.54 -58.58
C ASN B 64 -55.59 -28.27 -59.29
N LYS B 65 -54.76 -29.01 -58.55
CA LYS B 65 -53.62 -29.70 -59.14
C LYS B 65 -53.39 -31.01 -58.41
N THR B 66 -52.72 -31.94 -59.09
CA THR B 66 -52.37 -33.23 -58.52
C THR B 66 -51.09 -33.12 -57.72
N LEU B 67 -50.64 -34.24 -57.17
CA LEU B 67 -49.43 -34.33 -56.38
C LEU B 67 -48.33 -35.06 -57.14
N GLU B 68 -47.12 -34.53 -57.07
CA GLU B 68 -45.95 -35.18 -57.65
C GLU B 68 -44.79 -35.06 -56.67
N TRP B 69 -43.86 -36.01 -56.77
CA TRP B 69 -42.72 -36.05 -55.86
C TRP B 69 -41.93 -34.75 -55.91
N SER B 70 -41.84 -34.12 -57.08
CA SER B 70 -41.10 -32.86 -57.19
C SER B 70 -41.71 -31.79 -56.29
N ASP B 71 -43.03 -31.79 -56.15
CA ASP B 71 -43.69 -30.78 -55.33
C ASP B 71 -43.27 -30.87 -53.87
N PHE B 72 -42.92 -32.07 -53.40
CA PHE B 72 -42.53 -32.23 -52.00
C PHE B 72 -41.26 -31.44 -51.69
N SER B 73 -40.30 -31.43 -52.62
CA SER B 73 -39.04 -30.74 -52.37
C SER B 73 -39.22 -29.23 -52.33
N SER B 74 -40.03 -28.68 -53.25
CA SER B 74 -40.16 -27.23 -53.35
C SER B 74 -40.73 -26.64 -52.06
N LEU B 75 -41.55 -27.39 -51.33
CA LEU B 75 -42.13 -26.90 -50.09
C LEU B 75 -41.12 -27.09 -48.97
N ARG B 76 -40.60 -25.98 -48.45
CA ARG B 76 -39.60 -26.00 -47.38
C ARG B 76 -40.15 -25.28 -46.17
N SER B 77 -39.96 -25.88 -44.99
CA SER B 77 -40.44 -25.29 -43.74
C SER B 77 -39.46 -25.68 -42.64
N GLY B 78 -38.52 -24.79 -42.34
CA GLY B 78 -37.58 -25.03 -41.27
C GLY B 78 -36.75 -26.28 -41.55
N SER B 79 -36.81 -27.24 -40.63
CA SER B 79 -36.04 -28.46 -40.77
C SER B 79 -36.48 -29.23 -42.01
N VAL B 80 -35.56 -30.06 -42.53
CA VAL B 80 -35.81 -30.84 -43.73
C VAL B 80 -36.45 -32.19 -43.41
N ARG B 81 -36.55 -32.57 -42.15
CA ARG B 81 -37.05 -33.88 -41.76
C ARG B 81 -38.57 -33.88 -41.77
N SER B 82 -39.14 -34.95 -42.31
CA SER B 82 -40.58 -35.15 -42.21
C SER B 82 -40.97 -35.28 -40.74
N PRO B 83 -42.18 -34.85 -40.35
CA PRO B 83 -43.22 -34.25 -41.19
C PRO B 83 -42.98 -32.76 -41.45
N LYS B 84 -43.55 -32.23 -42.52
CA LYS B 84 -43.47 -30.81 -42.82
C LYS B 84 -44.76 -30.12 -42.42
N ASP B 85 -44.63 -28.90 -41.87
CA ASP B 85 -45.75 -28.14 -41.36
C ASP B 85 -45.97 -26.91 -42.22
N LEU B 86 -47.23 -26.66 -42.58
CA LEU B 86 -47.64 -25.49 -43.33
C LEU B 86 -48.76 -24.77 -42.58
N THR B 87 -49.08 -23.56 -43.04
CA THR B 87 -50.09 -22.75 -42.37
C THR B 87 -50.76 -21.85 -43.40
N LEU B 88 -52.07 -21.70 -43.27
CA LEU B 88 -52.88 -20.92 -44.20
C LEU B 88 -53.82 -20.02 -43.41
N LYS B 89 -54.56 -19.18 -44.14
CA LYS B 89 -55.49 -18.25 -43.51
C LYS B 89 -56.74 -18.12 -44.37
N VAL B 90 -57.84 -17.74 -43.72
CA VAL B 90 -59.16 -17.74 -44.33
C VAL B 90 -60.01 -16.67 -43.66
N GLY B 91 -60.89 -16.06 -44.46
CA GLY B 91 -61.87 -15.14 -43.93
C GLY B 91 -63.19 -15.35 -44.65
N VAL B 92 -64.26 -14.83 -44.03
CA VAL B 92 -65.60 -14.96 -44.58
C VAL B 92 -66.34 -13.65 -44.33
N SER B 93 -66.71 -12.97 -45.40
CA SER B 93 -67.58 -11.80 -45.35
C SER B 93 -68.89 -12.14 -46.04
N SER B 94 -69.83 -11.19 -45.99
CA SER B 94 -71.14 -11.39 -46.60
C SER B 94 -71.20 -10.94 -48.05
N THR B 95 -70.15 -10.31 -48.57
CA THR B 95 -70.10 -9.78 -49.92
C THR B 95 -68.76 -10.08 -50.55
N PRO B 96 -68.66 -10.00 -51.87
CA PRO B 96 -67.40 -10.30 -52.56
C PRO B 96 -66.25 -9.47 -51.99
N PRO B 97 -65.26 -10.11 -51.35
CA PRO B 97 -64.16 -9.35 -50.76
C PRO B 97 -62.94 -9.23 -51.66
N MET B 98 -62.16 -8.16 -51.49
CA MET B 98 -60.98 -7.89 -52.27
C MET B 98 -59.74 -8.50 -51.59
N LYS B 99 -58.58 -8.37 -52.23
CA LYS B 99 -57.33 -8.74 -51.58
C LYS B 99 -57.18 -8.04 -50.23
N VAL B 100 -57.53 -6.76 -50.17
CA VAL B 100 -57.33 -5.98 -48.96
C VAL B 100 -58.37 -6.26 -47.88
N MET B 101 -59.42 -7.02 -48.19
CA MET B 101 -60.56 -7.13 -47.30
C MET B 101 -60.29 -7.94 -46.04
N CYS B 102 -59.29 -8.83 -46.04
CA CYS B 102 -59.13 -9.80 -44.97
C CYS B 102 -57.96 -9.50 -44.05
N THR B 103 -57.00 -8.68 -44.46
CA THR B 103 -55.97 -8.25 -43.53
C THR B 103 -56.55 -7.37 -42.42
N ILE B 104 -57.80 -6.95 -42.57
CA ILE B 104 -58.47 -6.13 -41.57
C ILE B 104 -59.32 -6.96 -40.62
N LEU B 105 -59.94 -8.03 -41.11
CA LEU B 105 -60.89 -8.82 -40.34
C LEU B 105 -60.18 -9.90 -39.54
N PRO B 106 -60.81 -10.41 -38.49
CA PRO B 106 -60.23 -11.53 -37.74
C PRO B 106 -60.35 -12.83 -38.52
N THR B 107 -59.27 -13.60 -38.54
CA THR B 107 -59.17 -14.82 -39.32
C THR B 107 -58.81 -15.99 -38.42
N VAL B 108 -58.61 -17.15 -39.05
CA VAL B 108 -58.23 -18.37 -38.35
C VAL B 108 -57.09 -19.04 -39.10
N GLU B 109 -56.35 -19.87 -38.38
CA GLU B 109 -55.20 -20.57 -38.93
C GLU B 109 -55.56 -22.02 -39.25
N VAL B 110 -54.99 -22.53 -40.33
CA VAL B 110 -55.15 -23.92 -40.75
C VAL B 110 -53.77 -24.56 -40.77
N LYS B 111 -53.58 -25.58 -39.93
CA LYS B 111 -52.30 -26.25 -39.77
C LYS B 111 -52.43 -27.67 -40.29
N LEU B 112 -51.82 -27.93 -41.46
CA LEU B 112 -51.88 -29.24 -42.11
C LEU B 112 -50.47 -29.81 -42.18
N SER B 113 -50.34 -31.09 -41.84
CA SER B 113 -49.06 -31.78 -41.87
C SER B 113 -48.90 -32.53 -43.19
N PHE B 114 -47.71 -32.45 -43.77
CA PHE B 114 -47.41 -33.04 -45.06
C PHE B 114 -46.45 -34.21 -44.88
N ILE B 115 -46.80 -35.36 -45.45
CA ILE B 115 -45.94 -36.54 -45.47
C ILE B 115 -45.87 -37.06 -46.89
N ASN B 116 -44.69 -37.53 -47.28
CA ASN B 116 -44.42 -37.99 -48.64
C ASN B 116 -44.73 -39.47 -48.81
N ASP B 117 -45.94 -39.87 -48.42
CA ASP B 117 -46.41 -41.24 -48.54
C ASP B 117 -47.77 -41.25 -49.24
N THR B 118 -48.21 -42.45 -49.60
CA THR B 118 -49.50 -42.64 -50.25
C THR B 118 -50.52 -43.20 -49.25
N ALA B 119 -51.71 -43.52 -49.75
CA ALA B 119 -52.77 -44.00 -48.88
C ALA B 119 -52.36 -45.33 -48.25
N PRO B 120 -52.68 -45.54 -46.98
CA PRO B 120 -52.17 -46.71 -46.25
C PRO B 120 -53.10 -47.93 -46.38
N SER B 121 -52.68 -49.08 -45.85
CA SER B 121 -53.54 -50.24 -45.81
C SER B 121 -54.57 -49.88 -44.74
N CYS B 122 -55.84 -50.14 -44.98
CA CYS B 122 -56.87 -49.74 -44.01
C CYS B 122 -57.25 -50.77 -42.95
N GLY B 123 -56.64 -51.95 -43.01
CA GLY B 123 -56.93 -52.98 -42.04
C GLY B 123 -55.89 -53.04 -40.95
N GLN B 124 -54.91 -52.14 -40.97
CA GLN B 124 -53.85 -52.17 -39.97
C GLN B 124 -54.05 -51.15 -38.85
N VAL B 125 -55.15 -50.38 -38.89
CA VAL B 125 -55.35 -49.29 -37.95
C VAL B 125 -55.81 -49.82 -36.61
N GLU B 126 -55.75 -48.98 -35.58
CA GLU B 126 -56.18 -49.32 -34.24
C GLU B 126 -57.53 -48.67 -33.94
N LEU B 127 -58.25 -49.25 -32.98
CA LEU B 127 -59.58 -48.75 -32.65
C LEU B 127 -59.53 -47.34 -32.06
N SER B 128 -58.52 -47.06 -31.24
CA SER B 128 -58.48 -45.78 -30.54
C SER B 128 -58.33 -44.60 -31.50
N THR B 129 -57.66 -44.81 -32.62
CA THR B 129 -57.36 -43.75 -33.58
C THR B 129 -58.37 -43.73 -34.73
N LEU B 130 -59.43 -44.54 -34.63
CA LEU B 130 -60.32 -44.75 -35.77
C LEU B 130 -61.20 -43.53 -36.05
N CYS B 131 -61.84 -42.98 -35.01
CA CYS B 131 -62.83 -41.92 -35.20
C CYS B 131 -62.45 -40.58 -34.58
N PHE B 132 -61.35 -40.51 -33.83
CA PHE B 132 -61.01 -39.29 -33.11
C PHE B 132 -59.51 -39.04 -33.16
N PRO B 133 -59.08 -37.78 -33.01
CA PRO B 133 -57.65 -37.47 -33.12
C PRO B 133 -56.86 -37.84 -31.88
N GLU B 134 -55.58 -37.49 -31.86
CA GLU B 134 -54.74 -37.74 -30.70
C GLU B 134 -55.06 -36.74 -29.59
N LYS B 135 -54.93 -35.45 -29.88
CA LYS B 135 -55.34 -34.41 -28.95
C LYS B 135 -56.49 -33.61 -29.55
N ILE B 136 -57.29 -33.01 -28.68
CA ILE B 136 -58.52 -32.33 -29.09
C ILE B 136 -58.56 -30.95 -28.46
N SER B 137 -59.36 -30.08 -29.07
CA SER B 137 -59.61 -28.73 -28.56
C SER B 137 -61.03 -28.62 -28.05
N ASN B 138 -61.24 -27.75 -27.07
CA ASN B 138 -62.55 -27.53 -26.50
C ASN B 138 -63.16 -26.27 -27.08
N PRO B 139 -64.20 -26.35 -27.90
CA PRO B 139 -64.82 -25.11 -28.41
C PRO B 139 -65.59 -24.38 -27.33
N HIS B 140 -66.22 -23.26 -27.69
CA HIS B 140 -66.90 -22.40 -26.73
C HIS B 140 -68.23 -21.93 -27.30
N ILE B 141 -69.11 -21.51 -26.40
CA ILE B 141 -70.42 -20.98 -26.77
C ILE B 141 -70.76 -19.79 -25.87
N THR B 142 -71.67 -18.95 -26.37
CA THR B 142 -72.08 -17.72 -25.71
C THR B 142 -73.48 -17.85 -25.16
N GLU B 143 -73.69 -17.34 -23.95
CA GLU B 143 -74.98 -17.45 -23.29
C GLU B 143 -76.00 -16.50 -23.92
N ASN B 144 -77.26 -16.93 -23.91
CA ASN B 144 -78.39 -16.10 -24.33
C ASN B 144 -78.23 -15.66 -25.78
N ARG B 145 -78.09 -16.64 -26.67
CA ARG B 145 -77.89 -16.35 -28.08
C ARG B 145 -78.45 -17.48 -28.94
N GLU B 146 -78.71 -17.15 -30.19
CA GLU B 146 -79.37 -18.08 -31.10
C GLU B 146 -78.49 -19.32 -31.31
N PRO B 147 -79.09 -20.51 -31.47
CA PRO B 147 -78.29 -21.73 -31.65
C PRO B 147 -77.90 -22.00 -33.09
N GLY B 148 -77.20 -23.11 -33.31
CA GLY B 148 -76.77 -23.47 -34.65
C GLY B 148 -75.91 -24.72 -34.62
N ALA B 149 -75.35 -25.05 -35.78
CA ALA B 149 -74.46 -26.20 -35.92
C ALA B 149 -73.06 -25.83 -35.46
N LEU B 150 -72.43 -26.72 -34.70
CA LEU B 150 -71.20 -26.39 -33.97
C LEU B 150 -69.94 -26.91 -34.66
N ARG B 151 -69.81 -28.22 -34.83
CA ARG B 151 -68.53 -28.80 -35.25
C ARG B 151 -68.78 -29.97 -36.19
N GLN B 152 -67.77 -30.26 -36.99
CA GLN B 152 -67.73 -31.44 -37.85
C GLN B 152 -66.95 -32.56 -37.17
N LEU B 153 -67.36 -33.81 -37.40
CA LEU B 153 -66.75 -34.97 -36.75
C LEU B 153 -66.42 -36.11 -37.72
N ARG B 154 -66.30 -35.82 -39.02
CA ARG B 154 -65.81 -36.81 -39.98
C ARG B 154 -64.34 -36.55 -40.25
N ARG B 155 -63.53 -37.61 -40.19
CA ARG B 155 -62.11 -37.51 -40.48
C ARG B 155 -61.87 -38.00 -41.89
N PHE B 156 -61.43 -37.11 -42.78
CA PHE B 156 -61.35 -37.45 -44.19
C PHE B 156 -60.15 -38.34 -44.50
N THR B 157 -59.22 -38.49 -43.56
CA THR B 157 -58.12 -39.44 -43.76
C THR B 157 -58.61 -40.88 -43.66
N HIS B 158 -59.41 -41.18 -42.62
CA HIS B 158 -59.85 -42.54 -42.38
C HIS B 158 -60.97 -42.97 -43.33
N MET B 159 -61.76 -42.03 -43.84
CA MET B 159 -62.93 -42.39 -44.63
C MET B 159 -62.56 -42.89 -46.01
N SER B 160 -61.44 -42.43 -46.56
CA SER B 160 -61.07 -42.80 -47.92
C SER B 160 -60.34 -44.13 -47.99
N ILE B 161 -59.76 -44.59 -46.87
CA ILE B 161 -58.91 -45.77 -46.92
C ILE B 161 -59.73 -47.06 -46.90
N CYS B 162 -60.90 -46.98 -46.27
CA CYS B 162 -61.82 -48.08 -46.11
C CYS B 162 -63.21 -47.46 -46.34
N PRO B 163 -63.45 -47.06 -47.64
CA PRO B 163 -64.77 -46.50 -47.96
C PRO B 163 -65.89 -47.53 -47.98
N ASN B 164 -65.65 -48.73 -47.45
CA ASN B 164 -66.64 -49.81 -47.52
C ASN B 164 -67.93 -49.45 -46.78
N TYR B 165 -67.81 -49.10 -45.51
CA TYR B 165 -68.96 -49.07 -44.61
C TYR B 165 -69.35 -47.63 -44.29
N THR B 166 -70.41 -47.51 -43.48
CA THR B 166 -70.96 -46.23 -43.06
C THR B 166 -70.80 -46.09 -41.56
N ILE B 167 -70.64 -44.84 -41.11
CA ILE B 167 -70.43 -44.54 -39.70
C ILE B 167 -71.40 -43.44 -39.27
N SER B 168 -71.80 -43.50 -38.00
CA SER B 168 -72.60 -42.46 -37.37
C SER B 168 -72.05 -42.22 -35.97
N TYR B 169 -72.71 -41.36 -35.21
CA TYR B 169 -72.24 -40.97 -33.89
C TYR B 169 -73.43 -40.88 -32.95
N GLY B 170 -73.15 -40.52 -31.70
CA GLY B 170 -74.20 -40.27 -30.73
C GLY B 170 -73.67 -39.67 -29.44
N VAL B 171 -74.52 -38.93 -28.76
CA VAL B 171 -74.21 -38.41 -27.43
C VAL B 171 -74.62 -39.46 -26.41
N VAL B 172 -73.68 -39.84 -25.55
CA VAL B 172 -73.86 -40.97 -24.66
C VAL B 172 -73.70 -40.52 -23.21
N ALA B 173 -74.40 -41.21 -22.32
CA ALA B 173 -74.30 -40.97 -20.88
C ALA B 173 -74.60 -39.50 -20.55
N GLY B 174 -75.82 -39.09 -20.89
CA GLY B 174 -76.25 -37.73 -20.66
C GLY B 174 -77.56 -37.64 -19.89
N SER B 175 -77.56 -36.88 -18.80
CA SER B 175 -78.76 -36.69 -17.99
C SER B 175 -79.56 -35.50 -18.52
N SER B 176 -80.03 -35.64 -19.75
CA SER B 176 -80.84 -34.63 -20.41
C SER B 176 -80.08 -33.31 -20.55
N VAL B 177 -78.95 -33.38 -21.25
CA VAL B 177 -78.12 -32.21 -21.51
C VAL B 177 -78.53 -31.65 -22.87
N PRO B 178 -78.58 -30.33 -23.04
CA PRO B 178 -79.08 -29.76 -24.32
C PRO B 178 -78.05 -29.83 -25.45
N PHE B 179 -77.87 -31.03 -25.98
CA PHE B 179 -77.10 -31.26 -27.19
C PHE B 179 -77.78 -32.34 -28.01
N ALA B 180 -77.33 -32.49 -29.25
CA ALA B 180 -77.95 -33.43 -30.16
C ALA B 180 -76.91 -33.86 -31.19
N VAL B 181 -77.37 -34.63 -32.18
CA VAL B 181 -76.52 -35.09 -33.28
C VAL B 181 -77.39 -35.17 -34.54
N ASP B 182 -76.82 -34.74 -35.65
CA ASP B 182 -77.49 -34.83 -36.94
C ASP B 182 -77.15 -36.17 -37.57
N ASP B 183 -77.97 -36.59 -38.54
CA ASP B 183 -77.65 -37.79 -39.32
C ASP B 183 -77.41 -37.48 -40.78
N SER B 184 -78.04 -36.42 -41.30
CA SER B 184 -77.78 -36.01 -42.68
C SER B 184 -76.33 -35.60 -42.86
N THR B 185 -75.83 -34.72 -41.99
CA THR B 185 -74.45 -34.27 -42.02
C THR B 185 -73.71 -34.59 -40.74
N SER B 186 -74.26 -35.45 -39.88
CA SER B 186 -73.54 -35.96 -38.70
C SER B 186 -72.73 -34.86 -38.00
N GLU B 187 -73.39 -33.73 -37.76
CA GLU B 187 -72.79 -32.57 -37.12
C GLU B 187 -73.31 -32.47 -35.69
N LEU B 188 -72.42 -32.10 -34.76
CA LEU B 188 -72.85 -31.83 -33.40
C LEU B 188 -73.56 -30.48 -33.35
N VAL B 189 -74.78 -30.47 -32.80
CA VAL B 189 -75.62 -29.28 -32.80
C VAL B 189 -76.12 -29.03 -31.38
N VAL B 190 -76.46 -27.78 -31.10
CA VAL B 190 -77.01 -27.38 -29.82
C VAL B 190 -78.53 -27.30 -29.95
N THR B 191 -79.22 -27.76 -28.90
CA THR B 191 -80.66 -27.88 -28.98
C THR B 191 -81.34 -26.52 -28.99
N ALA B 192 -80.97 -25.62 -28.08
CA ALA B 192 -81.61 -24.33 -27.96
C ALA B 192 -80.74 -23.42 -27.10
N GLN B 193 -81.28 -22.25 -26.76
CA GLN B 193 -80.53 -21.26 -26.01
C GLN B 193 -80.20 -21.78 -24.62
N VAL B 194 -79.30 -21.06 -23.93
CA VAL B 194 -78.83 -21.43 -22.61
C VAL B 194 -78.55 -20.17 -21.81
N ASP B 195 -78.50 -20.32 -20.49
CA ASP B 195 -78.14 -19.24 -19.57
C ASP B 195 -76.92 -19.70 -18.78
N ARG B 196 -75.81 -18.98 -18.92
CA ARG B 196 -74.60 -19.33 -18.19
C ARG B 196 -74.84 -19.30 -16.70
N GLU B 197 -75.75 -18.44 -16.23
CA GLU B 197 -75.98 -18.32 -14.80
C GLU B 197 -76.61 -19.58 -14.22
N GLU B 198 -77.08 -20.50 -15.06
CA GLU B 198 -77.63 -21.77 -14.63
C GLU B 198 -76.58 -22.87 -14.59
N LYS B 199 -75.90 -23.13 -15.71
CA LYS B 199 -74.89 -24.17 -15.81
C LYS B 199 -73.63 -23.57 -16.43
N GLU B 200 -72.48 -23.92 -15.85
CA GLU B 200 -71.21 -23.33 -16.28
C GLU B 200 -70.40 -24.26 -17.17
N VAL B 201 -70.43 -25.57 -16.92
CA VAL B 201 -69.63 -26.53 -17.66
C VAL B 201 -70.54 -27.67 -18.12
N TYR B 202 -70.10 -28.35 -19.19
CA TYR B 202 -70.84 -29.47 -19.78
C TYR B 202 -69.88 -30.62 -20.03
N HIS B 203 -69.76 -31.53 -19.06
CA HIS B 203 -69.03 -32.76 -19.29
C HIS B 203 -69.81 -33.65 -20.25
N LEU B 204 -69.11 -34.21 -21.22
CA LEU B 204 -69.74 -34.99 -22.28
C LEU B 204 -69.06 -36.34 -22.41
N ASP B 205 -69.69 -37.21 -23.21
CA ASP B 205 -69.14 -38.54 -23.49
C ASP B 205 -69.72 -38.98 -24.83
N ILE B 206 -68.89 -38.97 -25.87
CA ILE B 206 -69.34 -39.19 -27.23
C ILE B 206 -68.81 -40.52 -27.73
N VAL B 207 -69.53 -41.09 -28.70
CA VAL B 207 -69.27 -42.44 -29.17
C VAL B 207 -69.24 -42.46 -30.70
N CYS B 208 -68.54 -43.45 -31.25
CA CYS B 208 -68.52 -43.71 -32.68
C CYS B 208 -69.36 -44.94 -32.98
N MET B 209 -70.37 -44.78 -33.83
CA MET B 209 -71.23 -45.89 -34.26
C MET B 209 -70.74 -46.40 -35.60
N VAL B 210 -70.06 -47.55 -35.56
CA VAL B 210 -69.50 -48.18 -36.75
C VAL B 210 -70.24 -49.49 -36.98
N ARG B 211 -70.44 -49.82 -38.26
CA ARG B 211 -71.06 -51.07 -38.66
C ARG B 211 -69.97 -52.03 -39.12
N THR B 212 -69.81 -53.13 -38.38
CA THR B 212 -68.77 -54.10 -38.66
C THR B 212 -69.36 -55.50 -38.63
N GLU B 213 -68.80 -56.39 -39.46
CA GLU B 213 -69.32 -57.74 -39.56
C GLU B 213 -69.11 -58.54 -38.28
N ARG B 214 -67.93 -58.41 -37.66
CA ARG B 214 -67.67 -59.16 -36.45
C ARG B 214 -68.66 -58.79 -35.34
N ASN B 215 -68.83 -57.50 -35.10
CA ASN B 215 -69.76 -57.01 -34.09
C ASN B 215 -69.81 -55.50 -34.18
N LEU B 216 -70.91 -54.93 -33.69
CA LEU B 216 -71.07 -53.49 -33.71
C LEU B 216 -70.01 -52.84 -32.82
N GLU B 217 -69.19 -51.97 -33.40
CA GLU B 217 -68.06 -51.37 -32.70
C GLU B 217 -68.47 -50.01 -32.13
N GLU B 218 -68.35 -49.87 -30.81
CA GLU B 218 -68.61 -48.61 -30.12
C GLU B 218 -67.35 -48.18 -29.37
N VAL B 219 -66.92 -46.96 -29.60
CA VAL B 219 -65.73 -46.40 -28.95
C VAL B 219 -66.11 -45.07 -28.32
N PHE B 220 -65.68 -44.87 -27.08
CA PHE B 220 -66.11 -43.75 -26.25
C PHE B 220 -64.97 -42.76 -26.10
N ARG B 221 -65.25 -41.50 -26.40
CA ARG B 221 -64.35 -40.39 -26.12
C ARG B 221 -65.10 -39.34 -25.32
N SER B 222 -64.34 -38.41 -24.72
CA SER B 222 -64.88 -37.43 -23.81
C SER B 222 -64.36 -36.03 -24.14
N LEU B 223 -65.16 -35.03 -23.78
CA LEU B 223 -64.81 -33.62 -23.94
C LEU B 223 -65.78 -32.81 -23.10
N HIS B 224 -65.56 -31.50 -23.06
CA HIS B 224 -66.49 -30.61 -22.37
C HIS B 224 -66.40 -29.21 -22.99
N VAL B 225 -67.56 -28.59 -23.19
CA VAL B 225 -67.66 -27.30 -23.82
C VAL B 225 -67.72 -26.22 -22.74
N ASN B 226 -67.35 -24.99 -23.12
CA ASN B 226 -67.31 -23.86 -22.21
C ASN B 226 -68.34 -22.82 -22.62
N ILE B 227 -68.70 -21.97 -21.66
CA ILE B 227 -69.74 -20.97 -21.82
C ILE B 227 -69.10 -19.59 -21.73
N TYR B 228 -69.64 -18.67 -22.53
CA TYR B 228 -69.18 -17.29 -22.58
C TYR B 228 -70.25 -16.38 -22.00
N ASP B 229 -69.88 -15.60 -20.98
CA ASP B 229 -70.82 -14.72 -20.31
C ASP B 229 -70.95 -13.39 -21.04
N GLU B 230 -72.19 -12.97 -21.22
CA GLU B 230 -72.52 -11.60 -21.59
C GLU B 230 -73.18 -10.93 -20.39
N ASP B 231 -72.97 -9.63 -20.23
CA ASP B 231 -73.45 -8.84 -19.06
C ASP B 231 -74.97 -8.71 -19.09
N ASP B 232 -75.71 -9.76 -18.72
CA ASP B 232 -77.17 -9.71 -18.65
C ASP B 232 -77.65 -9.66 -17.20
N ASN B 233 -76.76 -9.33 -16.26
CA ASN B 233 -77.11 -9.30 -14.84
C ASN B 233 -76.65 -7.97 -14.25
N SER B 234 -77.60 -7.24 -13.67
CA SER B 234 -77.33 -6.03 -12.92
C SER B 234 -77.00 -6.37 -11.48
N PRO B 235 -76.37 -5.46 -10.76
CA PRO B 235 -75.91 -5.76 -9.40
C PRO B 235 -77.04 -5.68 -8.39
N TYR B 236 -76.73 -6.07 -7.16
CA TYR B 236 -77.69 -5.99 -6.07
C TYR B 236 -76.90 -5.71 -4.80
N VAL B 237 -77.54 -5.94 -3.64
CA VAL B 237 -76.89 -5.67 -2.37
C VAL B 237 -77.39 -6.69 -1.34
N ASN B 238 -76.53 -7.00 -0.37
CA ASN B 238 -76.89 -7.74 0.83
C ASN B 238 -76.77 -6.78 2.01
N GLY B 239 -77.79 -6.76 2.85
CA GLY B 239 -77.74 -5.91 4.03
C GLY B 239 -78.24 -4.52 3.72
N THR B 240 -77.47 -3.52 4.12
CA THR B 240 -77.83 -2.11 3.95
C THR B 240 -76.85 -1.44 3.00
N ASP B 241 -77.11 -0.16 2.74
CA ASP B 241 -76.26 0.68 1.90
C ASP B 241 -75.74 1.87 2.69
N THR B 242 -75.39 1.64 3.95
CA THR B 242 -74.93 2.71 4.84
C THR B 242 -73.83 2.16 5.74
N GLU B 243 -72.98 3.07 6.22
CA GLU B 243 -71.86 2.70 7.08
C GLU B 243 -71.59 3.84 8.04
N ASP B 244 -71.10 3.48 9.23
CA ASP B 244 -70.77 4.46 10.26
C ASP B 244 -69.27 4.78 10.20
N VAL B 245 -68.95 6.07 10.24
CA VAL B 245 -67.58 6.54 10.17
C VAL B 245 -67.32 7.47 11.35
N LEU B 246 -66.10 7.43 11.88
CA LEU B 246 -65.72 8.26 13.01
C LEU B 246 -64.28 8.75 12.83
N VAL B 247 -64.05 10.01 13.18
CA VAL B 247 -62.73 10.63 13.06
C VAL B 247 -62.42 11.42 14.32
N GLU B 248 -61.70 10.81 15.27
CA GLU B 248 -61.37 11.47 16.53
C GLU B 248 -59.88 11.65 16.73
N PHE B 249 -59.10 10.57 16.73
CA PHE B 249 -57.69 10.62 17.04
C PHE B 249 -56.79 10.15 15.91
N ASP B 250 -57.35 9.61 14.83
CA ASP B 250 -56.59 9.20 13.65
C ASP B 250 -56.93 10.17 12.52
N ARG B 251 -56.01 11.11 12.24
CA ARG B 251 -56.22 12.10 11.19
C ARG B 251 -55.11 12.06 10.15
N SER B 252 -54.25 11.04 10.20
CA SER B 252 -53.21 10.89 9.18
C SER B 252 -53.83 10.48 7.85
N GLU B 253 -53.14 10.80 6.77
CA GLU B 253 -53.63 10.52 5.43
C GLU B 253 -53.44 9.05 5.09
N GLY B 254 -54.35 8.54 4.26
CA GLY B 254 -54.28 7.15 3.85
C GLY B 254 -54.85 6.17 4.85
N THR B 255 -55.60 6.64 5.84
CA THR B 255 -56.26 5.77 6.80
C THR B 255 -57.69 5.51 6.33
N VAL B 256 -58.20 4.34 6.70
CA VAL B 256 -59.47 3.86 6.18
C VAL B 256 -60.39 3.48 7.33
N PHE B 257 -61.68 3.77 7.17
CA PHE B 257 -62.69 3.49 8.18
C PHE B 257 -63.80 2.59 7.67
N GLY B 258 -64.34 2.87 6.48
CA GLY B 258 -65.57 2.23 6.04
C GLY B 258 -65.36 0.96 5.26
N THR B 259 -66.48 0.23 5.06
CA THR B 259 -66.49 -1.00 4.30
C THR B 259 -67.86 -1.17 3.68
N LEU B 260 -67.93 -1.12 2.35
CA LEU B 260 -69.17 -1.34 1.61
C LEU B 260 -68.88 -2.27 0.45
N PHE B 261 -69.85 -3.13 0.12
CA PHE B 261 -69.71 -4.09 -0.95
C PHE B 261 -70.86 -3.98 -1.94
N VAL B 262 -70.70 -4.67 -3.06
CA VAL B 262 -71.71 -4.80 -4.11
C VAL B 262 -71.45 -6.14 -4.80
N TYR B 263 -72.42 -6.62 -5.57
CA TYR B 263 -72.29 -7.88 -6.26
C TYR B 263 -72.85 -7.79 -7.66
N ASP B 264 -72.13 -8.36 -8.62
CA ASP B 264 -72.55 -8.47 -10.01
C ASP B 264 -72.45 -9.93 -10.40
N ARG B 265 -73.53 -10.49 -10.92
CA ARG B 265 -73.54 -11.91 -11.25
C ARG B 265 -72.65 -12.23 -12.43
N ASP B 266 -72.16 -11.22 -13.12
CA ASP B 266 -71.34 -11.41 -14.31
C ASP B 266 -69.91 -11.73 -13.88
N THR B 267 -69.00 -11.80 -14.86
CA THR B 267 -67.59 -12.02 -14.61
C THR B 267 -66.78 -10.85 -15.15
N THR B 268 -65.71 -10.53 -14.45
CA THR B 268 -64.87 -9.36 -14.76
C THR B 268 -63.48 -9.80 -15.17
N PRO B 269 -63.21 -9.97 -16.47
CA PRO B 269 -61.85 -10.33 -16.89
C PRO B 269 -60.86 -9.27 -16.45
N VAL B 270 -59.68 -9.72 -16.00
CA VAL B 270 -58.64 -8.77 -15.65
C VAL B 270 -57.77 -8.44 -16.87
N TYR B 271 -57.65 -9.38 -17.80
CA TYR B 271 -56.83 -9.24 -18.99
C TYR B 271 -57.69 -9.52 -20.23
N PRO B 272 -57.56 -8.70 -21.29
CA PRO B 272 -56.73 -7.50 -21.43
C PRO B 272 -57.24 -6.32 -20.61
N THR B 273 -56.36 -5.36 -20.34
CA THR B 273 -56.66 -4.25 -19.46
C THR B 273 -57.37 -3.10 -20.18
N ASN B 274 -57.50 -3.16 -21.51
CA ASN B 274 -58.14 -2.12 -22.29
C ASN B 274 -59.64 -2.34 -22.45
N GLN B 275 -60.24 -3.15 -21.60
CA GLN B 275 -61.65 -3.53 -21.71
C GLN B 275 -62.51 -2.69 -20.78
N VAL B 276 -63.81 -2.95 -20.84
CA VAL B 276 -64.80 -2.21 -20.05
C VAL B 276 -65.81 -3.11 -19.36
N GLN B 277 -65.74 -4.44 -19.56
CA GLN B 277 -66.81 -5.31 -19.11
C GLN B 277 -66.87 -5.41 -17.60
N ASN B 278 -68.08 -5.25 -17.05
CA ASN B 278 -68.35 -5.39 -15.62
C ASN B 278 -67.30 -4.69 -14.77
N LYS B 279 -66.78 -3.58 -15.25
CA LYS B 279 -65.87 -2.74 -14.48
C LYS B 279 -66.67 -1.52 -14.04
N LEU B 280 -66.74 -1.30 -12.73
CA LEU B 280 -67.62 -0.29 -12.18
C LEU B 280 -66.90 1.04 -12.06
N VAL B 281 -67.50 2.08 -12.64
CA VAL B 281 -67.03 3.45 -12.49
C VAL B 281 -67.90 4.14 -11.44
N GLY B 282 -67.25 4.76 -10.46
CA GLY B 282 -67.93 5.47 -9.39
C GLY B 282 -67.74 6.97 -9.53
N THR B 283 -68.84 7.71 -9.41
CA THR B 283 -68.84 9.16 -9.48
C THR B 283 -69.39 9.76 -8.20
N LEU B 284 -68.79 10.85 -7.75
CA LEU B 284 -69.28 11.61 -6.61
C LEU B 284 -70.11 12.78 -7.10
N MET B 285 -71.07 13.21 -6.28
CA MET B 285 -71.89 14.38 -6.58
C MET B 285 -71.87 15.38 -5.43
N THR B 286 -70.69 15.61 -4.86
CA THR B 286 -70.50 16.64 -3.85
C THR B 286 -69.58 17.73 -4.40
N ASN B 287 -69.92 18.98 -4.09
CA ASN B 287 -69.18 20.12 -4.59
C ASN B 287 -68.33 20.82 -3.53
N ASP B 288 -68.51 20.46 -2.25
CA ASP B 288 -67.70 21.05 -1.20
C ASP B 288 -66.22 20.82 -1.48
N SER B 289 -65.45 21.90 -1.47
CA SER B 289 -64.02 21.80 -1.75
C SER B 289 -63.26 21.19 -0.57
N TRP B 290 -63.64 21.55 0.65
CA TRP B 290 -62.97 21.02 1.83
C TRP B 290 -63.09 19.49 1.89
N ILE B 291 -64.33 18.99 1.80
CA ILE B 291 -64.55 17.55 1.90
C ILE B 291 -63.88 16.83 0.74
N LYS B 292 -64.15 17.30 -0.48
CA LYS B 292 -63.61 16.64 -1.67
C LYS B 292 -62.10 16.65 -1.67
N ASN B 293 -61.50 17.79 -1.31
CA ASN B 293 -60.04 17.90 -1.28
C ASN B 293 -59.43 17.12 -0.11
N ASN B 294 -60.23 16.72 0.87
CA ASN B 294 -59.71 16.09 2.07
C ASN B 294 -59.97 14.59 2.16
N PHE B 295 -60.95 14.08 1.42
CA PHE B 295 -61.38 12.70 1.57
C PHE B 295 -61.11 11.90 0.29
N ALA B 296 -60.94 10.59 0.47
CA ALA B 296 -60.53 9.70 -0.61
C ALA B 296 -61.40 8.45 -0.63
N ILE B 297 -61.58 7.89 -1.81
CA ILE B 297 -62.31 6.64 -2.00
C ILE B 297 -61.36 5.58 -2.54
N GLU B 298 -61.65 4.33 -2.20
CA GLU B 298 -60.87 3.18 -2.62
C GLU B 298 -61.73 2.19 -3.38
N HIS B 299 -61.16 1.57 -4.41
CA HIS B 299 -61.82 0.57 -5.23
C HIS B 299 -60.93 -0.67 -5.31
N LYS B 300 -61.54 -1.84 -5.15
CA LYS B 300 -60.80 -3.11 -5.17
C LYS B 300 -61.81 -4.22 -5.37
N PHE B 301 -61.63 -5.03 -6.42
CA PHE B 301 -62.63 -6.04 -6.77
C PHE B 301 -61.95 -7.37 -7.04
N ARG B 302 -62.55 -8.43 -6.52
CA ARG B 302 -62.17 -9.82 -6.74
C ARG B 302 -63.38 -10.56 -7.29
N GLU B 303 -63.27 -11.88 -7.38
CA GLU B 303 -64.38 -12.71 -7.83
C GLU B 303 -64.51 -13.91 -6.91
N GLU B 304 -65.76 -14.33 -6.68
CA GLU B 304 -66.07 -15.42 -5.78
C GLU B 304 -66.89 -16.46 -6.51
N LYS B 305 -66.96 -17.66 -5.91
CA LYS B 305 -67.61 -18.80 -6.53
C LYS B 305 -68.55 -19.55 -5.60
N ALA B 306 -68.62 -19.19 -4.32
CA ALA B 306 -69.29 -20.00 -3.31
C ALA B 306 -70.62 -19.42 -2.84
N ILE B 307 -71.13 -18.37 -3.48
CA ILE B 307 -72.36 -17.74 -3.02
C ILE B 307 -73.31 -17.51 -4.18
N PHE B 308 -73.06 -18.18 -5.31
CA PHE B 308 -73.92 -18.07 -6.48
C PHE B 308 -74.25 -19.46 -7.01
N GLY B 309 -74.53 -20.39 -6.11
CA GLY B 309 -74.73 -21.77 -6.51
C GLY B 309 -73.49 -22.43 -7.05
N ASN B 310 -72.34 -22.19 -6.43
CA ASN B 310 -71.07 -22.74 -6.89
C ASN B 310 -70.73 -22.25 -8.30
N VAL B 311 -71.14 -21.03 -8.62
CA VAL B 311 -70.88 -20.42 -9.91
C VAL B 311 -69.95 -19.23 -9.71
N ARG B 312 -69.11 -18.98 -10.71
CA ARG B 312 -68.11 -17.93 -10.63
C ARG B 312 -68.79 -16.57 -10.74
N GLY B 313 -68.71 -15.79 -9.67
CA GLY B 313 -69.35 -14.49 -9.63
C GLY B 313 -68.38 -13.41 -9.19
N THR B 314 -68.74 -12.18 -9.52
CA THR B 314 -67.91 -11.02 -9.25
C THR B 314 -68.39 -10.30 -8.00
N VAL B 315 -67.44 -9.68 -7.29
CA VAL B 315 -67.76 -8.90 -6.10
C VAL B 315 -66.89 -7.65 -6.05
N HIS B 316 -67.51 -6.49 -6.25
CA HIS B 316 -66.81 -5.23 -6.04
C HIS B 316 -66.75 -4.89 -4.55
N GLU B 317 -65.91 -3.90 -4.22
CA GLU B 317 -65.77 -3.44 -2.86
C GLU B 317 -65.45 -1.95 -2.88
N TYR B 318 -65.79 -1.27 -1.78
CA TYR B 318 -65.56 0.16 -1.65
C TYR B 318 -65.35 0.49 -0.18
N LYS B 319 -64.37 1.34 0.09
CA LYS B 319 -64.05 1.73 1.46
C LYS B 319 -63.58 3.18 1.46
N LEU B 320 -63.68 3.80 2.63
CA LEU B 320 -63.39 5.22 2.81
C LEU B 320 -61.92 5.43 3.17
N LYS B 321 -61.40 6.59 2.76
CA LYS B 321 -60.02 6.93 3.09
C LYS B 321 -59.84 8.44 3.04
N LEU B 322 -58.81 8.91 3.74
CA LEU B 322 -58.46 10.32 3.77
C LEU B 322 -57.44 10.65 2.69
N SER B 323 -57.36 11.94 2.36
CA SER B 323 -56.45 12.42 1.33
C SER B 323 -55.20 13.06 1.92
N GLN B 324 -55.37 14.07 2.78
CA GLN B 324 -54.26 14.79 3.38
C GLN B 324 -54.45 14.84 4.89
N ASN B 325 -53.41 15.31 5.57
CA ASN B 325 -53.34 15.19 7.03
C ASN B 325 -53.95 16.42 7.68
N LEU B 326 -54.94 16.17 8.53
CA LEU B 326 -55.99 17.11 8.88
C LEU B 326 -55.66 17.87 10.17
N SER B 327 -56.36 18.98 10.37
CA SER B 327 -56.16 19.84 11.52
C SER B 327 -56.83 19.24 12.75
N VAL B 328 -56.62 19.90 13.89
CA VAL B 328 -57.11 19.43 15.17
C VAL B 328 -58.22 20.29 15.74
N THR B 329 -58.65 21.32 15.02
CA THR B 329 -59.61 22.28 15.53
C THR B 329 -60.87 22.35 14.66
N GLU B 330 -61.18 21.29 13.93
CA GLU B 330 -62.32 21.26 13.04
C GLU B 330 -63.40 20.35 13.59
N GLN B 331 -64.62 20.56 13.09
CA GLN B 331 -65.76 19.76 13.51
C GLN B 331 -66.84 19.87 12.44
N ARG B 332 -67.20 18.74 11.86
CA ARG B 332 -68.24 18.71 10.83
C ARG B 332 -68.95 17.37 10.87
N SER B 333 -70.19 17.38 10.37
CA SER B 333 -71.01 16.18 10.29
C SER B 333 -71.88 16.29 9.05
N PHE B 334 -71.91 15.24 8.25
CA PHE B 334 -72.55 15.29 6.95
C PHE B 334 -72.75 13.87 6.44
N LEU B 335 -73.31 13.74 5.25
CA LEU B 335 -73.53 12.46 4.60
C LEU B 335 -72.92 12.53 3.20
N LEU B 336 -72.08 11.56 2.88
CA LEU B 336 -71.50 11.43 1.55
C LEU B 336 -72.23 10.34 0.77
N GLY B 337 -72.63 10.67 -0.45
CA GLY B 337 -73.32 9.72 -1.30
C GLY B 337 -72.50 9.44 -2.53
N TYR B 338 -72.13 8.19 -2.75
CA TYR B 338 -71.23 7.82 -3.83
C TYR B 338 -71.92 6.78 -4.71
N LEU B 339 -71.99 7.08 -6.00
CA LEU B 339 -72.79 6.33 -6.96
C LEU B 339 -71.92 5.38 -7.76
N VAL B 340 -72.56 4.38 -8.35
CA VAL B 340 -71.88 3.38 -9.18
C VAL B 340 -72.78 3.05 -10.36
N ASN B 341 -72.17 2.77 -11.51
CA ASN B 341 -72.92 2.51 -12.74
C ASN B 341 -72.20 1.42 -13.53
N ASP B 342 -72.89 0.32 -13.81
CA ASP B 342 -72.35 -0.77 -14.60
C ASP B 342 -72.62 -0.45 -16.07
N THR B 343 -71.69 0.26 -16.71
CA THR B 343 -71.90 0.83 -18.04
C THR B 343 -72.12 -0.24 -19.10
N THR B 344 -71.78 -1.50 -18.83
CA THR B 344 -71.91 -2.56 -19.85
C THR B 344 -73.29 -3.23 -19.79
N PHE B 345 -74.22 -2.72 -18.97
CA PHE B 345 -75.55 -3.30 -18.90
C PHE B 345 -76.50 -2.45 -19.72
N PRO B 346 -76.97 -2.92 -20.89
CA PRO B 346 -77.94 -2.14 -21.68
C PRO B 346 -79.36 -2.27 -21.15
N GLY B 347 -79.55 -1.89 -19.88
CA GLY B 347 -80.85 -1.94 -19.26
C GLY B 347 -81.22 -0.62 -18.60
N PRO B 348 -82.50 -0.46 -18.26
CA PRO B 348 -82.93 0.81 -17.64
C PRO B 348 -82.18 1.14 -16.36
N GLU B 349 -81.90 0.14 -15.53
CA GLU B 349 -81.29 0.33 -14.23
C GLU B 349 -79.96 -0.40 -14.19
N GLY B 350 -78.89 0.33 -13.92
CA GLY B 350 -77.57 -0.25 -13.82
C GLY B 350 -76.72 0.35 -12.71
N THR B 351 -77.37 0.82 -11.63
CA THR B 351 -76.69 1.57 -10.59
C THR B 351 -77.17 1.11 -9.22
N VAL B 352 -76.53 1.64 -8.18
CA VAL B 352 -76.96 1.50 -6.80
C VAL B 352 -76.64 2.80 -6.08
N LEU B 353 -76.95 2.85 -4.79
CA LEU B 353 -76.73 4.04 -3.98
C LEU B 353 -76.07 3.65 -2.67
N LEU B 354 -74.97 4.32 -2.34
CA LEU B 354 -74.29 4.17 -1.07
C LEU B 354 -74.53 5.41 -0.22
N HIS B 355 -74.07 5.34 1.03
CA HIS B 355 -74.16 6.48 1.93
C HIS B 355 -73.16 6.28 3.07
N PHE B 356 -72.43 7.34 3.38
CA PHE B 356 -71.44 7.33 4.45
C PHE B 356 -71.92 8.23 5.58
N ASN B 357 -71.65 7.81 6.81
CA ASN B 357 -72.04 8.54 8.02
C ASN B 357 -70.76 9.09 8.63
N VAL B 358 -70.34 10.26 8.18
CA VAL B 358 -69.08 10.86 8.58
C VAL B 358 -69.32 11.77 9.77
N THR B 359 -68.44 11.65 10.77
CA THR B 359 -68.50 12.48 11.98
C THR B 359 -67.07 12.94 12.30
N VAL B 360 -66.75 14.16 11.91
CA VAL B 360 -65.44 14.74 12.15
C VAL B 360 -65.51 15.57 13.43
N LEU B 361 -64.63 15.29 14.37
CA LEU B 361 -64.60 15.94 15.67
C LEU B 361 -63.24 16.55 15.94
N PRO B 362 -63.17 17.59 16.77
CA PRO B 362 -61.89 18.17 17.15
C PRO B 362 -61.34 17.51 18.41
N VAL B 363 -60.11 17.89 18.76
CA VAL B 363 -59.43 17.32 19.91
C VAL B 363 -58.88 18.43 20.80
N PRO B 364 -58.98 18.30 22.12
CA PRO B 364 -58.34 19.28 23.00
C PRO B 364 -56.90 18.91 23.35
N ILE B 365 -55.96 19.81 23.06
CA ILE B 365 -54.56 19.61 23.45
C ILE B 365 -54.39 20.32 24.79
N ARG B 366 -54.62 19.58 25.87
CA ARG B 366 -54.47 20.13 27.20
C ARG B 366 -53.98 19.05 28.16
N PHE B 367 -53.36 19.49 29.23
CA PHE B 367 -52.91 18.58 30.28
C PHE B 367 -54.06 18.28 31.23
N SER B 368 -53.86 17.31 32.09
CA SER B 368 -54.87 16.95 33.07
C SER B 368 -54.91 17.97 34.20
N ASN B 369 -56.00 17.93 34.97
CA ASN B 369 -56.08 18.77 36.15
C ASN B 369 -54.93 18.48 37.11
N VAL B 370 -54.39 17.28 37.06
CA VAL B 370 -53.25 16.92 37.90
C VAL B 370 -51.95 17.40 37.23
N THR B 371 -50.91 17.49 38.04
CA THR B 371 -49.60 17.91 37.59
C THR B 371 -48.69 16.71 37.41
N TYR B 372 -47.43 16.98 37.08
CA TYR B 372 -46.39 15.97 37.00
C TYR B 372 -45.32 16.32 38.01
N SER B 373 -45.19 15.50 39.06
CA SER B 373 -44.20 15.71 40.11
C SER B 373 -43.38 14.44 40.23
N PHE B 374 -42.29 14.37 39.48
CA PHE B 374 -41.40 13.22 39.54
C PHE B 374 -40.47 13.33 40.74
N THR B 375 -39.45 12.49 40.76
CA THR B 375 -38.48 12.43 41.85
C THR B 375 -37.41 11.44 41.43
N VAL B 376 -36.26 11.51 42.10
CA VAL B 376 -35.14 10.62 41.84
C VAL B 376 -34.81 9.87 43.13
N SER B 377 -34.79 8.54 43.04
CA SER B 377 -34.55 7.72 44.22
C SER B 377 -33.15 7.99 44.79
N GLN B 378 -32.12 7.78 43.97
CA GLN B 378 -30.74 7.92 44.44
C GLN B 378 -29.90 8.74 43.49
N LYS B 379 -28.60 8.76 43.75
CA LYS B 379 -27.66 9.58 43.01
C LYS B 379 -27.34 8.91 41.67
N ALA B 380 -27.66 9.61 40.59
CA ALA B 380 -27.86 9.00 39.28
C ALA B 380 -26.69 9.28 38.35
N THR B 381 -26.87 8.88 37.09
CA THR B 381 -25.86 9.01 36.05
C THR B 381 -26.46 9.67 34.83
N THR B 382 -25.58 10.04 33.91
CA THR B 382 -25.99 10.74 32.71
C THR B 382 -26.86 9.85 31.83
N TYR B 383 -27.76 10.47 31.09
CA TYR B 383 -28.61 9.78 30.11
C TYR B 383 -29.49 8.72 30.78
N SER B 384 -29.89 8.99 32.02
CA SER B 384 -30.84 8.15 32.71
C SER B 384 -32.26 8.46 32.22
N GLN B 385 -33.25 7.98 32.96
CA GLN B 385 -34.65 8.23 32.63
C GLN B 385 -35.46 8.18 33.90
N ILE B 386 -36.32 9.17 34.11
CA ILE B 386 -37.16 9.25 35.30
C ILE B 386 -38.63 9.14 34.94
N GLY B 387 -39.14 10.05 34.13
CA GLY B 387 -40.57 10.10 33.88
C GLY B 387 -40.89 10.51 32.46
N LYS B 388 -42.02 10.04 31.97
CA LYS B 388 -42.61 10.47 30.72
C LYS B 388 -43.67 11.54 30.99
N VAL B 389 -43.96 12.33 29.97
CA VAL B 389 -44.99 13.36 30.05
C VAL B 389 -45.75 13.39 28.74
N CYS B 390 -47.08 13.38 28.83
CA CYS B 390 -47.91 13.40 27.64
C CYS B 390 -49.24 14.08 27.98
N VAL B 391 -49.84 14.68 26.96
CA VAL B 391 -51.16 15.29 27.11
C VAL B 391 -52.19 14.18 27.21
N GLU B 392 -53.43 14.54 27.55
CA GLU B 392 -54.47 13.53 27.69
C GLU B 392 -54.73 12.85 26.36
N ASN B 393 -54.99 11.54 26.43
CA ASN B 393 -55.22 10.72 25.23
C ASN B 393 -54.00 10.76 24.31
N CYS B 394 -52.82 10.52 24.88
CA CYS B 394 -51.58 10.63 24.13
C CYS B 394 -51.28 9.38 23.32
N GLN B 395 -51.70 8.21 23.78
CA GLN B 395 -51.43 6.99 23.04
C GLN B 395 -52.15 6.97 21.70
N LYS B 396 -53.37 7.51 21.65
CA LYS B 396 -54.23 7.35 20.48
C LYS B 396 -53.94 8.37 19.39
N PHE B 397 -53.02 9.31 19.59
CA PHE B 397 -52.73 10.27 18.53
C PHE B 397 -52.13 9.57 17.31
N LYS B 398 -52.37 10.17 16.13
CA LYS B 398 -51.85 9.69 14.86
C LYS B 398 -51.94 10.94 13.96
N GLY B 399 -50.88 11.25 13.21
CA GLY B 399 -50.91 12.45 12.40
C GLY B 399 -50.71 13.73 13.20
N ILE B 400 -50.35 13.62 14.47
CA ILE B 400 -50.20 14.75 15.37
C ILE B 400 -48.75 14.78 15.82
N ASP B 401 -48.02 15.82 15.43
CA ASP B 401 -46.65 16.01 15.85
C ASP B 401 -46.61 17.10 16.92
N VAL B 402 -45.95 16.79 18.04
CA VAL B 402 -45.95 17.66 19.20
C VAL B 402 -44.52 17.84 19.70
N THR B 403 -44.18 19.07 20.06
CA THR B 403 -42.88 19.41 20.63
C THR B 403 -43.06 19.79 22.09
N TYR B 404 -42.12 19.37 22.92
CA TYR B 404 -42.17 19.58 24.36
C TYR B 404 -40.96 20.40 24.79
N GLN B 405 -41.21 21.39 25.65
CA GLN B 405 -40.15 22.20 26.22
C GLN B 405 -40.43 22.43 27.69
N LEU B 406 -39.44 23.02 28.36
CA LEU B 406 -39.54 23.29 29.78
C LEU B 406 -38.74 24.55 30.09
N GLU B 407 -39.10 25.23 31.17
CA GLU B 407 -38.44 26.48 31.54
C GLU B 407 -38.44 26.62 33.04
N ILE B 408 -37.52 27.44 33.53
CA ILE B 408 -37.37 27.69 34.96
C ILE B 408 -38.41 28.71 35.40
N VAL B 409 -38.75 28.67 36.69
CA VAL B 409 -39.68 29.64 37.25
C VAL B 409 -38.94 30.84 37.83
N ASP B 410 -37.84 30.60 38.55
CA ASP B 410 -37.02 31.68 39.08
C ASP B 410 -36.10 32.17 37.97
N ARG B 411 -36.45 33.31 37.38
CA ARG B 411 -35.77 33.75 36.15
C ARG B 411 -34.31 34.09 36.42
N ASN B 412 -34.07 35.07 37.30
CA ASN B 412 -32.72 35.61 37.50
C ASN B 412 -32.37 35.60 38.98
N ILE B 413 -31.31 34.88 39.32
CA ILE B 413 -30.72 34.85 40.65
C ILE B 413 -29.21 34.75 40.48
N THR B 414 -28.48 34.87 41.59
CA THR B 414 -27.04 34.64 41.60
C THR B 414 -26.68 33.48 40.67
N ALA B 415 -25.54 33.62 39.99
CA ALA B 415 -25.12 32.58 39.06
C ALA B 415 -24.89 31.26 39.76
N GLU B 416 -24.28 31.29 40.94
CA GLU B 416 -24.04 30.06 41.70
C GLU B 416 -25.34 29.27 41.87
N ALA B 417 -26.44 29.96 42.18
CA ALA B 417 -27.72 29.29 42.30
C ALA B 417 -28.31 28.98 40.93
N GLN B 418 -27.90 29.72 39.90
CA GLN B 418 -28.37 29.43 38.55
C GLN B 418 -27.86 28.10 38.03
N SER B 419 -26.68 27.68 38.48
CA SER B 419 -26.11 26.43 38.01
C SER B 419 -27.03 25.25 38.30
N CYS B 420 -27.77 25.30 39.41
CA CYS B 420 -28.56 24.15 39.84
C CYS B 420 -29.63 23.75 38.83
N TYR B 421 -29.82 24.50 37.76
CA TYR B 421 -30.73 24.10 36.69
C TYR B 421 -29.97 23.51 35.49
N TRP B 422 -28.85 22.84 35.76
CA TRP B 422 -28.10 22.12 34.74
C TRP B 422 -28.17 20.61 34.92
N ALA B 423 -28.97 20.13 35.88
CA ALA B 423 -29.06 18.71 36.21
C ALA B 423 -30.28 18.05 35.59
N VAL B 424 -30.83 18.62 34.53
CA VAL B 424 -32.04 18.11 33.91
C VAL B 424 -32.04 18.49 32.44
N SER B 425 -32.75 17.70 31.64
CA SER B 425 -32.86 17.91 30.22
C SER B 425 -34.19 17.33 29.74
N LEU B 426 -34.31 17.15 28.44
CA LEU B 426 -35.52 16.62 27.84
C LEU B 426 -35.19 15.92 26.54
N ALA B 427 -36.09 15.05 26.11
CA ALA B 427 -36.00 14.38 24.82
C ALA B 427 -37.37 14.36 24.18
N GLN B 428 -37.40 13.97 22.90
CA GLN B 428 -38.63 13.96 22.12
C GLN B 428 -38.69 12.70 21.27
N ASN B 429 -39.86 12.03 21.28
CA ASN B 429 -40.07 10.80 20.56
C ASN B 429 -41.36 10.92 19.73
N PRO B 430 -41.21 10.92 18.38
CA PRO B 430 -42.41 11.04 17.56
C PRO B 430 -43.22 9.76 17.47
N ASN B 431 -42.62 8.61 17.80
CA ASN B 431 -43.38 7.36 17.82
C ASN B 431 -44.56 7.43 18.76
N ASP B 432 -44.28 7.57 20.06
CA ASP B 432 -45.31 7.53 21.08
C ASP B 432 -45.93 8.90 21.34
N ASN B 433 -45.39 9.96 20.75
CA ASN B 433 -45.91 11.31 20.92
C ASN B 433 -45.93 11.71 22.40
N THR B 434 -44.75 11.60 23.01
CA THR B 434 -44.58 11.95 24.42
C THR B 434 -43.22 12.62 24.59
N GLY B 435 -42.80 12.78 25.82
CA GLY B 435 -41.54 13.42 26.13
C GLY B 435 -40.82 12.74 27.26
N VAL B 436 -39.56 12.42 27.05
CA VAL B 436 -38.76 11.69 28.02
C VAL B 436 -37.86 12.67 28.76
N LEU B 437 -37.65 12.40 30.04
CA LEU B 437 -36.89 13.29 30.91
C LEU B 437 -35.66 12.54 31.41
N TYR B 438 -34.48 13.13 31.18
CA TYR B 438 -33.22 12.51 31.57
C TYR B 438 -32.27 13.55 32.12
N VAL B 439 -31.49 13.15 33.12
CA VAL B 439 -30.48 14.03 33.70
C VAL B 439 -29.37 14.27 32.68
N ASN B 440 -28.64 15.35 32.88
CA ASN B 440 -27.54 15.74 32.00
C ASN B 440 -26.22 15.88 32.75
N ASP B 441 -26.20 16.56 33.89
CA ASP B 441 -25.00 16.79 34.67
C ASP B 441 -25.17 16.27 36.09
N THR B 442 -24.05 15.85 36.66
CA THR B 442 -24.01 15.30 38.01
C THR B 442 -23.19 16.14 38.98
N LYS B 443 -22.29 16.98 38.48
CA LYS B 443 -21.51 17.85 39.34
C LYS B 443 -22.36 18.94 39.96
N VAL B 444 -23.64 19.00 39.60
CA VAL B 444 -24.51 20.06 40.10
C VAL B 444 -25.19 19.61 41.39
N LEU B 445 -25.47 18.32 41.53
CA LEU B 445 -26.28 17.81 42.62
C LEU B 445 -25.59 17.91 43.97
N ARG B 446 -24.29 18.24 43.99
CA ARG B 446 -23.52 18.17 45.22
C ARG B 446 -23.84 19.34 46.15
N ARG B 447 -24.48 20.37 45.59
CA ARG B 447 -24.89 21.51 46.37
C ARG B 447 -26.30 21.26 46.95
N PRO B 448 -26.55 21.80 48.17
CA PRO B 448 -27.91 21.64 48.71
C PRO B 448 -28.93 22.56 48.09
N GLU B 449 -28.51 23.51 47.25
CA GLU B 449 -29.48 24.42 46.63
C GLU B 449 -30.22 23.73 45.51
N CYS B 450 -29.57 22.78 44.82
CA CYS B 450 -30.18 22.02 43.74
C CYS B 450 -31.24 21.04 44.23
N GLN B 451 -31.32 20.80 45.54
CA GLN B 451 -32.16 19.72 46.05
C GLN B 451 -33.60 19.89 45.61
N GLU B 452 -34.02 21.12 45.31
CA GLU B 452 -35.36 21.39 44.85
C GLU B 452 -35.29 22.26 43.60
N LEU B 453 -36.08 21.90 42.59
CA LEU B 453 -36.17 22.66 41.36
C LEU B 453 -37.63 22.78 40.96
N GLU B 454 -37.89 23.73 40.06
CA GLU B 454 -39.24 23.96 39.57
C GLU B 454 -39.16 24.38 38.12
N TYR B 455 -39.93 23.70 37.28
CA TYR B 455 -39.96 23.97 35.85
C TYR B 455 -41.39 24.17 35.40
N VAL B 456 -41.54 24.87 34.29
CA VAL B 456 -42.84 25.07 33.64
C VAL B 456 -42.75 24.37 32.30
N VAL B 457 -43.41 23.20 32.20
CA VAL B 457 -43.35 22.45 30.97
C VAL B 457 -44.19 23.13 29.91
N ILE B 458 -43.73 23.05 28.67
CA ILE B 458 -44.39 23.69 27.54
C ILE B 458 -44.67 22.63 26.48
N ALA B 459 -45.90 22.62 25.97
CA ALA B 459 -46.31 21.73 24.90
C ALA B 459 -46.82 22.58 23.75
N GLN B 460 -46.22 22.42 22.58
CA GLN B 460 -46.54 23.25 21.43
C GLN B 460 -46.85 22.35 20.24
N GLU B 461 -48.12 22.30 19.85
CA GLU B 461 -48.49 21.62 18.63
C GLU B 461 -47.96 22.40 17.43
N GLN B 462 -47.42 21.66 16.45
CA GLN B 462 -46.69 22.30 15.36
C GLN B 462 -47.62 23.08 14.44
N GLN B 463 -48.72 22.46 14.01
CA GLN B 463 -49.54 23.04 12.97
C GLN B 463 -50.29 24.27 13.46
N ASN B 464 -50.83 24.21 14.68
CA ASN B 464 -51.71 25.23 15.21
C ASN B 464 -51.02 26.16 16.21
N LYS B 465 -49.85 25.78 16.71
CA LYS B 465 -49.09 26.61 17.64
C LYS B 465 -49.81 26.77 18.97
N LEU B 466 -50.69 25.83 19.28
CA LEU B 466 -51.35 25.83 20.58
C LEU B 466 -50.33 25.58 21.69
N GLN B 467 -50.69 25.97 22.90
CA GLN B 467 -49.80 25.89 24.05
C GLN B 467 -50.56 25.35 25.26
N ALA B 468 -49.80 24.75 26.17
CA ALA B 468 -50.34 24.22 27.41
C ALA B 468 -49.19 23.93 28.35
N LYS B 469 -49.35 24.28 29.61
CA LYS B 469 -48.28 24.08 30.57
C LYS B 469 -48.78 23.82 31.97
N THR B 470 -47.88 23.28 32.77
CA THR B 470 -48.15 23.00 34.17
C THR B 470 -46.86 23.24 34.95
N GLN B 471 -46.84 22.85 36.21
CA GLN B 471 -45.69 23.05 37.07
C GLN B 471 -45.05 21.70 37.40
N LEU B 472 -43.74 21.62 37.22
CA LEU B 472 -42.98 20.42 37.53
C LEU B 472 -41.97 20.71 38.62
N THR B 473 -41.85 19.79 39.56
CA THR B 473 -40.85 19.88 40.63
C THR B 473 -40.05 18.59 40.66
N VAL B 474 -38.74 18.73 40.83
CA VAL B 474 -37.82 17.60 40.86
C VAL B 474 -36.96 17.70 42.12
N SER B 475 -36.95 16.64 42.90
CA SER B 475 -36.24 16.61 44.17
C SER B 475 -35.31 15.40 44.20
N PHE B 476 -34.04 15.65 44.50
CA PHE B 476 -33.05 14.61 44.71
C PHE B 476 -32.75 14.49 46.19
N GLN B 477 -32.86 13.26 46.72
CA GLN B 477 -32.60 13.00 48.14
C GLN B 477 -31.54 11.92 48.32
N GLY B 478 -30.69 11.70 47.32
CA GLY B 478 -29.63 10.72 47.42
C GLY B 478 -28.31 11.33 47.83
N GLU B 479 -27.91 11.11 49.08
CA GLU B 479 -26.66 11.66 49.58
C GLU B 479 -25.47 10.93 48.95
N ALA B 480 -24.35 11.64 48.84
CA ALA B 480 -23.17 11.06 48.21
C ALA B 480 -22.51 10.06 49.13
N ASP B 481 -22.36 8.82 48.64
CA ASP B 481 -21.70 7.87 49.41
C ASP B 481 -20.29 7.88 48.89
N SER B 482 -19.43 8.72 49.51
CA SER B 482 -17.97 8.79 49.39
C SER B 482 -17.51 8.50 47.97
N LEU B 483 -17.94 9.36 47.04
CA LEU B 483 -17.57 9.23 45.63
C LEU B 483 -17.27 10.58 44.99
N ARG B 484 -16.76 11.54 45.76
CA ARG B 484 -16.46 12.85 45.20
C ARG B 484 -15.28 12.79 44.24
N THR B 485 -14.34 11.87 44.47
CA THR B 485 -13.11 11.84 43.67
C THR B 485 -13.41 11.69 42.19
N ASP B 486 -14.52 11.03 41.84
CA ASP B 486 -14.82 10.74 40.45
C ASP B 486 -15.28 12.01 39.73
N GLU B 487 -14.55 12.38 38.69
CA GLU B 487 -14.92 13.51 37.85
C GLU B 487 -15.94 13.04 36.82
N PRO B 488 -16.47 13.96 35.99
CA PRO B 488 -17.49 13.54 35.02
C PRO B 488 -16.94 12.65 33.93
N ARG B 489 -16.64 11.40 34.29
CA ARG B 489 -16.18 10.41 33.32
C ARG B 489 -16.66 9.04 33.79
N PHE B 490 -17.60 8.44 33.06
CA PHE B 490 -18.23 7.20 33.45
C PHE B 490 -18.13 6.17 32.32
N PRO B 491 -17.65 4.96 32.61
CA PRO B 491 -17.48 3.95 31.57
C PRO B 491 -18.81 3.34 31.17
N ALA B 492 -18.79 2.72 29.99
CA ALA B 492 -19.98 2.07 29.46
C ALA B 492 -20.26 0.76 30.19
N CYS B 493 -21.44 0.20 29.93
CA CYS B 493 -21.87 -1.05 30.54
C CYS B 493 -22.10 -2.16 29.53
N ALA B 494 -22.13 -1.84 28.23
CA ALA B 494 -22.39 -2.81 27.19
C ALA B 494 -21.23 -3.77 26.97
N GLU B 495 -20.09 -3.55 27.62
CA GLU B 495 -18.87 -4.30 27.31
C GLU B 495 -18.36 -5.09 28.50
N LYS B 496 -19.08 -5.12 29.62
CA LYS B 496 -18.64 -5.93 30.76
C LYS B 496 -18.72 -7.41 30.44
N ARG B 497 -19.65 -7.81 29.58
CA ARG B 497 -19.79 -9.20 29.16
C ARG B 497 -19.64 -10.17 30.32
N GLN B 498 -20.23 -9.83 31.46
CA GLN B 498 -20.16 -10.68 32.64
C GLN B 498 -21.07 -10.11 33.72
N ARG B 499 -21.54 -11.00 34.60
CA ARG B 499 -22.42 -10.56 35.70
C ARG B 499 -21.64 -9.73 36.71
N GLY B 500 -20.52 -10.25 37.18
CA GLY B 500 -19.81 -9.67 38.31
C GLY B 500 -19.43 -8.21 38.11
N ASP B 501 -18.84 -7.89 36.95
CA ASP B 501 -18.52 -6.49 36.68
C ASP B 501 -19.77 -5.65 36.51
N CYS B 502 -20.71 -6.10 35.67
CA CYS B 502 -21.85 -5.27 35.31
C CYS B 502 -22.61 -4.79 36.54
N GLU B 503 -22.62 -5.57 37.61
CA GLU B 503 -23.34 -5.16 38.80
C GLU B 503 -22.61 -4.06 39.57
N ALA B 504 -21.27 -3.99 39.43
CA ALA B 504 -20.47 -3.02 40.15
C ALA B 504 -19.89 -1.94 39.25
N THR B 505 -20.58 -1.59 38.16
CA THR B 505 -20.20 -0.47 37.33
C THR B 505 -21.11 0.71 37.59
N ARG B 506 -20.64 1.87 37.13
CA ARG B 506 -21.41 3.11 37.18
C ARG B 506 -21.19 3.80 35.85
N GLY B 507 -22.23 3.80 35.02
CA GLY B 507 -22.08 4.19 33.64
C GLY B 507 -23.35 4.78 33.08
N LEU B 508 -23.36 4.91 31.76
CA LEU B 508 -24.41 5.67 31.10
C LEU B 508 -25.75 4.96 31.21
N GLY B 509 -26.79 5.75 31.47
CA GLY B 509 -28.12 5.22 31.62
C GLY B 509 -28.39 4.48 32.92
N ALA B 510 -27.71 4.84 33.99
CA ALA B 510 -27.87 4.17 35.27
C ALA B 510 -28.63 5.03 36.26
N PRO B 511 -29.96 4.91 36.34
CA PRO B 511 -30.70 5.67 37.36
C PRO B 511 -30.16 5.41 38.76
N THR B 512 -30.16 4.15 39.15
CA THR B 512 -29.59 3.77 40.43
C THR B 512 -28.07 3.90 40.44
N GLY B 513 -27.46 4.04 39.27
CA GLY B 513 -26.03 4.07 39.14
C GLY B 513 -25.40 2.74 38.86
N ARG B 514 -26.18 1.66 38.77
CA ARG B 514 -25.69 0.34 38.40
C ARG B 514 -26.51 -0.17 37.23
N CYS B 515 -25.82 -0.75 36.25
CA CYS B 515 -26.48 -1.23 35.05
C CYS B 515 -27.05 -2.62 35.29
N GLN B 516 -28.13 -2.93 34.56
CA GLN B 516 -28.90 -4.13 34.82
C GLN B 516 -28.24 -5.35 34.18
N TRP B 517 -28.71 -6.53 34.58
CA TRP B 517 -28.08 -7.80 34.25
C TRP B 517 -29.15 -8.80 33.80
N ARG B 518 -28.85 -9.53 32.73
CA ARG B 518 -29.76 -10.52 32.16
C ARG B 518 -29.03 -11.86 32.05
N GLN B 519 -29.80 -12.94 32.13
CA GLN B 519 -29.26 -14.30 32.12
C GLN B 519 -30.22 -15.18 31.34
N GLY B 520 -29.97 -15.32 30.04
CA GLY B 520 -30.78 -16.17 29.20
C GLY B 520 -30.23 -17.57 29.04
N ARG B 521 -30.98 -18.57 29.48
CA ARG B 521 -30.57 -19.96 29.41
C ARG B 521 -31.42 -20.69 28.38
N ASP B 522 -30.76 -21.45 27.52
CA ASP B 522 -31.42 -22.18 26.43
C ASP B 522 -30.36 -22.98 25.71
N LYS B 523 -30.82 -23.91 24.87
CA LYS B 523 -29.93 -24.76 24.07
C LYS B 523 -29.88 -24.20 22.65
N GLY B 524 -29.02 -23.21 22.45
CA GLY B 524 -28.73 -22.70 21.12
C GLY B 524 -29.02 -21.21 21.01
N ILE B 525 -29.46 -20.80 19.84
CA ILE B 525 -29.73 -19.40 19.52
C ILE B 525 -31.15 -19.10 20.01
N SER B 526 -31.27 -18.38 21.12
CA SER B 526 -32.56 -18.03 21.70
C SER B 526 -32.70 -16.51 21.76
N LYS B 527 -33.96 -16.07 21.76
CA LYS B 527 -34.24 -14.64 21.86
C LYS B 527 -33.84 -14.07 23.21
N ARG B 528 -33.56 -14.93 24.19
CA ARG B 528 -33.08 -14.51 25.49
C ARG B 528 -31.60 -14.86 25.61
N TYR B 529 -30.74 -13.87 25.38
CA TYR B 529 -29.30 -14.03 25.48
C TYR B 529 -28.78 -13.12 26.58
N SER B 530 -27.94 -13.67 27.46
CA SER B 530 -27.45 -12.91 28.60
C SER B 530 -26.62 -11.73 28.13
N THR B 531 -26.86 -10.56 28.73
CA THR B 531 -26.12 -9.34 28.41
C THR B 531 -26.04 -8.48 29.65
N CYS B 532 -25.62 -7.23 29.47
CA CYS B 532 -25.62 -6.22 30.52
C CYS B 532 -26.15 -4.93 29.92
N SER B 533 -27.24 -4.40 30.48
CA SER B 533 -27.88 -3.22 29.95
C SER B 533 -28.08 -2.20 31.06
N PRO B 534 -28.10 -0.92 30.71
CA PRO B 534 -28.37 0.10 31.72
C PRO B 534 -29.77 -0.03 32.31
N ASN B 535 -30.78 0.00 31.43
CA ASN B 535 -32.17 -0.19 31.80
C ASN B 535 -32.76 -1.27 30.89
N LEU B 536 -33.18 -2.37 31.50
CA LEU B 536 -33.75 -3.47 30.73
C LEU B 536 -35.07 -3.11 30.08
N GLY B 537 -35.68 -2.00 30.48
CA GLY B 537 -36.99 -1.65 29.96
C GLY B 537 -36.99 -1.43 28.46
N THR B 538 -35.96 -0.75 27.95
CA THR B 538 -35.94 -0.37 26.54
C THR B 538 -34.59 -0.59 25.87
N CYS B 539 -33.66 -1.29 26.50
CA CYS B 539 -32.37 -1.52 25.87
C CYS B 539 -32.43 -2.66 24.86
N PRO B 540 -32.96 -3.84 25.22
CA PRO B 540 -33.15 -4.90 24.22
C PRO B 540 -34.54 -4.97 23.60
N ASP B 541 -35.33 -3.90 23.79
CA ASP B 541 -36.71 -3.80 23.33
C ASP B 541 -36.99 -4.05 21.84
N GLY B 542 -36.39 -3.25 20.93
CA GLY B 542 -36.63 -3.34 19.50
C GLY B 542 -36.34 -2.18 18.57
N TYR B 543 -37.11 -1.12 18.72
CA TYR B 543 -36.88 0.08 17.94
C TYR B 543 -36.13 0.96 18.92
N CYS B 544 -34.91 1.37 18.60
CA CYS B 544 -34.17 2.21 19.53
C CYS B 544 -34.87 3.55 19.82
N ASP B 545 -34.70 4.05 21.04
CA ASP B 545 -35.32 5.27 21.53
C ASP B 545 -34.62 6.59 21.06
N ALA B 546 -35.16 7.75 21.48
CA ALA B 546 -34.63 9.04 21.18
C ALA B 546 -33.33 9.25 21.95
N ILE B 547 -33.16 8.58 23.10
CA ILE B 547 -32.01 8.63 23.99
C ILE B 547 -30.91 7.70 23.50
N GLU B 548 -31.35 6.51 23.09
CA GLU B 548 -30.46 5.51 22.55
C GLU B 548 -29.69 6.12 21.41
N SER B 549 -30.28 7.07 20.69
CA SER B 549 -29.50 7.64 19.63
C SER B 549 -28.53 8.77 19.99
N LYS B 550 -28.22 9.07 21.25
CA LYS B 550 -27.30 10.14 21.64
C LYS B 550 -25.86 9.64 21.65
N ASN B 551 -25.61 8.55 22.37
CA ASN B 551 -24.29 7.95 22.47
C ASN B 551 -24.33 6.54 21.92
N ILE B 552 -23.15 6.07 21.48
CA ILE B 552 -23.03 4.71 20.97
C ILE B 552 -22.69 3.71 22.07
N SER B 553 -22.32 4.19 23.25
CA SER B 553 -21.99 3.34 24.39
C SER B 553 -23.18 3.08 25.29
N ILE B 554 -24.38 3.43 24.83
CA ILE B 554 -25.62 3.25 25.58
C ILE B 554 -26.47 2.27 24.80
N CYS B 555 -26.49 1.02 25.24
CA CYS B 555 -27.24 -0.05 24.58
C CYS B 555 -27.06 -0.02 23.07
N PRO B 556 -25.91 -0.46 22.56
CA PRO B 556 -25.80 -0.68 21.11
C PRO B 556 -26.68 -1.81 20.63
N GLN B 557 -27.16 -2.66 21.54
CA GLN B 557 -27.86 -3.88 21.17
C GLN B 557 -28.98 -3.66 20.17
N ASP B 558 -29.80 -2.65 20.43
CA ASP B 558 -30.93 -2.33 19.58
C ASP B 558 -30.65 -1.34 18.45
N CYS B 559 -29.63 -0.49 18.60
CA CYS B 559 -29.35 0.51 17.57
C CYS B 559 -28.02 0.37 16.83
N SER B 560 -27.26 -0.71 17.05
CA SER B 560 -26.02 -0.89 16.33
C SER B 560 -26.28 -1.29 14.89
N SER B 561 -25.25 -1.11 14.05
CA SER B 561 -25.36 -1.34 12.63
C SER B 561 -24.20 -2.12 12.02
N GLU B 562 -23.07 -2.24 12.71
CA GLU B 562 -21.87 -2.77 12.09
C GLU B 562 -21.84 -4.29 12.19
N ALA B 563 -20.83 -4.88 11.57
CA ALA B 563 -20.77 -6.32 11.44
C ALA B 563 -20.66 -6.98 12.81
N ILE B 564 -21.26 -8.16 12.92
CA ILE B 564 -21.33 -8.89 14.18
C ILE B 564 -20.73 -10.27 13.94
N ILE B 565 -20.20 -10.85 15.01
CA ILE B 565 -19.31 -12.00 14.92
C ILE B 565 -19.75 -13.06 15.92
N GLY B 566 -19.90 -14.28 15.44
CA GLY B 566 -20.32 -15.40 16.26
C GLY B 566 -21.65 -15.95 15.78
N GLY B 567 -22.31 -16.69 16.68
CA GLY B 567 -23.60 -17.26 16.40
C GLY B 567 -24.73 -16.30 16.69
N TYR B 568 -25.49 -15.88 15.68
CA TYR B 568 -26.50 -14.86 15.90
C TYR B 568 -27.58 -14.89 14.83
N GLU B 569 -28.77 -14.41 15.21
CA GLU B 569 -29.75 -13.89 14.27
C GLU B 569 -29.90 -12.39 14.46
N ARG B 570 -30.29 -11.72 13.37
CA ARG B 570 -30.46 -10.29 13.39
C ARG B 570 -31.46 -9.88 12.32
N ASP B 571 -32.29 -8.90 12.65
CA ASP B 571 -33.12 -8.21 11.68
C ASP B 571 -32.35 -6.99 11.18
N LEU B 572 -33.05 -6.03 10.57
CA LEU B 572 -32.45 -4.80 10.09
C LEU B 572 -31.39 -4.25 11.05
N TYR B 573 -31.81 -3.92 12.28
CA TYR B 573 -30.91 -3.38 13.29
C TYR B 573 -31.00 -4.19 14.57
N GLY B 574 -29.88 -4.30 15.25
CA GLY B 574 -29.83 -4.95 16.53
C GLY B 574 -30.04 -6.44 16.51
N ILE B 575 -29.47 -7.12 17.50
CA ILE B 575 -29.41 -8.57 17.54
C ILE B 575 -30.67 -9.12 18.16
N LYS B 576 -31.29 -10.10 17.48
CA LYS B 576 -32.47 -10.75 18.04
C LYS B 576 -32.10 -11.98 18.85
N ALA B 577 -31.11 -12.74 18.39
CA ALA B 577 -30.64 -13.91 19.12
C ALA B 577 -29.17 -14.11 18.80
N GLY B 578 -28.36 -14.29 19.85
CA GLY B 578 -26.95 -14.59 19.70
C GLY B 578 -26.56 -15.73 20.61
N HIS B 579 -25.76 -16.66 20.08
CA HIS B 579 -25.49 -17.92 20.75
C HIS B 579 -24.62 -17.69 21.98
N GLY B 580 -25.27 -17.25 23.05
CA GLY B 580 -24.69 -17.30 24.38
C GLY B 580 -24.56 -15.94 25.04
N THR B 581 -23.55 -15.82 25.90
CA THR B 581 -23.29 -14.58 26.64
C THR B 581 -22.73 -13.54 25.68
N CYS B 582 -23.63 -12.96 24.88
CA CYS B 582 -23.22 -11.96 23.91
C CYS B 582 -22.77 -10.69 24.62
N TYR B 583 -22.12 -9.82 23.86
CA TYR B 583 -21.55 -8.58 24.37
C TYR B 583 -21.29 -7.68 23.17
N CYS B 584 -20.68 -6.53 23.44
CA CYS B 584 -20.41 -5.57 22.39
C CYS B 584 -19.30 -4.64 22.85
N PHE B 585 -18.71 -3.95 21.89
CA PHE B 585 -17.79 -2.86 22.12
C PHE B 585 -18.34 -1.65 21.36
N GLU B 586 -17.53 -0.61 21.21
CA GLU B 586 -18.04 0.63 20.66
C GLU B 586 -18.34 0.48 19.19
N GLY B 587 -19.44 -0.23 18.88
CA GLY B 587 -19.93 -0.40 17.52
C GLY B 587 -19.77 -1.79 16.98
N LYS B 588 -18.83 -2.57 17.51
CA LYS B 588 -18.55 -3.92 17.04
C LYS B 588 -19.00 -4.91 18.09
N CYS B 589 -19.67 -5.98 17.68
CA CYS B 589 -20.32 -6.89 18.59
C CYS B 589 -19.90 -8.32 18.32
N PHE B 590 -19.87 -9.11 19.39
CA PHE B 590 -19.41 -10.50 19.34
C PHE B 590 -20.32 -11.29 20.28
N CYS B 591 -21.31 -11.98 19.73
CA CYS B 591 -22.08 -12.94 20.49
C CYS B 591 -21.40 -14.30 20.44
N GLU B 592 -21.00 -14.81 21.60
CA GLU B 592 -20.33 -16.09 21.71
C GLU B 592 -20.92 -16.89 22.85
N ARG B 593 -20.33 -18.05 23.14
CA ARG B 593 -20.73 -18.87 24.28
C ARG B 593 -19.49 -19.16 25.10
N ASP B 594 -19.57 -18.91 26.41
CA ASP B 594 -18.45 -19.10 27.31
C ASP B 594 -18.49 -20.51 27.89
N GLU B 595 -17.54 -21.34 27.48
CA GLU B 595 -17.47 -22.70 28.02
C GLU B 595 -17.22 -22.68 29.52
N PRO B 596 -16.26 -21.91 30.06
CA PRO B 596 -16.07 -21.83 31.51
C PRO B 596 -17.34 -21.44 32.25
N ARG C 10 20.99 39.38 12.19
CA ARG C 10 20.91 40.33 11.10
C ARG C 10 20.39 39.66 9.83
N LEU C 11 20.21 40.45 8.78
CA LEU C 11 19.62 39.96 7.54
C LEU C 11 20.63 39.14 6.74
N ASP C 12 20.10 38.26 5.91
CA ASP C 12 20.93 37.44 5.02
C ASP C 12 21.42 38.26 3.83
N CYS C 13 22.16 37.60 2.94
CA CYS C 13 22.68 38.25 1.74
C CYS C 13 21.79 38.00 0.53
N VAL C 14 21.36 36.75 0.32
CA VAL C 14 20.56 36.43 -0.87
C VAL C 14 19.25 37.20 -0.86
N LYS C 15 18.66 37.42 0.32
CA LYS C 15 17.49 38.27 0.41
C LYS C 15 17.81 39.67 -0.08
N ALA C 16 18.95 40.22 0.36
CA ALA C 16 19.38 41.52 -0.13
C ALA C 16 19.69 41.46 -1.62
N ASN C 17 20.18 40.32 -2.10
CA ASN C 17 20.41 40.16 -3.54
C ASN C 17 19.11 40.31 -4.32
N GLU C 18 18.09 39.56 -3.90
CA GLU C 18 16.78 39.69 -4.54
C GLU C 18 16.27 41.12 -4.45
N LEU C 19 16.49 41.77 -3.31
CA LEU C 19 16.05 43.15 -3.14
C LEU C 19 16.71 44.07 -4.17
N CYS C 20 18.04 44.03 -4.26
CA CYS C 20 18.76 44.93 -5.16
C CYS C 20 18.51 44.62 -6.62
N LEU C 21 18.12 43.39 -6.94
CA LEU C 21 17.86 43.00 -8.33
C LEU C 21 16.60 43.63 -8.89
N LYS C 22 15.81 44.34 -8.08
CA LYS C 22 14.59 44.99 -8.53
C LYS C 22 14.79 46.47 -8.82
N GLU C 23 15.46 47.19 -7.92
CA GLU C 23 15.65 48.62 -8.09
C GLU C 23 16.47 48.89 -9.35
N PRO C 24 15.98 49.72 -10.29
CA PRO C 24 16.78 49.99 -11.49
C PRO C 24 18.19 50.47 -11.18
N GLY C 25 18.32 51.49 -10.34
CA GLY C 25 19.64 52.01 -10.03
C GLY C 25 20.52 50.97 -9.34
N CYS C 26 19.96 50.23 -8.39
CA CYS C 26 20.76 49.28 -7.63
C CYS C 26 21.36 48.23 -8.54
N SER C 27 20.54 47.55 -9.33
CA SER C 27 21.04 46.49 -10.19
C SER C 27 21.86 47.05 -11.35
N SER C 28 21.48 48.22 -11.87
CA SER C 28 22.24 48.83 -12.95
C SER C 28 23.68 49.11 -12.51
N LYS C 29 23.83 49.73 -11.33
CA LYS C 29 25.17 50.00 -10.84
C LYS C 29 25.86 48.72 -10.37
N TYR C 30 25.11 47.72 -9.93
CA TYR C 30 25.72 46.43 -9.60
C TYR C 30 26.38 45.83 -10.84
N ARG C 31 25.71 45.91 -11.98
CA ARG C 31 26.30 45.43 -13.23
C ARG C 31 27.47 46.29 -13.67
N THR C 32 27.27 47.62 -13.66
CA THR C 32 28.39 48.52 -13.93
C THR C 32 29.60 48.13 -13.11
N MET C 33 29.37 47.67 -11.87
CA MET C 33 30.47 47.39 -10.97
C MET C 33 31.12 46.06 -11.31
N ARG C 34 30.31 44.99 -11.36
CA ARG C 34 30.82 43.69 -11.77
C ARG C 34 31.63 43.82 -13.06
N GLN C 35 31.35 44.85 -13.85
CA GLN C 35 32.19 45.16 -15.00
C GLN C 35 33.45 45.94 -14.59
N CYS C 36 33.32 46.89 -13.65
CA CYS C 36 34.48 47.70 -13.29
C CYS C 36 35.56 46.85 -12.62
N VAL C 37 35.20 46.08 -11.60
CA VAL C 37 36.17 45.25 -10.90
C VAL C 37 36.75 44.19 -11.82
N ALA C 38 36.05 43.85 -12.90
CA ALA C 38 36.55 42.82 -13.81
C ALA C 38 37.87 43.23 -14.48
N GLY C 39 38.22 44.50 -14.45
CA GLY C 39 39.45 44.96 -15.05
C GLY C 39 39.98 46.23 -14.40
N GLU C 55 34.73 57.20 -12.85
CA GLU C 55 33.33 56.82 -12.73
C GLU C 55 33.16 55.63 -11.79
N CYS C 56 33.90 54.55 -12.05
CA CYS C 56 33.76 53.34 -11.26
C CYS C 56 33.91 53.63 -9.78
N ARG C 57 34.82 54.54 -9.41
CA ARG C 57 34.97 54.91 -8.01
C ARG C 57 33.72 55.58 -7.47
N LEU C 58 33.06 56.42 -8.27
CA LEU C 58 31.80 57.00 -7.85
C LEU C 58 30.73 55.91 -7.64
N VAL C 59 30.87 54.78 -8.35
CA VAL C 59 29.90 53.70 -8.18
C VAL C 59 30.16 52.93 -6.89
N LEU C 60 31.40 52.98 -6.37
CA LEU C 60 31.68 52.33 -5.08
C LEU C 60 30.77 52.86 -3.99
N ASP C 61 30.50 54.17 -4.00
CA ASP C 61 29.71 54.78 -2.94
C ASP C 61 28.32 54.15 -2.84
N ALA C 62 27.65 54.00 -3.98
CA ALA C 62 26.28 53.48 -3.97
C ALA C 62 26.24 52.06 -3.41
N LEU C 63 27.22 51.23 -3.77
CA LEU C 63 27.24 49.85 -3.30
C LEU C 63 27.35 49.79 -1.78
N LYS C 64 28.20 50.64 -1.19
CA LYS C 64 28.42 50.58 0.25
C LYS C 64 27.12 50.80 1.02
N GLN C 65 26.28 51.73 0.55
CA GLN C 65 25.06 52.06 1.28
C GLN C 65 24.06 50.91 1.26
N SER C 66 24.11 50.06 0.24
CA SER C 66 23.14 48.98 0.14
C SER C 66 23.33 47.99 1.30
N PRO C 67 22.26 47.34 1.74
CA PRO C 67 22.40 46.36 2.83
C PRO C 67 23.34 45.22 2.48
N LEU C 68 23.50 44.93 1.19
CA LEU C 68 24.41 43.86 0.78
C LEU C 68 25.82 44.10 1.28
N TYR C 69 26.31 45.33 1.20
CA TYR C 69 27.69 45.60 1.55
C TYR C 69 28.00 45.12 2.97
N ASN C 70 26.99 45.16 3.85
CA ASN C 70 27.13 44.74 5.23
C ASN C 70 26.36 43.45 5.53
N CYS C 71 26.05 42.67 4.51
CA CYS C 71 25.21 41.48 4.71
C CYS C 71 26.04 40.34 5.29
N ARG C 72 25.48 39.66 6.29
CA ARG C 72 26.13 38.54 6.95
C ARG C 72 25.10 37.48 7.26
N CYS C 73 25.41 36.23 6.95
CA CYS C 73 24.51 35.10 7.24
C CYS C 73 25.14 34.21 8.32
N LYS C 74 24.37 33.24 8.80
CA LYS C 74 24.78 32.42 9.93
C LYS C 74 24.25 31.00 9.75
N ARG C 75 24.24 30.24 10.83
CA ARG C 75 23.88 28.83 10.86
C ARG C 75 22.40 28.65 11.16
N GLY C 76 21.96 27.39 11.11
CA GLY C 76 20.61 27.00 11.44
C GLY C 76 19.67 26.97 10.26
N MET C 77 20.02 27.64 9.16
CA MET C 77 19.20 27.64 7.96
C MET C 77 19.75 26.60 6.98
N LYS C 78 19.19 26.56 5.77
CA LYS C 78 19.59 25.56 4.78
C LYS C 78 19.98 26.20 3.45
N LYS C 79 20.27 27.51 3.44
CA LYS C 79 20.74 28.21 2.24
C LYS C 79 21.91 29.09 2.67
N GLU C 80 23.11 28.55 2.52
CA GLU C 80 24.33 29.24 2.93
C GLU C 80 25.38 29.27 1.84
N LYS C 81 25.50 28.20 1.05
CA LYS C 81 26.50 28.10 0.00
C LYS C 81 26.41 29.34 -0.87
N ASN C 82 25.19 29.74 -1.22
CA ASN C 82 25.02 30.91 -2.07
C ASN C 82 25.40 32.20 -1.34
N CYS C 83 25.00 32.33 -0.08
CA CYS C 83 25.39 33.51 0.69
C CYS C 83 26.90 33.64 0.75
N LEU C 84 27.57 32.54 1.08
CA LEU C 84 29.02 32.55 1.23
C LEU C 84 29.69 32.87 -0.11
N ARG C 85 29.19 32.27 -1.19
CA ARG C 85 29.73 32.57 -2.51
C ARG C 85 29.57 34.05 -2.84
N ILE C 86 28.39 34.60 -2.56
CA ILE C 86 28.14 36.01 -2.83
C ILE C 86 29.17 36.87 -2.10
N TYR C 87 29.35 36.63 -0.81
CA TYR C 87 30.16 37.56 -0.04
C TYR C 87 31.63 37.39 -0.42
N TRP C 88 32.05 36.15 -0.65
CA TRP C 88 33.42 35.89 -1.09
C TRP C 88 33.70 36.60 -2.41
N GLY C 89 32.76 36.52 -3.36
CA GLY C 89 32.92 37.25 -4.60
C GLY C 89 33.01 38.74 -4.39
N ILE C 90 32.23 39.27 -3.45
CA ILE C 90 32.19 40.71 -3.25
C ILE C 90 33.50 41.23 -2.67
N TYR C 91 34.01 40.56 -1.64
CA TYR C 91 35.12 41.04 -0.84
C TYR C 91 36.46 40.40 -1.16
N GLN C 92 36.51 39.13 -1.59
CA GLN C 92 37.77 38.58 -2.05
C GLN C 92 38.33 39.37 -3.22
N HIS C 93 37.44 39.81 -4.13
CA HIS C 93 37.88 40.58 -5.29
C HIS C 93 38.24 42.01 -4.90
N LEU C 94 37.48 42.60 -3.98
CA LEU C 94 37.78 43.94 -3.48
C LEU C 94 38.14 43.89 -2.00
N LEU C 99 41.13 36.60 4.46
CA LEU C 99 40.06 35.65 4.77
C LEU C 99 39.88 35.49 6.27
N LEU C 100 40.99 35.41 7.00
CA LEU C 100 40.92 35.35 8.46
C LEU C 100 40.74 36.74 9.06
N GLU C 101 41.32 37.77 8.43
CA GLU C 101 41.31 39.11 9.00
C GLU C 101 39.90 39.64 9.17
N ASP C 102 39.11 39.61 8.09
CA ASP C 102 37.74 40.13 8.09
C ASP C 102 36.80 38.98 7.74
N SER C 103 36.08 38.50 8.74
CA SER C 103 35.23 37.33 8.56
C SER C 103 33.77 37.73 8.39
N PRO C 104 33.05 37.12 7.44
CA PRO C 104 31.61 37.37 7.31
C PRO C 104 30.75 36.50 8.21
N TYR C 105 31.26 35.30 8.49
CA TYR C 105 30.40 34.18 8.82
C TYR C 105 29.54 34.47 10.04
N GLU C 106 30.00 35.36 10.91
CA GLU C 106 29.31 35.59 12.15
C GLU C 106 29.11 37.08 12.40
N PRO C 107 27.88 37.55 12.59
CA PRO C 107 27.66 38.93 12.98
C PRO C 107 28.15 39.18 14.41
N VAL C 108 27.95 40.41 14.86
CA VAL C 108 28.43 40.82 16.17
C VAL C 108 27.30 40.69 17.19
N ASN C 109 26.20 40.06 16.79
CA ASN C 109 25.08 39.79 17.67
C ASN C 109 25.13 38.39 18.29
N SER C 110 26.16 37.61 17.97
CA SER C 110 26.21 36.22 18.45
C SER C 110 26.51 36.13 19.94
N ARG C 111 27.05 37.20 20.55
CA ARG C 111 27.26 37.19 21.99
C ARG C 111 25.97 36.89 22.74
N LEU C 112 24.84 37.38 22.21
CA LEU C 112 23.55 37.09 22.82
C LEU C 112 23.29 35.59 22.83
N SER C 113 23.66 34.90 21.74
CA SER C 113 23.62 33.44 21.75
C SER C 113 24.75 32.87 22.60
N ASP C 114 25.88 33.56 22.66
CA ASP C 114 27.04 33.04 23.36
C ASP C 114 26.75 32.85 24.85
N ILE C 115 26.25 33.89 25.51
CA ILE C 115 26.02 33.81 26.94
C ILE C 115 24.98 32.74 27.25
N PHE C 116 23.90 32.69 26.46
CA PHE C 116 22.88 31.68 26.69
C PHE C 116 23.41 30.27 26.45
N ARG C 117 24.34 30.11 25.51
CA ARG C 117 24.96 28.82 25.25
C ARG C 117 26.14 28.56 26.17
N LEU C 118 26.43 29.47 27.10
CA LEU C 118 27.31 29.18 28.22
C LEU C 118 26.56 28.53 29.40
N ALA C 119 25.23 28.61 29.41
CA ALA C 119 24.38 28.01 30.44
C ALA C 119 24.28 26.49 30.37
N PRO C 120 24.37 25.86 29.17
CA PRO C 120 24.12 24.42 29.06
C PRO C 120 24.68 23.56 30.19
N ILE C 121 25.78 23.99 30.79
CA ILE C 121 26.40 23.20 31.85
C ILE C 121 25.39 22.91 32.95
N TYR C 122 24.65 23.94 33.36
CA TYR C 122 23.61 23.73 34.36
C TYR C 122 22.45 22.91 33.80
N SER C 123 22.22 22.98 32.49
CA SER C 123 21.10 22.28 31.88
C SER C 123 21.42 20.83 31.52
N GLY C 124 22.69 20.42 31.62
CA GLY C 124 23.10 19.13 31.13
C GLY C 124 22.51 17.93 31.84
N GLU C 125 22.90 17.72 33.10
CA GLU C 125 22.55 16.50 33.82
C GLU C 125 22.78 16.73 35.30
N PRO C 126 21.94 16.17 36.18
CA PRO C 126 22.19 16.36 37.62
C PRO C 126 23.41 15.60 38.12
N ALA C 127 23.62 14.37 37.66
CA ALA C 127 24.75 13.58 38.15
C ALA C 127 26.07 14.20 37.71
N LEU C 128 27.04 14.18 38.62
CA LEU C 128 28.35 14.76 38.35
C LEU C 128 29.34 14.21 39.35
N ALA C 129 30.62 14.54 39.13
CA ALA C 129 31.72 14.17 40.02
C ALA C 129 32.01 12.68 39.98
N LYS C 130 31.85 12.07 38.80
CA LYS C 130 32.15 10.67 38.60
C LYS C 130 33.60 10.53 38.13
N GLU C 131 34.01 9.29 37.88
CA GLU C 131 35.36 9.02 37.38
C GLU C 131 35.53 9.37 35.90
N ASN C 132 34.46 9.72 35.20
CA ASN C 132 34.55 10.02 33.78
C ASN C 132 33.36 10.86 33.35
N ASN C 133 33.61 11.87 32.54
CA ASN C 133 32.58 12.76 32.01
C ASN C 133 32.20 12.46 30.57
N CYS C 134 33.16 12.02 29.76
CA CYS C 134 32.87 11.64 28.38
C CYS C 134 31.81 10.55 28.34
N LEU C 135 31.94 9.53 29.20
CA LEU C 135 30.94 8.47 29.25
C LEU C 135 29.57 9.03 29.62
N ASN C 136 29.52 9.99 30.54
CA ASN C 136 28.24 10.57 30.91
C ASN C 136 27.62 11.34 29.76
N ALA C 137 28.43 12.07 29.00
CA ALA C 137 27.89 12.75 27.81
C ALA C 137 27.35 11.75 26.81
N ALA C 138 28.06 10.64 26.62
CA ALA C 138 27.58 9.61 25.69
C ALA C 138 26.27 9.02 26.19
N LYS C 139 26.18 8.72 27.48
CA LYS C 139 24.93 8.25 28.06
C LYS C 139 23.81 9.25 27.77
N ALA C 140 24.06 10.53 27.97
CA ALA C 140 23.02 11.53 27.73
C ALA C 140 22.62 11.62 26.26
N CYS C 141 23.56 11.41 25.34
CA CYS C 141 23.22 11.48 23.93
C CYS C 141 22.47 10.25 23.45
N ASN C 142 22.73 9.06 24.03
CA ASN C 142 21.99 7.86 23.70
C ASN C 142 20.66 7.75 24.46
N LEU C 143 20.16 8.87 25.01
CA LEU C 143 18.82 8.94 25.57
C LEU C 143 17.94 9.97 24.90
N ASN C 144 18.50 10.95 24.22
CA ASN C 144 17.73 11.90 23.43
C ASN C 144 17.61 11.37 22.01
N ASP C 145 16.55 11.81 21.32
CA ASP C 145 16.15 11.23 20.05
C ASP C 145 16.58 12.06 18.85
N THR C 146 17.47 13.02 19.05
CA THR C 146 18.09 13.74 17.95
C THR C 146 19.60 13.50 17.91
N CYS C 147 20.30 13.77 19.01
CA CYS C 147 21.71 13.44 19.08
C CYS C 147 21.95 11.98 18.77
N LYS C 148 21.11 11.08 19.31
CA LYS C 148 21.27 9.66 19.06
C LYS C 148 21.24 9.35 17.57
N LYS C 149 20.19 9.83 16.90
CA LYS C 149 20.03 9.61 15.47
C LYS C 149 21.25 10.08 14.72
N TYR C 150 21.58 11.37 14.86
CA TYR C 150 22.65 11.95 14.06
C TYR C 150 24.00 11.33 14.39
N ARG C 151 24.21 10.93 15.64
CA ARG C 151 25.45 10.29 16.02
C ARG C 151 25.61 8.95 15.32
N SER C 152 24.59 8.09 15.38
CA SER C 152 24.69 6.84 14.62
C SER C 152 24.82 7.12 13.12
N ALA C 153 24.24 8.22 12.66
CA ALA C 153 24.29 8.55 11.23
C ALA C 153 25.71 8.86 10.77
N TYR C 154 26.42 9.73 11.49
CA TYR C 154 27.80 9.97 11.07
C TYR C 154 28.76 8.97 11.70
N ILE C 155 28.25 7.93 12.36
CA ILE C 155 29.11 6.83 12.79
C ILE C 155 29.15 5.73 11.74
N SER C 156 28.00 5.11 11.45
CA SER C 156 27.98 3.89 10.65
C SER C 156 28.74 4.04 9.33
N PRO C 157 28.50 5.09 8.55
CA PRO C 157 29.27 5.25 7.32
C PRO C 157 30.77 5.30 7.54
N CYS C 158 31.22 5.92 8.64
CA CYS C 158 32.65 6.00 8.91
C CYS C 158 33.23 4.64 9.27
N THR C 159 32.39 3.67 9.59
CA THR C 159 32.84 2.33 9.93
C THR C 159 32.51 1.32 8.83
N SER C 160 32.07 1.80 7.67
CA SER C 160 31.63 0.94 6.57
C SER C 160 32.82 0.57 5.70
N ARG C 161 33.14 -0.70 5.63
CA ARG C 161 34.16 -1.21 4.72
C ARG C 161 33.53 -1.41 3.35
N VAL C 162 34.09 -0.78 2.32
CA VAL C 162 33.58 -0.87 0.97
C VAL C 162 34.57 -1.49 0.01
N SER C 163 35.78 -1.82 0.47
CA SER C 163 36.74 -2.55 -0.34
C SER C 163 37.87 -3.01 0.56
N THR C 164 38.63 -3.98 0.07
CA THR C 164 39.77 -4.50 0.81
C THR C 164 40.92 -3.51 0.87
N ALA C 165 40.94 -2.53 -0.03
CA ALA C 165 41.95 -1.48 0.00
C ALA C 165 41.52 -0.33 0.91
N GLU C 166 40.34 0.23 0.66
CA GLU C 166 39.80 1.26 1.53
C GLU C 166 39.33 0.64 2.84
N VAL C 167 39.09 1.51 3.82
CA VAL C 167 38.46 1.12 5.06
C VAL C 167 37.11 1.79 5.27
N CYS C 168 36.83 2.88 4.55
CA CYS C 168 35.60 3.63 4.72
C CYS C 168 35.59 4.77 3.70
N ASN C 169 34.41 5.32 3.47
CA ASN C 169 34.23 6.45 2.56
C ASN C 169 34.17 7.72 3.40
N LYS C 170 35.20 8.55 3.27
CA LYS C 170 35.33 9.71 4.15
C LYS C 170 34.34 10.82 3.79
N ARG C 171 34.08 11.01 2.50
CA ARG C 171 33.14 12.05 2.08
C ARG C 171 31.85 11.97 2.89
N LYS C 172 31.23 10.79 2.89
CA LYS C 172 30.01 10.59 3.67
C LYS C 172 30.26 10.87 5.14
N CYS C 173 31.37 10.35 5.66
CA CYS C 173 31.64 10.49 7.09
C CYS C 173 31.75 11.95 7.47
N HIS C 174 32.58 12.71 6.74
CA HIS C 174 32.76 14.12 7.08
C HIS C 174 31.46 14.89 6.93
N LYS C 175 30.71 14.65 5.86
CA LYS C 175 29.46 15.40 5.67
C LYS C 175 28.47 15.11 6.80
N ALA C 176 28.33 13.85 7.19
CA ALA C 176 27.41 13.49 8.27
C ALA C 176 27.86 14.09 9.59
N LEU C 177 29.13 13.95 9.92
CA LEU C 177 29.70 14.60 11.10
C LEU C 177 29.38 16.09 11.12
N ARG C 178 29.51 16.73 9.97
CA ARG C 178 29.23 18.16 9.86
C ARG C 178 27.79 18.47 10.17
N GLN C 179 26.86 17.81 9.48
CA GLN C 179 25.45 18.11 9.67
C GLN C 179 24.96 17.68 11.04
N PHE C 180 25.75 16.90 11.77
CA PHE C 180 25.45 16.69 13.19
C PHE C 180 25.89 17.87 14.04
N PHE C 181 27.14 18.29 13.91
CA PHE C 181 27.60 19.42 14.70
C PHE C 181 26.95 20.73 14.29
N ASP C 182 26.12 20.72 13.25
CA ASP C 182 25.36 21.91 12.88
C ASP C 182 24.02 22.01 13.59
N LYS C 183 23.33 20.88 13.80
CA LYS C 183 21.95 20.89 14.28
C LYS C 183 21.84 20.57 15.77
N VAL C 184 22.30 19.38 16.16
CA VAL C 184 22.02 18.81 17.49
C VAL C 184 22.32 19.83 18.58
N PRO C 185 21.51 19.91 19.63
CA PRO C 185 21.68 20.98 20.62
C PRO C 185 23.05 20.96 21.26
N PRO C 186 23.62 22.13 21.55
CA PRO C 186 24.96 22.16 22.15
C PRO C 186 25.06 21.41 23.46
N LYS C 187 24.00 21.37 24.26
CA LYS C 187 24.09 20.75 25.58
C LYS C 187 24.62 19.32 25.48
N HIS C 188 24.21 18.60 24.44
CA HIS C 188 24.56 17.19 24.31
C HIS C 188 25.76 16.95 23.40
N SER C 189 26.04 17.89 22.49
CA SER C 189 27.12 17.69 21.53
C SER C 189 28.47 18.06 22.13
N TYR C 190 28.62 19.31 22.56
CA TYR C 190 29.90 19.78 23.07
C TYR C 190 30.42 18.88 24.18
N GLY C 191 29.53 18.30 24.98
CA GLY C 191 29.98 17.53 26.13
C GLY C 191 30.87 16.38 25.73
N MET C 192 30.47 15.62 24.72
CA MET C 192 31.23 14.45 24.32
C MET C 192 32.59 14.83 23.76
N LEU C 193 32.67 15.97 23.08
CA LEU C 193 33.91 16.40 22.44
C LEU C 193 34.83 17.16 23.39
N TYR C 194 34.28 17.81 24.42
CA TYR C 194 35.07 18.64 25.33
C TYR C 194 35.09 18.09 26.76
N CYS C 195 34.48 16.94 27.00
CA CYS C 195 34.50 16.33 28.32
C CYS C 195 35.92 16.32 28.89
N SER C 196 36.04 16.82 30.13
CA SER C 196 37.30 16.78 30.85
C SER C 196 37.32 15.60 31.82
N CYS C 197 38.51 15.18 32.20
CA CYS C 197 38.69 14.00 33.02
C CYS C 197 40.15 13.91 33.44
N PRO C 198 40.49 13.04 34.39
CA PRO C 198 41.77 13.19 35.08
C PRO C 198 42.96 13.04 34.14
N LEU C 199 44.06 13.68 34.53
CA LEU C 199 45.21 13.86 33.66
C LEU C 199 45.85 12.50 33.30
N GLY C 200 46.81 12.56 32.37
CA GLY C 200 47.42 11.36 31.82
C GLY C 200 46.85 10.94 30.47
N ASP C 201 47.29 9.73 30.15
CA ASP C 201 46.95 8.96 28.98
C ASP C 201 46.62 7.54 29.47
N GLN C 202 45.90 6.79 28.65
CA GLN C 202 45.44 5.42 28.96
C GLN C 202 44.55 5.35 30.21
N SER C 203 43.73 6.38 30.37
CA SER C 203 42.72 6.48 31.42
C SER C 203 41.49 6.22 30.58
N ALA C 204 40.61 5.32 30.97
CA ALA C 204 39.58 5.00 30.00
C ALA C 204 39.03 6.25 29.31
N CYS C 205 38.79 7.31 30.10
CA CYS C 205 38.19 8.51 29.53
C CYS C 205 38.92 9.00 28.29
N SER C 206 40.22 9.30 28.44
CA SER C 206 40.94 9.92 27.33
C SER C 206 40.79 9.10 26.06
N GLU C 207 40.70 7.78 26.18
CA GLU C 207 40.47 6.95 25.01
C GLU C 207 39.22 7.38 24.27
N ARG C 208 38.10 7.51 24.98
CA ARG C 208 36.85 7.92 24.35
C ARG C 208 36.91 9.37 23.89
N ARG C 209 37.48 10.26 24.71
CA ARG C 209 37.62 11.66 24.33
C ARG C 209 38.37 11.79 23.01
N ARG C 210 39.31 10.90 22.75
CA ARG C 210 40.05 10.88 21.49
C ARG C 210 39.26 10.21 20.39
N GLN C 211 38.56 9.13 20.71
CA GLN C 211 37.86 8.31 19.74
C GLN C 211 36.43 8.78 19.48
N THR C 212 36.08 10.00 19.88
CA THR C 212 34.75 10.51 19.59
C THR C 212 34.53 10.71 18.09
N ILE C 213 35.54 11.21 17.37
CA ILE C 213 35.39 11.51 15.95
C ILE C 213 35.94 10.39 15.06
N VAL C 214 36.14 9.21 15.63
CA VAL C 214 36.58 8.04 14.87
C VAL C 214 37.76 8.45 14.00
N PRO C 215 38.94 8.66 14.58
CA PRO C 215 40.05 9.21 13.79
C PRO C 215 40.57 8.28 12.74
N ALA C 216 40.40 6.96 12.90
CA ALA C 216 40.95 6.01 11.94
C ALA C 216 40.50 6.34 10.53
N CYS C 217 39.30 6.89 10.39
CA CYS C 217 38.75 7.32 9.11
C CYS C 217 38.80 8.83 8.89
N SER C 218 38.20 9.61 9.79
CA SER C 218 38.09 11.04 9.58
C SER C 218 39.35 11.80 9.95
N TYR C 219 40.28 11.17 10.67
CA TYR C 219 41.52 11.84 11.06
C TYR C 219 42.73 11.32 10.30
N GLU C 220 42.99 10.02 10.39
CA GLU C 220 44.28 9.48 9.96
C GLU C 220 44.40 9.48 8.44
N ASP C 221 45.57 9.05 7.97
CA ASP C 221 45.87 8.91 6.55
C ASP C 221 47.29 8.34 6.45
N LYS C 222 47.67 7.91 5.26
CA LYS C 222 48.97 7.30 5.03
C LYS C 222 50.19 8.21 5.24
N GLU C 223 50.07 9.46 4.82
CA GLU C 223 51.18 10.40 4.87
C GLU C 223 50.74 11.70 5.53
N ARG C 224 51.67 12.32 6.25
CA ARG C 224 51.41 13.60 6.91
C ARG C 224 51.88 14.74 6.01
N PRO C 225 50.98 15.56 5.47
CA PRO C 225 51.39 16.69 4.66
C PRO C 225 51.64 17.93 5.50
N ASN C 226 52.47 18.82 4.96
CA ASN C 226 52.73 20.08 5.64
C ASN C 226 51.45 20.86 5.81
N CYS C 227 51.33 21.54 6.95
CA CYS C 227 50.09 22.23 7.30
C CYS C 227 49.76 23.31 6.28
N LEU C 228 50.79 24.02 5.82
CA LEU C 228 50.58 25.14 4.89
C LEU C 228 49.92 24.64 3.62
N THR C 229 50.38 23.50 3.13
CA THR C 229 49.75 22.90 1.96
C THR C 229 48.29 22.57 2.26
N LEU C 230 48.02 22.02 3.45
CA LEU C 230 46.64 21.79 3.87
C LEU C 230 45.89 23.10 4.08
N GLN C 231 46.60 24.15 4.51
CA GLN C 231 45.97 25.47 4.61
C GLN C 231 45.49 25.96 3.26
N VAL C 232 46.28 25.77 2.20
CA VAL C 232 45.82 26.12 0.87
C VAL C 232 44.70 25.20 0.42
N SER C 233 44.76 23.92 0.77
CA SER C 233 43.69 23.00 0.40
C SER C 233 42.35 23.47 0.95
N CYS C 234 42.32 23.83 2.24
CA CYS C 234 41.09 24.35 2.83
C CYS C 234 40.60 25.59 2.11
N LYS C 235 41.52 26.41 1.62
CA LYS C 235 41.20 27.76 1.17
C LYS C 235 40.37 27.76 -0.11
N THR C 236 40.06 26.60 -0.66
CA THR C 236 39.28 26.49 -1.88
C THR C 236 37.84 26.06 -1.64
N ASN C 237 37.64 24.97 -0.89
CA ASN C 237 36.28 24.56 -0.54
C ASN C 237 35.58 25.68 0.22
N TYR C 238 34.32 25.92 -0.13
CA TYR C 238 33.59 27.10 0.32
C TYR C 238 33.16 27.04 1.77
N ILE C 239 33.28 25.88 2.42
CA ILE C 239 32.86 25.70 3.81
C ILE C 239 34.05 25.82 4.76
N CYS C 240 35.05 24.96 4.61
CA CYS C 240 36.23 25.02 5.46
C CYS C 240 36.79 26.44 5.51
N ARG C 241 36.72 27.17 4.41
CA ARG C 241 37.23 28.54 4.38
C ARG C 241 36.60 29.38 5.48
N SER C 242 35.27 29.34 5.59
CA SER C 242 34.58 30.14 6.59
C SER C 242 34.75 29.55 8.00
N ARG C 243 34.65 28.22 8.13
CA ARG C 243 34.84 27.61 9.44
C ARG C 243 36.24 27.89 9.98
N LEU C 244 37.20 28.21 9.12
CA LEU C 244 38.54 28.59 9.53
C LEU C 244 38.65 30.08 9.80
N ALA C 245 38.01 30.91 8.97
CA ALA C 245 37.99 32.34 9.24
C ALA C 245 37.42 32.61 10.62
N ASP C 246 36.52 31.74 11.09
CA ASP C 246 35.97 31.94 12.43
C ASP C 246 37.01 31.68 13.51
N PHE C 247 37.96 30.78 13.27
CA PHE C 247 38.85 30.31 14.32
C PHE C 247 39.74 31.43 14.83
N PHE C 248 40.58 31.98 13.95
CA PHE C 248 41.50 33.04 14.34
C PHE C 248 40.73 34.21 14.96
N THR C 249 39.63 34.60 14.33
CA THR C 249 38.92 35.78 14.77
C THR C 249 38.40 35.64 16.20
N ASN C 250 37.88 34.47 16.54
CA ASN C 250 37.35 34.27 17.89
C ASN C 250 38.45 34.05 18.92
N CYS C 251 39.22 32.97 18.77
CA CYS C 251 40.11 32.49 19.82
C CYS C 251 41.42 33.26 19.92
N GLN C 252 41.53 34.42 19.30
CA GLN C 252 42.81 35.12 19.28
C GLN C 252 43.26 35.40 20.71
N PRO C 253 44.50 35.08 21.07
CA PRO C 253 44.94 35.21 22.47
C PRO C 253 45.43 36.61 22.81
N GLU C 254 45.21 36.99 24.07
CA GLU C 254 45.74 38.23 24.60
C GLU C 254 45.94 38.00 26.09
N PRO C 255 47.10 38.36 26.66
CA PRO C 255 47.36 38.08 28.07
C PRO C 255 46.91 39.17 29.04
N LEU C 256 46.55 40.35 28.55
CA LEU C 256 46.24 41.45 29.44
C LEU C 256 45.02 41.14 30.31
N SER C 257 44.00 40.53 29.71
CA SER C 257 42.78 40.21 30.45
C SER C 257 42.96 38.93 31.26
N LEU C 258 42.18 38.83 32.34
CA LEU C 258 42.15 37.60 33.11
C LEU C 258 41.65 36.43 32.28
N SER C 259 40.74 36.70 31.34
CA SER C 259 40.19 35.62 30.52
C SER C 259 41.24 35.01 29.62
N GLY C 260 42.14 35.84 29.08
CA GLY C 260 43.15 35.38 28.14
C GLY C 260 42.81 35.55 26.68
N CYS C 261 41.61 36.02 26.37
CA CYS C 261 41.14 36.15 25.00
C CYS C 261 41.12 37.63 24.59
N LEU C 262 40.58 37.88 23.41
CA LEU C 262 40.48 39.24 22.89
C LEU C 262 39.08 39.81 23.09
N LYS C 263 38.06 39.08 22.63
CA LYS C 263 36.70 39.58 22.62
C LYS C 263 35.89 39.10 23.82
N GLU C 264 36.56 38.57 24.84
CA GLU C 264 35.94 38.33 26.14
C GLU C 264 34.67 37.50 26.00
N ASN C 265 34.78 36.36 25.31
CA ASN C 265 33.68 35.42 25.15
C ASN C 265 34.26 34.02 25.09
N TYR C 266 33.93 33.20 26.08
CA TYR C 266 34.49 31.85 26.14
C TYR C 266 33.81 30.88 25.19
N ALA C 267 32.52 31.07 24.92
CA ALA C 267 31.79 30.15 24.07
C ALA C 267 31.88 30.47 22.59
N ASP C 268 32.28 31.70 22.23
CA ASP C 268 32.47 32.03 20.82
C ASP C 268 33.55 31.15 20.20
N CYS C 269 34.71 31.08 20.84
CA CYS C 269 35.74 30.16 20.40
C CYS C 269 35.26 28.72 20.49
N LEU C 270 34.55 28.39 21.56
CA LEU C 270 34.00 27.05 21.73
C LEU C 270 33.18 26.64 20.53
N LEU C 271 32.50 27.59 19.90
CA LEU C 271 31.73 27.28 18.70
C LEU C 271 32.63 27.24 17.48
N SER C 272 33.51 28.24 17.34
CA SER C 272 34.34 28.35 16.15
C SER C 272 35.18 27.11 15.93
N TYR C 273 35.81 26.60 16.99
CA TYR C 273 36.62 25.39 16.87
C TYR C 273 35.78 24.20 16.45
N SER C 274 34.61 24.03 17.06
CA SER C 274 33.76 22.89 16.73
C SER C 274 33.17 23.02 15.33
N GLY C 275 33.19 24.23 14.77
CA GLY C 275 32.72 24.46 13.41
C GLY C 275 33.65 23.99 12.32
N LEU C 276 34.86 23.56 12.68
CA LEU C 276 35.83 23.03 11.73
C LEU C 276 35.66 21.54 11.49
N ILE C 277 35.13 20.82 12.48
CA ILE C 277 35.09 19.37 12.40
C ILE C 277 34.37 18.94 11.13
N GLY C 278 34.84 17.84 10.53
CA GLY C 278 34.33 17.39 9.25
C GLY C 278 35.06 17.95 8.06
N THR C 279 35.38 19.25 8.10
CA THR C 279 36.04 19.88 6.99
C THR C 279 37.44 19.30 6.81
N VAL C 280 38.17 19.85 5.84
CA VAL C 280 39.51 19.33 5.54
C VAL C 280 40.39 19.42 6.79
N MET C 281 40.08 20.33 7.71
CA MET C 281 40.85 20.48 8.94
C MET C 281 40.11 19.78 10.07
N THR C 282 40.37 18.48 10.19
CA THR C 282 39.74 17.67 11.22
C THR C 282 40.74 17.42 12.33
N PRO C 283 40.82 18.27 13.34
CA PRO C 283 41.74 18.05 14.45
C PRO C 283 41.21 17.03 15.45
N ASN C 284 42.11 16.63 16.34
CA ASN C 284 41.76 15.80 17.49
C ASN C 284 42.77 16.08 18.58
N TYR C 285 42.63 15.39 19.70
CA TYR C 285 43.48 15.63 20.86
C TYR C 285 44.73 14.77 20.76
N LEU C 286 45.88 15.43 20.63
CA LEU C 286 47.13 14.71 20.50
C LEU C 286 47.46 13.97 21.80
N ARG C 287 48.57 13.23 21.79
CA ARG C 287 49.04 12.53 22.98
C ARG C 287 50.11 13.40 23.64
N SER C 288 49.64 14.39 24.38
CA SER C 288 50.49 15.33 25.10
C SER C 288 50.00 15.47 26.52
N PRO C 289 50.91 15.74 27.47
CA PRO C 289 50.46 15.87 28.87
C PRO C 289 49.41 16.95 29.06
N LYS C 290 49.56 18.08 28.39
CA LYS C 290 48.62 19.18 28.50
C LYS C 290 47.55 19.03 27.41
N ILE C 291 46.73 20.06 27.23
CA ILE C 291 45.65 20.04 26.24
C ILE C 291 46.19 20.75 25.00
N SER C 292 46.77 19.98 24.09
CA SER C 292 47.24 20.47 22.81
C SER C 292 46.40 19.88 21.69
N VAL C 293 46.39 20.56 20.55
CA VAL C 293 45.61 20.15 19.40
C VAL C 293 46.35 20.53 18.14
N SER C 294 46.33 19.65 17.15
CA SER C 294 46.95 19.91 15.87
C SER C 294 46.12 19.22 14.81
N PRO C 295 45.93 19.83 13.65
CA PRO C 295 45.39 19.07 12.51
C PRO C 295 46.38 17.99 12.10
N PHE C 296 45.91 17.07 11.27
CA PHE C 296 46.78 16.02 10.77
C PHE C 296 47.78 16.66 9.82
N CYS C 297 48.94 17.05 10.34
CA CYS C 297 49.95 17.77 9.59
C CYS C 297 51.16 17.93 10.48
N ASP C 298 52.25 18.43 9.89
CA ASP C 298 53.47 18.69 10.64
C ASP C 298 54.34 19.64 9.83
N CYS C 299 55.16 20.41 10.54
CA CYS C 299 56.05 21.38 9.90
C CYS C 299 57.34 20.70 9.44
N SER C 300 57.17 19.77 8.50
CA SER C 300 58.27 19.09 7.85
C SER C 300 58.41 19.60 6.42
N SER C 301 59.64 19.60 5.93
CA SER C 301 59.96 20.03 4.57
C SER C 301 59.51 21.47 4.31
N SER C 302 59.29 22.24 5.36
CA SER C 302 58.86 23.63 5.21
C SER C 302 60.03 24.57 4.95
N GLY C 303 61.26 24.12 5.15
CA GLY C 303 62.42 24.92 4.81
C GLY C 303 62.43 26.26 5.50
N ASN C 304 62.70 27.31 4.73
CA ASN C 304 62.83 28.64 5.32
C ASN C 304 61.59 29.01 6.12
N SER C 305 60.41 28.60 5.64
CA SER C 305 59.16 29.02 6.25
C SER C 305 58.74 28.08 7.37
N LYS C 306 59.66 27.85 8.30
CA LYS C 306 59.31 27.18 9.55
C LYS C 306 58.66 28.15 10.53
N GLU C 307 58.83 29.45 10.32
CA GLU C 307 58.21 30.45 11.19
C GLU C 307 56.72 30.53 10.97
N GLU C 308 56.28 30.58 9.71
CA GLU C 308 54.85 30.66 9.43
C GLU C 308 54.14 29.40 9.92
N CYS C 309 54.71 28.23 9.65
CA CYS C 309 54.14 26.99 10.15
C CYS C 309 54.12 26.97 11.67
N ASP C 310 55.20 27.45 12.28
CA ASP C 310 55.26 27.44 13.74
C ASP C 310 54.20 28.35 14.34
N ARG C 311 54.01 29.55 13.77
CA ARG C 311 52.97 30.44 14.27
C ARG C 311 51.59 29.81 14.12
N PHE C 312 51.29 29.30 12.92
CA PHE C 312 50.03 28.59 12.70
C PHE C 312 49.81 27.54 13.78
N THR C 313 50.77 26.63 13.93
CA THR C 313 50.58 25.49 14.83
C THR C 313 50.50 25.95 16.29
N GLU C 314 51.34 26.90 16.69
CA GLU C 314 51.31 27.40 18.05
C GLU C 314 49.98 28.03 18.38
N PHE C 315 49.51 28.92 17.51
CA PHE C 315 48.17 29.47 17.67
C PHE C 315 47.15 28.35 17.78
N PHE C 316 47.38 27.25 17.07
CA PHE C 316 46.43 26.14 17.11
C PHE C 316 46.72 25.15 18.23
N THR C 317 47.98 25.02 18.66
CA THR C 317 48.34 23.98 19.62
C THR C 317 48.30 24.47 21.06
N ASP C 318 49.12 25.46 21.39
CA ASP C 318 49.29 25.91 22.77
C ASP C 318 48.85 27.37 22.85
N ASN C 319 47.70 27.59 23.48
CA ASN C 319 47.14 28.93 23.64
C ASN C 319 46.39 28.99 24.97
N ALA C 320 46.18 30.21 25.46
CA ALA C 320 45.48 30.42 26.72
C ALA C 320 43.97 30.44 26.53
N CYS C 321 43.47 31.21 25.56
CA CYS C 321 42.03 31.35 25.37
C CYS C 321 41.37 30.00 25.20
N LEU C 322 42.00 29.10 24.42
CA LEU C 322 41.37 27.82 24.13
C LEU C 322 41.41 26.90 25.34
N ARG C 323 42.53 26.88 26.05
CA ARG C 323 42.61 26.07 27.27
C ARG C 323 41.61 26.57 28.31
N ASN C 324 41.54 27.89 28.50
CA ASN C 324 40.56 28.44 29.44
C ASN C 324 39.15 28.09 29.02
N ALA C 325 38.84 28.22 27.74
CA ALA C 325 37.50 27.93 27.26
C ALA C 325 37.13 26.48 27.50
N ILE C 326 38.00 25.55 27.11
CA ILE C 326 37.71 24.14 27.29
C ILE C 326 37.68 23.75 28.75
N GLN C 327 38.39 24.50 29.60
CA GLN C 327 38.35 24.22 31.03
C GLN C 327 37.06 24.73 31.66
N ALA C 328 36.53 25.84 31.15
CA ALA C 328 35.30 26.40 31.69
C ALA C 328 34.18 25.37 31.70
N PHE C 329 33.96 24.72 30.56
CA PHE C 329 32.94 23.68 30.50
C PHE C 329 33.24 22.55 31.48
N GLY C 330 34.53 22.33 31.79
CA GLY C 330 34.87 21.25 32.71
C GLY C 330 34.32 21.48 34.10
N ASN C 331 34.38 22.72 34.58
CA ASN C 331 33.89 23.06 35.91
C ASN C 331 32.38 23.26 35.83
N GLY C 332 31.67 22.14 35.91
CA GLY C 332 30.22 22.15 35.87
C GLY C 332 29.58 21.64 37.14
N GLN D 4 -5.25 -2.44 16.04
CA GLN D 4 -6.10 -1.27 16.23
C GLN D 4 -6.53 -1.20 17.70
N GLY D 5 -6.54 -2.36 18.35
CA GLY D 5 -6.81 -2.43 19.77
C GLY D 5 -6.00 -1.43 20.55
N ARG D 6 -6.68 -0.77 21.49
CA ARG D 6 -6.07 0.22 22.36
C ARG D 6 -5.44 -0.38 23.61
N GLY D 7 -5.65 -1.67 23.90
CA GLY D 7 -4.96 -2.22 25.04
C GLY D 7 -3.54 -2.65 24.78
N CYS D 8 -3.14 -2.85 23.52
CA CYS D 8 -1.76 -3.18 23.21
C CYS D 8 -1.01 -1.87 23.06
N LEU D 9 -0.16 -1.54 24.02
CA LEU D 9 0.43 -0.22 24.08
C LEU D 9 1.94 -0.30 24.14
N LEU D 10 2.56 0.83 23.84
CA LEU D 10 4.00 0.99 23.90
C LEU D 10 4.47 1.39 25.29
N LYS D 11 5.25 0.50 25.90
CA LYS D 11 5.93 0.66 27.16
C LYS D 11 7.44 0.72 26.93
N GLU D 12 8.19 1.10 27.97
CA GLU D 12 9.62 1.28 27.84
C GLU D 12 10.30 0.95 29.16
N ILE D 13 11.55 0.52 29.07
CA ILE D 13 12.35 0.14 30.24
C ILE D 13 13.80 0.51 29.96
N HIS D 14 14.44 1.13 30.95
CA HIS D 14 15.84 1.50 30.88
C HIS D 14 16.78 0.35 31.24
N LEU D 15 17.69 -0.01 30.32
CA LEU D 15 18.58 -1.15 30.50
C LEU D 15 20.00 -0.75 30.13
N ASN D 16 20.96 -1.49 30.68
CA ASN D 16 22.31 -1.53 30.16
C ASN D 16 22.35 -2.34 28.86
N VAL D 17 23.25 -1.94 27.96
CA VAL D 17 23.45 -2.72 26.75
C VAL D 17 23.84 -4.16 27.08
N THR D 18 24.61 -4.35 28.15
CA THR D 18 25.05 -5.69 28.52
C THR D 18 23.91 -6.62 28.93
N ASP D 19 22.79 -6.09 29.45
CA ASP D 19 21.65 -6.95 29.76
C ASP D 19 21.08 -7.64 28.52
N LEU D 20 21.43 -7.16 27.33
CA LEU D 20 20.95 -7.77 26.10
C LEU D 20 21.64 -9.11 25.83
N ASP D 21 22.77 -9.36 26.48
CA ASP D 21 23.53 -10.60 26.29
C ASP D 21 23.95 -10.83 24.84
N LEU D 22 24.29 -9.76 24.12
CA LEU D 22 24.75 -9.92 22.76
C LEU D 22 26.27 -10.04 22.68
N GLY D 23 26.96 -9.95 23.82
CA GLY D 23 28.40 -10.12 23.90
C GLY D 23 29.22 -8.85 23.98
N TYR D 24 28.61 -7.68 23.80
CA TYR D 24 29.38 -6.45 23.86
C TYR D 24 29.81 -6.11 25.29
N ARG D 25 30.98 -5.48 25.37
CA ARG D 25 31.58 -4.99 26.61
C ARG D 25 31.66 -3.47 26.60
N THR D 26 30.66 -2.82 27.21
CA THR D 26 30.54 -1.37 27.17
C THR D 26 29.73 -0.94 28.38
N LYS D 27 29.93 0.30 28.79
CA LYS D 27 29.12 0.89 29.85
C LYS D 27 28.04 1.82 29.32
N GLU D 28 27.80 1.83 28.00
CA GLU D 28 26.76 2.68 27.45
C GLU D 28 25.38 2.08 27.78
N GLU D 29 24.36 2.93 27.70
CA GLU D 29 23.02 2.58 28.14
C GLU D 29 22.03 2.88 27.01
N LEU D 30 20.77 2.50 27.19
CA LEU D 30 19.78 2.79 26.16
C LEU D 30 18.36 2.71 26.72
N ILE D 31 17.42 3.26 25.94
CA ILE D 31 15.98 3.08 26.13
C ILE D 31 15.46 2.06 25.13
N PHE D 32 14.99 0.94 25.65
CA PHE D 32 14.34 -0.11 24.87
C PHE D 32 12.82 0.06 24.95
N ARG D 33 12.15 -0.06 23.80
CA ARG D 33 10.70 0.12 23.69
C ARG D 33 10.05 -1.15 23.17
N TYR D 34 8.80 -1.43 23.58
CA TYR D 34 8.17 -2.68 23.18
C TYR D 34 6.65 -2.61 23.29
N CYS D 35 6.02 -3.54 22.57
CA CYS D 35 4.58 -3.68 22.47
C CYS D 35 4.07 -4.71 23.48
N SER D 36 2.92 -4.44 24.11
CA SER D 36 2.37 -5.35 25.10
C SER D 36 0.90 -5.01 25.28
N GLY D 37 0.06 -6.04 25.34
CA GLY D 37 -1.34 -5.87 25.62
C GLY D 37 -2.27 -6.73 24.78
N PRO D 38 -3.55 -6.76 25.16
CA PRO D 38 -4.53 -7.63 24.50
C PRO D 38 -5.05 -7.06 23.19
N CYS D 39 -5.42 -7.98 22.29
CA CYS D 39 -5.92 -7.66 20.95
C CYS D 39 -7.28 -8.29 20.67
N HIS D 40 -8.02 -8.66 21.73
CA HIS D 40 -9.25 -9.43 21.59
C HIS D 40 -10.35 -8.70 20.83
N ASP D 41 -10.42 -7.38 20.92
CA ASP D 41 -11.47 -6.63 20.24
C ASP D 41 -11.34 -6.61 18.71
N ALA D 42 -10.25 -7.12 18.16
CA ALA D 42 -10.06 -7.20 16.71
C ALA D 42 -10.25 -8.59 16.11
N GLU D 43 -10.68 -9.58 16.89
CA GLU D 43 -10.79 -10.94 16.37
C GLU D 43 -12.03 -11.16 15.50
N THR D 44 -11.92 -12.19 14.66
CA THR D 44 -12.92 -12.61 13.67
C THR D 44 -13.43 -14.01 14.01
N ASN D 45 -14.35 -14.49 13.18
CA ASN D 45 -14.81 -15.88 13.26
C ASN D 45 -13.68 -16.90 13.18
N TYR D 46 -12.66 -16.61 12.35
CA TYR D 46 -11.51 -17.50 12.23
C TYR D 46 -10.88 -17.81 13.59
N ASP D 47 -10.62 -16.77 14.37
CA ASP D 47 -9.97 -16.95 15.65
C ASP D 47 -10.85 -17.69 16.63
N LYS D 48 -12.15 -17.43 16.59
CA LYS D 48 -13.05 -18.11 17.50
C LYS D 48 -13.10 -19.59 17.21
N ILE D 49 -13.05 -19.95 15.93
CA ILE D 49 -13.05 -21.36 15.56
C ILE D 49 -11.76 -22.02 16.03
N LEU D 50 -10.63 -21.34 15.83
CA LEU D 50 -9.35 -21.83 16.29
C LEU D 50 -9.35 -22.08 17.79
N ASN D 51 -9.76 -21.06 18.56
CA ASN D 51 -9.90 -21.19 20.00
C ASN D 51 -10.75 -22.40 20.36
N ASN D 52 -11.84 -22.60 19.62
CA ASN D 52 -12.76 -23.65 19.98
C ASN D 52 -12.18 -25.03 19.69
N LEU D 53 -11.40 -25.15 18.62
CA LEU D 53 -10.84 -26.45 18.30
C LEU D 53 -9.61 -26.77 19.14
N THR D 54 -8.90 -25.74 19.60
CA THR D 54 -7.85 -25.89 20.60
C THR D 54 -8.40 -26.37 21.93
N HIS D 55 -9.46 -25.75 22.42
CA HIS D 55 -10.05 -26.17 23.68
C HIS D 55 -10.62 -27.58 23.58
N ASN D 56 -11.09 -27.97 22.39
CA ASN D 56 -11.60 -29.33 22.21
C ASN D 56 -10.48 -30.36 22.20
N LYS D 57 -9.24 -29.96 21.95
CA LYS D 57 -8.12 -30.86 21.66
C LYS D 57 -8.30 -31.67 20.38
N LYS D 58 -9.29 -31.33 19.54
CA LYS D 58 -9.54 -32.11 18.34
C LYS D 58 -8.43 -31.98 17.29
N LEU D 59 -7.64 -30.91 17.29
CA LEU D 59 -6.37 -30.89 16.56
C LEU D 59 -5.22 -31.30 17.48
N ASP D 60 -4.63 -32.47 17.20
CA ASP D 60 -3.71 -33.11 18.14
C ASP D 60 -2.56 -32.17 18.53
N LYS D 61 -1.81 -31.69 17.54
CA LYS D 61 -0.62 -30.88 17.76
C LYS D 61 -0.65 -29.53 17.05
N ASP D 62 -1.33 -29.41 15.92
CA ASP D 62 -1.33 -28.15 15.19
C ASP D 62 -1.93 -27.06 16.07
N THR D 63 -1.25 -25.92 16.13
CA THR D 63 -1.62 -24.82 17.04
C THR D 63 -1.46 -23.49 16.30
N PRO D 64 -2.36 -23.18 15.38
CA PRO D 64 -2.23 -21.93 14.64
C PRO D 64 -2.47 -20.72 15.53
N SER D 65 -1.83 -19.63 15.16
CA SER D 65 -1.87 -18.50 16.01
C SER D 65 -3.08 -17.60 15.81
N ARG D 66 -3.60 -17.08 16.93
CA ARG D 66 -4.59 -16.02 16.91
C ARG D 66 -3.86 -14.67 16.80
N THR D 67 -4.62 -13.59 16.72
CA THR D 67 -4.03 -12.26 16.57
C THR D 67 -2.90 -12.00 17.55
N CYS D 68 -1.78 -11.51 17.02
CA CYS D 68 -0.64 -11.19 17.86
C CYS D 68 -0.51 -9.68 17.79
N CYS D 69 -0.07 -9.03 18.86
CA CYS D 69 0.25 -7.60 18.81
C CYS D 69 1.73 -7.39 18.53
N ARG D 70 2.08 -6.88 17.35
CA ARG D 70 3.48 -6.96 17.01
C ARG D 70 3.84 -5.61 16.40
N PRO D 71 5.11 -5.19 16.47
CA PRO D 71 5.52 -4.00 15.74
C PRO D 71 5.52 -4.17 14.25
N ILE D 72 5.05 -3.13 13.57
CA ILE D 72 5.15 -2.98 12.12
C ILE D 72 6.13 -1.90 11.70
N ALA D 73 6.70 -1.15 12.64
CA ALA D 73 7.81 -0.27 12.29
C ALA D 73 8.77 -0.19 13.48
N PHE D 74 10.05 -0.05 13.15
CA PHE D 74 11.15 -0.01 14.11
C PHE D 74 11.79 1.37 14.23
N ASP D 75 12.36 1.61 15.41
CA ASP D 75 13.06 2.85 15.72
C ASP D 75 14.35 3.01 14.89
N ASP D 76 14.91 4.21 14.98
CA ASP D 76 16.19 4.55 14.36
C ASP D 76 17.35 3.68 14.86
N ASP D 77 18.35 3.52 13.99
CA ASP D 77 19.64 2.90 14.31
C ASP D 77 20.30 3.51 15.54
N ILE D 78 21.05 2.66 16.25
CA ILE D 78 21.93 3.01 17.37
C ILE D 78 23.39 2.60 17.13
N SER D 79 24.32 3.39 17.68
CA SER D 79 25.74 3.04 17.61
C SER D 79 26.31 3.07 19.03
N PHE D 80 27.43 2.37 19.25
CA PHE D 80 28.10 2.43 20.55
C PHE D 80 29.51 1.87 20.43
N LEU D 81 30.34 2.23 21.40
CA LEU D 81 31.73 1.81 21.52
C LEU D 81 31.94 0.77 22.61
N ASP D 82 32.65 -0.32 22.30
CA ASP D 82 32.85 -1.36 23.30
C ASP D 82 34.11 -1.08 24.10
N ASP D 83 34.40 -1.97 25.05
CA ASP D 83 35.51 -1.75 25.97
C ASP D 83 36.86 -1.74 25.26
N SER D 84 36.98 -2.44 24.13
CA SER D 84 38.20 -2.41 23.33
C SER D 84 38.26 -1.25 22.36
N LEU D 85 37.35 -0.28 22.48
CA LEU D 85 37.36 0.91 21.63
C LEU D 85 37.07 0.59 20.17
N GLU D 86 36.30 -0.47 19.91
CA GLU D 86 35.77 -0.79 18.59
C GLU D 86 34.29 -0.41 18.56
N TYR D 87 33.85 0.17 17.46
CA TYR D 87 32.43 0.49 17.32
C TYR D 87 31.62 -0.67 16.74
N HIS D 88 30.36 -0.76 17.17
CA HIS D 88 29.36 -1.69 16.64
C HIS D 88 28.04 -0.93 16.48
N THR D 89 27.23 -1.35 15.52
CA THR D 89 25.93 -0.74 15.23
C THR D 89 24.82 -1.78 15.18
N LEU D 90 23.70 -1.42 15.81
CA LEU D 90 22.51 -2.25 15.87
C LEU D 90 21.34 -1.58 15.15
N LYS D 91 20.71 -2.37 14.27
CA LYS D 91 19.59 -1.98 13.45
C LYS D 91 18.33 -2.76 13.84
N LYS D 92 17.16 -2.14 13.67
CA LYS D 92 15.87 -2.80 13.94
C LYS D 92 15.80 -3.41 15.33
N HIS D 93 16.13 -2.63 16.33
CA HIS D 93 16.22 -3.09 17.71
C HIS D 93 15.06 -2.65 18.59
N SER D 94 14.26 -1.67 18.16
CA SER D 94 13.28 -1.06 19.03
C SER D 94 12.07 -0.60 18.23
N ALA D 95 10.89 -0.70 18.85
CA ALA D 95 9.62 -0.40 18.20
C ALA D 95 9.37 1.10 18.22
N LYS D 96 8.75 1.58 17.14
CA LYS D 96 8.25 2.95 17.09
C LYS D 96 6.73 3.09 17.21
N LYS D 97 5.96 2.25 16.51
CA LYS D 97 4.52 2.27 16.65
C LYS D 97 3.98 0.86 16.59
N CYS D 98 2.90 0.62 17.35
CA CYS D 98 2.35 -0.71 17.54
C CYS D 98 0.96 -0.88 16.99
N ALA D 99 0.57 -2.14 16.75
CA ALA D 99 -0.74 -2.45 16.19
C ALA D 99 -1.06 -3.92 16.37
N CYS D 100 -2.36 -4.23 16.41
CA CYS D 100 -2.86 -5.60 16.39
C CYS D 100 -2.90 -6.16 14.98
N VAL D 101 -2.24 -7.29 14.77
CA VAL D 101 -2.15 -7.89 13.44
C VAL D 101 -2.37 -9.39 13.58
N ARG E 10 -22.37 -21.98 -33.46
CA ARG E 10 -22.45 -21.11 -34.62
C ARG E 10 -22.00 -19.71 -34.26
N LEU E 11 -21.97 -18.83 -35.26
CA LEU E 11 -21.47 -17.48 -35.08
C LEU E 11 -22.49 -16.60 -34.36
N ASP E 12 -21.99 -15.56 -33.71
CA ASP E 12 -22.83 -14.59 -33.03
C ASP E 12 -23.48 -13.64 -34.03
N CYS E 13 -24.26 -12.69 -33.51
CA CYS E 13 -24.92 -11.69 -34.34
C CYS E 13 -24.13 -10.39 -34.42
N VAL E 14 -23.65 -9.89 -33.28
CA VAL E 14 -22.95 -8.61 -33.27
C VAL E 14 -21.69 -8.68 -34.11
N LYS E 15 -21.02 -9.83 -34.13
CA LYS E 15 -19.89 -10.01 -35.04
C LYS E 15 -20.35 -9.84 -36.49
N ALA E 16 -21.47 -10.48 -36.84
CA ALA E 16 -22.02 -10.30 -38.17
C ALA E 16 -22.47 -8.86 -38.40
N ASN E 17 -22.91 -8.18 -37.34
CA ASN E 17 -23.27 -6.77 -37.46
C ASN E 17 -22.06 -5.95 -37.86
N GLU E 18 -20.96 -6.12 -37.13
CA GLU E 18 -19.72 -5.42 -37.48
C GLU E 18 -19.30 -5.76 -38.90
N LEU E 19 -19.46 -7.03 -39.29
CA LEU E 19 -19.09 -7.44 -40.64
C LEU E 19 -19.89 -6.70 -41.69
N CYS E 20 -21.21 -6.69 -41.56
CA CYS E 20 -22.06 -6.06 -42.57
C CYS E 20 -21.93 -4.55 -42.58
N LEU E 21 -21.49 -3.96 -41.47
CA LEU E 21 -21.35 -2.50 -41.40
C LEU E 21 -20.17 -1.98 -42.23
N LYS E 22 -19.38 -2.86 -42.81
CA LYS E 22 -18.23 -2.47 -43.64
C LYS E 22 -18.55 -2.51 -45.13
N GLU E 23 -19.17 -3.59 -45.59
CA GLU E 23 -19.47 -3.73 -47.02
C GLU E 23 -20.41 -2.62 -47.46
N PRO E 24 -20.07 -1.84 -48.50
CA PRO E 24 -20.98 -0.79 -48.95
C PRO E 24 -22.39 -1.29 -49.25
N GLY E 25 -22.51 -2.34 -50.06
CA GLY E 25 -23.82 -2.86 -50.39
C GLY E 25 -24.57 -3.36 -49.17
N CYS E 26 -23.87 -4.10 -48.30
CA CYS E 26 -24.54 -4.71 -47.16
C CYS E 26 -25.17 -3.64 -46.26
N SER E 27 -24.37 -2.66 -45.83
CA SER E 27 -24.89 -1.64 -44.93
C SER E 27 -25.85 -0.70 -45.65
N SER E 28 -25.58 -0.40 -46.92
CA SER E 28 -26.48 0.47 -47.68
C SER E 28 -27.87 -0.14 -47.75
N LYS E 29 -27.97 -1.43 -48.10
CA LYS E 29 -29.27 -2.07 -48.16
C LYS E 29 -29.83 -2.31 -46.76
N TYR E 30 -28.98 -2.48 -45.76
CA TYR E 30 -29.48 -2.56 -44.38
C TYR E 30 -30.22 -1.29 -43.99
N ARG E 31 -29.65 -0.14 -44.36
CA ARG E 31 -30.32 1.13 -44.09
C ARG E 31 -31.58 1.29 -44.93
N THR E 32 -31.47 1.03 -46.24
CA THR E 32 -32.66 1.02 -47.09
C THR E 32 -33.76 0.20 -46.44
N MET E 33 -33.39 -0.89 -45.76
CA MET E 33 -34.39 -1.80 -45.22
C MET E 33 -34.98 -1.23 -43.93
N ARG E 34 -34.12 -0.91 -42.97
CA ARG E 34 -34.59 -0.27 -41.74
C ARG E 34 -35.51 0.90 -42.06
N GLN E 35 -35.36 1.48 -43.25
CA GLN E 35 -36.33 2.46 -43.72
C GLN E 35 -37.58 1.82 -44.30
N CYS E 36 -37.44 0.71 -45.05
CA CYS E 36 -38.60 0.09 -45.68
C CYS E 36 -39.56 -0.46 -44.63
N VAL E 37 -39.05 -1.26 -43.70
CA VAL E 37 -39.91 -1.85 -42.67
C VAL E 37 -40.52 -0.78 -41.77
N ALA E 38 -39.91 0.40 -41.72
CA ALA E 38 -40.41 1.47 -40.87
C ALA E 38 -41.80 1.93 -41.28
N GLY E 39 -42.23 1.61 -42.50
CA GLY E 39 -43.54 2.01 -42.97
C GLY E 39 -44.08 1.07 -44.03
N GLU E 55 -39.39 -2.34 -54.84
CA GLU E 55 -37.97 -2.26 -54.55
C GLU E 55 -37.64 -2.92 -53.22
N CYS E 56 -38.33 -2.49 -52.16
CA CYS E 56 -38.05 -3.00 -50.83
C CYS E 56 -38.08 -4.53 -50.80
N ARG E 57 -39.00 -5.13 -51.55
CA ARG E 57 -39.06 -6.59 -51.60
C ARG E 57 -37.80 -7.17 -52.25
N LEU E 58 -37.28 -6.51 -53.28
CA LEU E 58 -36.00 -6.94 -53.85
C LEU E 58 -34.88 -6.83 -52.85
N VAL E 59 -35.00 -5.92 -51.87
CA VAL E 59 -33.97 -5.78 -50.86
C VAL E 59 -34.06 -6.90 -49.82
N LEU E 60 -35.24 -7.52 -49.67
CA LEU E 60 -35.36 -8.65 -48.76
C LEU E 60 -34.39 -9.77 -49.12
N ASP E 61 -34.20 -10.00 -50.42
CA ASP E 61 -33.36 -11.11 -50.87
C ASP E 61 -31.93 -10.98 -50.35
N ALA E 62 -31.35 -9.77 -50.48
CA ALA E 62 -29.97 -9.57 -50.07
C ALA E 62 -29.78 -9.82 -48.58
N LEU E 63 -30.74 -9.38 -47.77
CA LEU E 63 -30.63 -9.55 -46.32
C LEU E 63 -30.60 -11.02 -45.95
N LYS E 64 -31.44 -11.84 -46.59
CA LYS E 64 -31.52 -13.24 -46.22
C LYS E 64 -30.19 -13.94 -46.40
N GLN E 65 -29.45 -13.61 -47.46
CA GLN E 65 -28.19 -14.30 -47.73
C GLN E 65 -27.12 -13.97 -46.69
N SER E 66 -27.21 -12.80 -46.07
CA SER E 66 -26.19 -12.41 -45.10
C SER E 66 -26.22 -13.34 -43.90
N PRO E 67 -25.07 -13.55 -43.25
CA PRO E 67 -25.05 -14.43 -42.07
C PRO E 67 -25.94 -13.92 -40.95
N LEU E 68 -26.23 -12.62 -40.98
CA LEU E 68 -27.07 -11.93 -40.01
C LEU E 68 -28.51 -12.47 -39.95
N TYR E 69 -29.02 -12.92 -41.08
CA TYR E 69 -30.38 -13.43 -41.17
C TYR E 69 -30.52 -14.73 -40.39
N ASN E 70 -29.46 -15.51 -40.33
CA ASN E 70 -29.44 -16.79 -39.62
C ASN E 70 -28.57 -16.76 -38.37
N CYS E 71 -28.29 -15.58 -37.82
CA CYS E 71 -27.38 -15.46 -36.70
C CYS E 71 -28.08 -15.85 -35.40
N ARG E 72 -27.39 -16.64 -34.57
CA ARG E 72 -27.91 -17.09 -33.30
C ARG E 72 -26.78 -17.11 -32.28
N CYS E 73 -27.04 -16.56 -31.09
CA CYS E 73 -26.06 -16.55 -30.02
C CYS E 73 -26.53 -17.46 -28.88
N LYS E 74 -25.67 -17.66 -27.89
CA LYS E 74 -25.91 -18.63 -26.83
C LYS E 74 -25.33 -18.11 -25.52
N ARG E 75 -25.16 -19.01 -24.56
CA ARG E 75 -24.72 -18.72 -23.21
C ARG E 75 -23.20 -18.86 -23.09
N GLY E 76 -22.69 -18.51 -21.90
CA GLY E 76 -21.30 -18.65 -21.56
C GLY E 76 -20.47 -17.41 -21.83
N MET E 77 -20.95 -16.51 -22.69
CA MET E 77 -20.25 -15.28 -23.00
C MET E 77 -20.82 -14.16 -22.14
N LYS E 78 -20.38 -12.91 -22.39
CA LYS E 78 -20.80 -11.78 -21.59
C LYS E 78 -21.35 -10.64 -22.44
N LYS E 79 -21.71 -10.93 -23.70
CA LYS E 79 -22.33 -9.94 -24.59
C LYS E 79 -23.51 -10.63 -25.27
N GLU E 80 -24.69 -10.47 -24.69
CA GLU E 80 -25.91 -11.10 -25.18
C GLU E 80 -27.05 -10.12 -25.35
N LYS E 81 -27.17 -9.15 -24.44
CA LYS E 81 -28.26 -8.18 -24.48
C LYS E 81 -28.33 -7.57 -25.87
N ASN E 82 -27.17 -7.23 -26.44
CA ASN E 82 -27.14 -6.63 -27.77
C ASN E 82 -27.53 -7.63 -28.84
N CYS E 83 -27.03 -8.86 -28.75
CA CYS E 83 -27.43 -9.88 -29.72
C CYS E 83 -28.93 -10.09 -29.71
N LEU E 84 -29.50 -10.24 -28.52
CA LEU E 84 -30.93 -10.48 -28.39
C LEU E 84 -31.73 -9.30 -28.90
N ARG E 85 -31.29 -8.08 -28.58
CA ARG E 85 -31.98 -6.91 -29.10
C ARG E 85 -31.93 -6.87 -30.62
N ILE E 86 -30.77 -7.18 -31.20
CA ILE E 86 -30.63 -7.19 -32.65
C ILE E 86 -31.64 -8.14 -33.27
N TYR E 87 -31.69 -9.37 -32.75
CA TYR E 87 -32.48 -10.39 -33.43
C TYR E 87 -33.96 -10.09 -33.23
N TRP E 88 -34.34 -9.63 -32.03
CA TRP E 88 -35.72 -9.25 -31.77
C TRP E 88 -36.16 -8.13 -32.69
N GLY E 89 -35.30 -7.14 -32.89
CA GLY E 89 -35.62 -6.08 -33.84
C GLY E 89 -35.78 -6.60 -35.25
N ILE E 90 -34.96 -7.57 -35.64
CA ILE E 90 -34.98 -8.07 -37.01
C ILE E 90 -36.26 -8.84 -37.29
N TYR E 91 -36.64 -9.73 -36.39
CA TYR E 91 -37.71 -10.71 -36.61
C TYR E 91 -39.03 -10.36 -35.94
N GLN E 92 -39.03 -9.69 -34.79
CA GLN E 92 -40.29 -9.22 -34.23
C GLN E 92 -41.00 -8.27 -35.20
N HIS E 93 -40.24 -7.42 -35.89
CA HIS E 93 -40.82 -6.48 -36.84
C HIS E 93 -41.23 -7.19 -38.13
N LEU E 94 -40.43 -8.15 -38.57
CA LEU E 94 -40.76 -8.94 -39.76
C LEU E 94 -40.98 -10.40 -39.38
N LEU E 99 -42.91 -15.40 -30.72
CA LEU E 99 -41.77 -15.42 -29.81
C LEU E 99 -41.44 -16.84 -29.37
N LEU E 100 -42.47 -17.62 -29.06
CA LEU E 100 -42.27 -19.03 -28.72
C LEU E 100 -42.12 -19.89 -29.96
N GLU E 101 -42.81 -19.54 -31.05
CA GLU E 101 -42.85 -20.36 -32.24
C GLU E 101 -41.46 -20.54 -32.84
N ASP E 102 -40.77 -19.43 -33.09
CA ASP E 102 -39.44 -19.42 -33.71
C ASP E 102 -38.47 -18.77 -32.73
N SER E 103 -37.62 -19.59 -32.11
CA SER E 103 -36.74 -19.10 -31.07
C SER E 103 -35.32 -18.91 -31.62
N PRO E 104 -34.65 -17.80 -31.26
CA PRO E 104 -33.25 -17.62 -31.65
C PRO E 104 -32.26 -18.25 -30.68
N TYR E 105 -32.67 -18.31 -29.42
CA TYR E 105 -31.71 -18.34 -28.33
C TYR E 105 -30.76 -19.52 -28.44
N GLU E 106 -31.20 -20.59 -29.08
CA GLU E 106 -30.41 -21.80 -29.11
C GLU E 106 -30.28 -22.33 -30.53
N PRO E 107 -29.07 -22.52 -31.05
CA PRO E 107 -28.90 -23.17 -32.34
C PRO E 107 -29.28 -24.65 -32.25
N VAL E 108 -29.12 -25.34 -33.38
CA VAL E 108 -29.50 -26.74 -33.47
C VAL E 108 -28.27 -27.62 -33.23
N ASN E 109 -27.17 -27.01 -32.79
CA ASN E 109 -25.96 -27.73 -32.42
C ASN E 109 -25.88 -28.04 -30.94
N SER E 110 -26.88 -27.65 -30.15
CA SER E 110 -26.81 -27.83 -28.71
C SER E 110 -26.95 -29.29 -28.29
N ARG E 111 -27.49 -30.15 -29.17
CA ARG E 111 -27.58 -31.57 -28.84
C ARG E 111 -26.21 -32.14 -28.51
N LEU E 112 -25.17 -31.63 -29.18
CA LEU E 112 -23.81 -32.07 -28.87
C LEU E 112 -23.46 -31.75 -27.43
N SER E 113 -23.88 -30.57 -26.95
CA SER E 113 -23.75 -30.27 -25.53
C SER E 113 -24.77 -31.06 -24.70
N ASP E 114 -25.93 -31.36 -25.29
CA ASP E 114 -26.99 -32.03 -24.53
C ASP E 114 -26.55 -33.41 -24.06
N ILE E 115 -26.06 -34.23 -25.00
CA ILE E 115 -25.70 -35.60 -24.65
C ILE E 115 -24.57 -35.61 -23.62
N PHE E 116 -23.57 -34.73 -23.81
CA PHE E 116 -22.46 -34.67 -22.86
C PHE E 116 -22.92 -34.18 -21.49
N ARG E 117 -23.92 -33.30 -21.45
CA ARG E 117 -24.49 -32.83 -20.20
C ARG E 117 -25.56 -33.76 -19.66
N LEU E 118 -25.81 -34.88 -20.34
CA LEU E 118 -26.56 -35.98 -19.77
C LEU E 118 -25.68 -36.93 -18.95
N ALA E 119 -24.36 -36.86 -19.13
CA ALA E 119 -23.39 -37.68 -18.40
C ALA E 119 -23.19 -37.28 -16.94
N PRO E 120 -23.36 -35.99 -16.57
CA PRO E 120 -23.03 -35.56 -15.19
C PRO E 120 -23.43 -36.52 -14.09
N ILE E 121 -24.51 -37.29 -14.30
CA ILE E 121 -24.98 -38.19 -13.26
C ILE E 121 -23.85 -39.13 -12.84
N TYR E 122 -23.14 -39.70 -13.81
CA TYR E 122 -22.00 -40.54 -13.49
C TYR E 122 -20.85 -39.74 -12.89
N SER E 123 -20.75 -38.46 -13.25
CA SER E 123 -19.65 -37.63 -12.77
C SER E 123 -19.91 -37.01 -11.41
N GLY E 124 -21.13 -37.13 -10.89
CA GLY E 124 -21.51 -36.40 -9.69
C GLY E 124 -20.78 -36.80 -8.43
N GLU E 125 -21.05 -38.02 -7.94
CA GLU E 125 -20.55 -38.43 -6.63
C GLU E 125 -20.66 -39.94 -6.54
N PRO E 126 -19.71 -40.62 -5.88
CA PRO E 126 -19.84 -42.08 -5.75
C PRO E 126 -20.96 -42.51 -4.81
N ALA E 127 -21.14 -41.81 -3.69
CA ALA E 127 -22.16 -42.21 -2.73
C ALA E 127 -23.56 -42.02 -3.32
N LEU E 128 -24.44 -42.97 -3.04
CA LEU E 128 -25.80 -42.93 -3.56
C LEU E 128 -26.67 -43.86 -2.74
N ALA E 129 -27.98 -43.82 -3.00
CA ALA E 129 -28.96 -44.70 -2.38
C ALA E 129 -29.17 -44.36 -0.90
N LYS E 130 -29.07 -43.08 -0.57
CA LYS E 130 -29.31 -42.62 0.79
C LYS E 130 -30.78 -42.24 0.94
N GLU E 131 -31.14 -41.75 2.14
CA GLU E 131 -32.51 -41.32 2.40
C GLU E 131 -32.83 -39.97 1.78
N ASN E 132 -31.85 -39.27 1.21
CA ASN E 132 -32.08 -37.96 0.64
C ASN E 132 -30.99 -37.63 -0.36
N ASN E 133 -31.38 -37.05 -1.49
CA ASN E 133 -30.46 -36.66 -2.55
C ASN E 133 -30.20 -35.16 -2.58
N CYS E 134 -31.20 -34.34 -2.24
CA CYS E 134 -31.00 -32.90 -2.16
C CYS E 134 -29.88 -32.54 -1.19
N LEU E 135 -29.88 -33.18 -0.02
CA LEU E 135 -28.81 -32.94 0.94
C LEU E 135 -27.46 -33.32 0.38
N ASN E 136 -27.38 -34.41 -0.39
CA ASN E 136 -26.11 -34.80 -0.98
C ASN E 136 -25.64 -33.78 -2.01
N ALA E 137 -26.55 -33.25 -2.82
CA ALA E 137 -26.18 -32.20 -3.77
C ALA E 137 -25.67 -30.97 -3.03
N ALA E 138 -26.33 -30.61 -1.93
CA ALA E 138 -25.87 -29.46 -1.15
C ALA E 138 -24.48 -29.71 -0.58
N LYS E 139 -24.26 -30.91 -0.03
CA LYS E 139 -22.93 -31.28 0.43
C LYS E 139 -21.91 -31.12 -0.67
N ALA E 140 -22.22 -31.60 -1.87
CA ALA E 140 -21.27 -31.50 -2.98
C ALA E 140 -21.01 -30.05 -3.39
N CYS E 141 -22.01 -29.19 -3.30
CA CYS E 141 -21.81 -27.80 -3.68
C CYS E 141 -21.02 -27.02 -2.63
N ASN E 142 -21.17 -27.35 -1.34
CA ASN E 142 -20.38 -26.73 -0.29
C ASN E 142 -18.98 -27.34 -0.14
N LEU E 143 -18.51 -28.06 -1.15
CA LEU E 143 -17.13 -28.53 -1.21
C LEU E 143 -16.37 -28.03 -2.42
N ASN E 144 -17.06 -27.61 -3.48
CA ASN E 144 -16.42 -26.98 -4.62
C ASN E 144 -16.39 -25.47 -4.40
N ASP E 145 -15.43 -24.81 -5.06
CA ASP E 145 -15.12 -23.42 -4.78
C ASP E 145 -15.70 -22.46 -5.79
N THR E 146 -16.63 -22.92 -6.62
CA THR E 146 -17.40 -22.05 -7.50
C THR E 146 -18.88 -22.07 -7.16
N CYS E 147 -19.49 -23.26 -7.14
CA CYS E 147 -20.87 -23.37 -6.69
C CYS E 147 -21.04 -22.78 -5.30
N LYS E 148 -20.11 -23.04 -4.39
CA LYS E 148 -20.20 -22.52 -3.04
C LYS E 148 -20.28 -20.99 -3.05
N LYS E 149 -19.33 -20.36 -3.73
CA LYS E 149 -19.29 -18.91 -3.81
C LYS E 149 -20.60 -18.37 -4.34
N TYR E 150 -20.99 -18.81 -5.53
CA TYR E 150 -22.16 -18.22 -6.18
C TYR E 150 -23.44 -18.52 -5.41
N ARG E 151 -23.51 -19.67 -4.75
CA ARG E 151 -24.66 -20.01 -3.93
C ARG E 151 -24.81 -19.05 -2.76
N SER E 152 -23.74 -18.85 -1.98
CA SER E 152 -23.83 -17.86 -0.92
C SER E 152 -24.11 -16.47 -1.48
N ALA E 153 -23.64 -16.20 -2.70
CA ALA E 153 -23.84 -14.89 -3.30
C ALA E 153 -25.31 -14.61 -3.58
N TYR E 154 -26.00 -15.54 -4.24
CA TYR E 154 -27.43 -15.30 -4.45
C TYR E 154 -28.27 -15.77 -3.26
N ILE E 155 -27.63 -16.15 -2.16
CA ILE E 155 -28.38 -16.41 -0.92
C ILE E 155 -28.45 -15.16 -0.06
N SER E 156 -27.30 -14.66 0.38
CA SER E 156 -27.27 -13.63 1.41
C SER E 156 -28.16 -12.43 1.06
N PRO E 157 -28.05 -11.87 -0.14
CA PRO E 157 -28.94 -10.76 -0.48
C PRO E 157 -30.42 -11.10 -0.36
N CYS E 158 -30.80 -12.33 -0.71
CA CYS E 158 -32.21 -12.71 -0.62
C CYS E 158 -32.66 -12.84 0.82
N THR E 159 -31.74 -12.87 1.77
CA THR E 159 -32.07 -12.96 3.18
C THR E 159 -31.78 -11.66 3.91
N SER E 160 -31.48 -10.59 3.18
CA SER E 160 -31.09 -9.32 3.76
C SER E 160 -32.34 -8.47 4.03
N ARG E 161 -32.57 -8.17 5.30
CA ARG E 161 -33.64 -7.25 5.68
C ARG E 161 -33.12 -5.82 5.56
N VAL E 162 -33.81 -5.00 4.76
CA VAL E 162 -33.42 -3.61 4.55
C VAL E 162 -34.47 -2.63 5.04
N SER E 163 -35.59 -3.11 5.55
CA SER E 163 -36.57 -2.23 6.17
C SER E 163 -37.59 -3.10 6.89
N THR E 164 -38.34 -2.47 7.80
CA THR E 164 -39.37 -3.18 8.55
C THR E 164 -40.57 -3.53 7.68
N ALA E 165 -40.73 -2.85 6.55
CA ALA E 165 -41.79 -3.18 5.60
C ALA E 165 -41.36 -4.28 4.64
N GLU E 166 -40.24 -4.06 3.95
CA GLU E 166 -39.69 -5.09 3.08
C GLU E 166 -39.06 -6.20 3.90
N VAL E 167 -38.79 -7.31 3.23
CA VAL E 167 -38.02 -8.40 3.82
C VAL E 167 -36.71 -8.63 3.10
N CYS E 168 -36.56 -8.14 1.87
CA CYS E 168 -35.37 -8.37 1.06
C CYS E 168 -35.53 -7.61 -0.24
N ASN E 169 -34.41 -7.41 -0.93
CA ASN E 169 -34.38 -6.75 -2.22
C ASN E 169 -34.33 -7.81 -3.30
N LYS E 170 -35.41 -7.95 -4.06
CA LYS E 170 -35.53 -9.05 -5.00
C LYS E 170 -34.65 -8.87 -6.22
N ARG E 171 -34.51 -7.63 -6.70
CA ARG E 171 -33.68 -7.36 -7.87
C ARG E 171 -32.32 -8.03 -7.74
N LYS E 172 -31.63 -7.75 -6.63
CA LYS E 172 -30.34 -8.37 -6.38
C LYS E 172 -30.47 -9.88 -6.32
N CYS E 173 -31.49 -10.37 -5.63
CA CYS E 173 -31.65 -11.81 -5.46
C CYS E 173 -31.81 -12.50 -6.80
N HIS E 174 -32.74 -12.00 -7.62
CA HIS E 174 -32.98 -12.63 -8.91
C HIS E 174 -31.75 -12.56 -9.80
N LYS E 175 -31.08 -11.41 -9.85
CA LYS E 175 -29.91 -11.28 -10.71
C LYS E 175 -28.80 -12.24 -10.27
N ALA E 176 -28.56 -12.35 -8.97
CA ALA E 176 -27.52 -13.26 -8.47
C ALA E 176 -27.87 -14.72 -8.77
N LEU E 177 -29.11 -15.10 -8.46
CA LEU E 177 -29.60 -16.43 -8.80
C LEU E 177 -29.36 -16.73 -10.28
N ARG E 178 -29.64 -15.76 -11.14
CA ARG E 178 -29.47 -15.92 -12.57
C ARG E 178 -28.02 -16.18 -12.93
N GLN E 179 -27.12 -15.29 -12.50
CA GLN E 179 -25.72 -15.44 -12.86
C GLN E 179 -25.09 -16.65 -12.20
N PHE E 180 -25.77 -17.27 -11.23
CA PHE E 180 -25.33 -18.57 -10.76
C PHE E 180 -25.75 -19.67 -11.70
N PHE E 181 -27.03 -19.73 -12.04
CA PHE E 181 -27.49 -20.79 -12.94
C PHE E 181 -26.96 -20.61 -14.36
N ASP E 182 -26.23 -19.53 -14.63
CA ASP E 182 -25.58 -19.35 -15.93
C ASP E 182 -24.18 -19.96 -15.98
N LYS E 183 -23.41 -19.88 -14.90
CA LYS E 183 -22.00 -20.25 -14.92
C LYS E 183 -21.72 -21.62 -14.31
N VAL E 184 -22.08 -21.80 -13.03
CA VAL E 184 -21.66 -22.95 -12.23
C VAL E 184 -21.92 -24.24 -12.98
N PRO E 185 -21.01 -25.22 -12.91
CA PRO E 185 -21.15 -26.43 -13.74
C PRO E 185 -22.46 -27.15 -13.49
N PRO E 186 -23.08 -27.72 -14.53
CA PRO E 186 -24.36 -28.41 -14.33
C PRO E 186 -24.29 -29.55 -13.32
N LYS E 187 -23.16 -30.23 -13.21
CA LYS E 187 -23.09 -31.40 -12.32
C LYS E 187 -23.53 -31.04 -10.91
N HIS E 188 -23.19 -29.85 -10.44
CA HIS E 188 -23.45 -29.45 -9.06
C HIS E 188 -24.71 -28.61 -8.92
N SER E 189 -25.14 -27.94 -10.00
CA SER E 189 -26.29 -27.04 -9.91
C SER E 189 -27.60 -27.81 -10.05
N TYR E 190 -27.78 -28.50 -11.17
CA TYR E 190 -29.03 -29.19 -11.42
C TYR E 190 -29.40 -30.13 -10.28
N GLY E 191 -28.40 -30.72 -9.63
CA GLY E 191 -28.70 -31.71 -8.60
C GLY E 191 -29.55 -31.15 -7.49
N MET E 192 -29.19 -29.98 -6.99
CA MET E 192 -29.92 -29.40 -5.87
C MET E 192 -31.34 -29.04 -6.24
N LEU E 193 -31.55 -28.62 -7.48
CA LEU E 193 -32.88 -28.19 -7.93
C LEU E 193 -33.75 -29.34 -8.42
N TYR E 194 -33.15 -30.44 -8.88
CA TYR E 194 -33.90 -31.55 -9.45
C TYR E 194 -33.75 -32.83 -8.62
N CYS E 195 -33.05 -32.78 -7.50
CA CYS E 195 -32.92 -33.94 -6.63
C CYS E 195 -34.28 -34.61 -6.40
N SER E 196 -34.32 -35.92 -6.61
CA SER E 196 -35.51 -36.71 -6.34
C SER E 196 -35.36 -37.41 -4.99
N CYS E 197 -36.48 -37.79 -4.41
CA CYS E 197 -36.52 -38.36 -3.08
C CYS E 197 -37.93 -38.85 -2.79
N PRO E 198 -38.12 -39.63 -1.72
CA PRO E 198 -39.34 -40.44 -1.62
C PRO E 198 -40.60 -39.57 -1.58
N LEU E 199 -41.70 -40.16 -2.03
CA LEU E 199 -42.93 -39.44 -2.29
C LEU E 199 -43.52 -38.86 -1.00
N GLY E 200 -44.55 -38.04 -1.16
CA GLY E 200 -45.14 -37.30 -0.04
C GLY E 200 -44.68 -35.86 0.04
N ASP E 201 -45.05 -35.36 1.21
CA ASP E 201 -44.78 -34.04 1.74
C ASP E 201 -44.35 -34.26 3.20
N GLN E 202 -43.69 -33.25 3.79
CA GLN E 202 -43.16 -33.29 5.16
C GLN E 202 -42.10 -34.39 5.37
N SER E 203 -41.32 -34.62 4.31
CA SER E 203 -40.20 -35.55 4.30
C SER E 203 -39.06 -34.55 4.27
N ALA E 204 -38.07 -34.70 5.13
CA ALA E 204 -37.11 -33.60 5.17
C ALA E 204 -36.70 -33.16 3.76
N CYS E 205 -36.47 -34.12 2.87
CA CYS E 205 -35.99 -33.78 1.53
C CYS E 205 -36.87 -32.73 0.87
N SER E 206 -38.16 -33.02 0.72
CA SER E 206 -39.01 -32.13 -0.06
C SER E 206 -38.94 -30.71 0.46
N GLU E 207 -38.74 -30.55 1.77
CA GLU E 207 -38.58 -29.21 2.33
C GLU E 207 -37.42 -28.48 1.65
N ARG E 208 -36.25 -29.12 1.59
CA ARG E 208 -35.10 -28.49 0.95
C ARG E 208 -35.29 -28.35 -0.55
N ARG E 209 -35.83 -29.39 -1.20
CA ARG E 209 -36.10 -29.31 -2.63
C ARG E 209 -36.96 -28.11 -2.97
N ARG E 210 -37.88 -27.75 -2.07
CA ARG E 210 -38.72 -26.58 -2.26
C ARG E 210 -37.99 -25.30 -1.89
N GLN E 211 -37.20 -25.33 -0.81
CA GLN E 211 -36.54 -24.17 -0.27
C GLN E 211 -35.17 -23.89 -0.90
N THR E 212 -34.87 -24.52 -2.03
CA THR E 212 -33.60 -24.23 -2.71
C THR E 212 -33.54 -22.80 -3.22
N ILE E 213 -34.63 -22.28 -3.77
CA ILE E 213 -34.62 -20.94 -4.37
C ILE E 213 -35.19 -19.89 -3.41
N VAL E 214 -35.26 -20.21 -2.11
CA VAL E 214 -35.69 -19.27 -1.09
C VAL E 214 -36.97 -18.59 -1.58
N PRO E 215 -38.10 -19.28 -1.58
CA PRO E 215 -39.31 -18.71 -2.19
C PRO E 215 -39.88 -17.53 -1.44
N ALA E 216 -39.60 -17.40 -0.14
CA ALA E 216 -40.18 -16.31 0.63
C ALA E 216 -39.87 -14.96 -0.01
N CYS E 217 -38.74 -14.85 -0.67
CA CYS E 217 -38.33 -13.66 -1.39
C CYS E 217 -38.50 -13.77 -2.89
N SER E 218 -37.86 -14.75 -3.53
CA SER E 218 -37.86 -14.84 -4.98
C SER E 218 -39.13 -15.45 -5.55
N TYR E 219 -39.95 -16.09 -4.72
CA TYR E 219 -41.18 -16.71 -5.19
C TYR E 219 -42.43 -15.95 -4.74
N GLU E 220 -42.61 -15.79 -3.44
CA GLU E 220 -43.88 -15.36 -2.90
C GLU E 220 -44.13 -13.88 -3.19
N ASP E 221 -45.32 -13.43 -2.78
CA ASP E 221 -45.75 -12.04 -2.89
C ASP E 221 -47.12 -11.92 -2.25
N LYS E 222 -47.64 -10.70 -2.11
CA LYS E 222 -48.86 -10.52 -1.35
C LYS E 222 -50.11 -10.93 -2.14
N GLU E 223 -50.10 -10.78 -3.46
CA GLU E 223 -51.25 -11.12 -4.28
C GLU E 223 -50.84 -11.99 -5.44
N ARG E 224 -51.73 -12.90 -5.84
CA ARG E 224 -51.50 -13.78 -6.98
C ARG E 224 -52.11 -13.17 -8.22
N PRO E 225 -51.32 -12.75 -9.20
CA PRO E 225 -51.88 -12.23 -10.45
C PRO E 225 -52.12 -13.33 -11.46
N ASN E 226 -53.04 -13.05 -12.37
CA ASN E 226 -53.33 -14.00 -13.44
C ASN E 226 -52.08 -14.22 -14.27
N CYS E 227 -51.91 -15.47 -14.72
CA CYS E 227 -50.69 -15.86 -15.41
C CYS E 227 -50.52 -15.07 -16.71
N LEU E 228 -51.60 -14.87 -17.44
CA LEU E 228 -51.52 -14.17 -18.71
C LEU E 228 -51.00 -12.76 -18.54
N THR E 229 -51.42 -12.08 -17.48
CA THR E 229 -50.87 -10.77 -17.18
C THR E 229 -49.37 -10.87 -16.91
N LEU E 230 -48.96 -11.90 -16.16
CA LEU E 230 -47.53 -12.16 -15.96
C LEU E 230 -46.86 -12.59 -17.25
N GLN E 231 -47.58 -13.28 -18.13
CA GLN E 231 -47.04 -13.60 -19.45
C GLN E 231 -46.71 -12.34 -20.24
N VAL E 232 -47.58 -11.33 -20.20
CA VAL E 232 -47.27 -10.07 -20.86
C VAL E 232 -46.12 -9.36 -20.14
N SER E 233 -46.09 -9.44 -18.81
CA SER E 233 -44.99 -8.81 -18.06
C SER E 233 -43.64 -9.34 -18.52
N CYS E 234 -43.52 -10.67 -18.62
CA CYS E 234 -42.28 -11.26 -19.09
C CYS E 234 -41.93 -10.78 -20.49
N LYS E 235 -42.94 -10.54 -21.32
CA LYS E 235 -42.75 -10.35 -22.74
C LYS E 235 -42.04 -9.05 -23.08
N THR E 236 -41.70 -8.25 -22.07
CA THR E 236 -41.03 -6.97 -22.29
C THR E 236 -39.56 -7.01 -21.93
N ASN E 237 -39.22 -7.49 -20.74
CA ASN E 237 -37.81 -7.66 -20.37
C ASN E 237 -37.11 -8.57 -21.37
N TYR E 238 -35.90 -8.18 -21.76
CA TYR E 238 -35.22 -8.81 -22.88
C TYR E 238 -34.66 -10.19 -22.56
N ILE E 239 -34.65 -10.58 -21.30
CA ILE E 239 -34.09 -11.87 -20.86
C ILE E 239 -35.19 -12.92 -20.70
N CYS E 240 -36.14 -12.67 -19.81
CA CYS E 240 -37.24 -13.59 -19.61
C CYS E 240 -37.88 -13.99 -20.93
N ARG E 241 -37.96 -13.05 -21.88
CA ARG E 241 -38.55 -13.35 -23.18
C ARG E 241 -37.88 -14.55 -23.83
N SER E 242 -36.55 -14.55 -23.87
CA SER E 242 -35.82 -15.64 -24.50
C SER E 242 -35.83 -16.90 -23.63
N ARG E 243 -35.63 -16.75 -22.32
CA ARG E 243 -35.67 -17.92 -21.44
C ARG E 243 -37.02 -18.60 -21.48
N LEU E 244 -38.07 -17.89 -21.90
CA LEU E 244 -39.39 -18.48 -22.08
C LEU E 244 -39.57 -19.06 -23.48
N ALA E 245 -39.06 -18.37 -24.50
CA ALA E 245 -39.10 -18.93 -25.84
C ALA E 245 -38.43 -20.30 -25.87
N ASP E 246 -37.44 -20.51 -25.01
CA ASP E 246 -36.78 -21.81 -24.96
C ASP E 246 -37.70 -22.89 -24.41
N PHE E 247 -38.61 -22.53 -23.51
CA PHE E 247 -39.38 -23.54 -22.76
C PHE E 247 -40.29 -24.33 -23.70
N PHE E 248 -41.23 -23.65 -24.34
CA PHE E 248 -42.17 -24.33 -25.22
C PHE E 248 -41.43 -25.11 -26.30
N THR E 249 -40.41 -24.50 -26.89
CA THR E 249 -39.73 -25.12 -28.02
C THR E 249 -39.09 -26.44 -27.63
N ASN E 250 -38.47 -26.50 -26.45
CA ASN E 250 -37.80 -27.73 -26.02
C ASN E 250 -38.79 -28.77 -25.52
N CYS E 251 -39.50 -28.46 -24.43
CA CYS E 251 -40.26 -29.45 -23.69
C CYS E 251 -41.59 -29.81 -24.31
N GLN E 252 -41.84 -29.45 -25.57
CA GLN E 252 -43.16 -29.67 -26.15
C GLN E 252 -43.49 -31.16 -26.09
N PRO E 253 -44.68 -31.55 -25.61
CA PRO E 253 -44.99 -32.96 -25.42
C PRO E 253 -45.53 -33.63 -26.68
N GLU E 254 -45.22 -34.92 -26.81
CA GLU E 254 -45.78 -35.74 -27.87
C GLU E 254 -45.83 -37.16 -27.33
N PRO E 255 -46.95 -37.87 -27.47
CA PRO E 255 -47.06 -39.21 -26.90
C PRO E 255 -46.60 -40.34 -27.79
N LEU E 256 -46.36 -40.09 -29.08
CA LEU E 256 -46.03 -41.17 -30.00
C LEU E 256 -44.72 -41.85 -29.62
N SER E 257 -43.72 -41.07 -29.23
CA SER E 257 -42.43 -41.62 -28.86
C SER E 257 -42.46 -42.16 -27.43
N LEU E 258 -41.58 -43.13 -27.18
CA LEU E 258 -41.41 -43.63 -25.82
C LEU E 258 -40.91 -42.54 -24.89
N SER E 259 -40.10 -41.61 -25.41
CA SER E 259 -39.56 -40.55 -24.57
C SER E 259 -40.65 -39.62 -24.08
N GLY E 260 -41.64 -39.32 -24.92
CA GLY E 260 -42.71 -38.40 -24.58
C GLY E 260 -42.50 -36.98 -25.06
N CYS E 261 -41.37 -36.68 -25.68
CA CYS E 261 -41.03 -35.34 -26.13
C CYS E 261 -41.15 -35.25 -27.65
N LEU E 262 -40.74 -34.09 -28.19
CA LEU E 262 -40.76 -33.87 -29.62
C LEU E 262 -39.40 -34.09 -30.25
N LYS E 263 -38.38 -33.40 -29.72
CA LYS E 263 -37.05 -33.39 -30.32
C LYS E 263 -36.11 -34.40 -29.66
N GLU E 264 -36.65 -35.33 -28.89
CA GLU E 264 -35.90 -36.50 -28.44
C GLU E 264 -34.60 -36.10 -27.75
N ASN E 265 -34.71 -35.20 -26.77
CA ASN E 265 -33.57 -34.77 -25.98
C ASN E 265 -34.07 -34.46 -24.58
N TYR E 266 -33.60 -35.23 -23.59
CA TYR E 266 -34.06 -35.05 -22.23
C TYR E 266 -33.41 -33.87 -21.52
N ALA E 267 -32.17 -33.55 -21.86
CA ALA E 267 -31.46 -32.46 -21.19
C ALA E 267 -31.71 -31.10 -21.81
N ASP E 268 -32.22 -31.04 -23.04
CA ASP E 268 -32.55 -29.75 -23.63
C ASP E 268 -33.62 -29.03 -22.82
N CYS E 269 -34.72 -29.74 -22.53
CA CYS E 269 -35.73 -29.20 -21.63
C CYS E 269 -35.15 -28.94 -20.25
N LEU E 270 -34.32 -29.87 -19.77
CA LEU E 270 -33.69 -29.72 -18.48
C LEU E 270 -32.95 -28.39 -18.37
N LEU E 271 -32.38 -27.93 -19.48
CA LEU E 271 -31.70 -26.63 -19.49
C LEU E 271 -32.71 -25.50 -19.63
N SER E 272 -33.66 -25.65 -20.56
CA SER E 272 -34.60 -24.57 -20.84
C SER E 272 -35.40 -24.16 -19.61
N TYR E 273 -35.87 -25.14 -18.84
CA TYR E 273 -36.62 -24.83 -17.63
C TYR E 273 -35.75 -24.11 -16.60
N SER E 274 -34.51 -24.58 -16.42
CA SER E 274 -33.64 -23.94 -15.44
C SER E 274 -33.19 -22.57 -15.90
N GLY E 275 -33.34 -22.27 -17.19
CA GLY E 275 -32.99 -20.97 -17.72
C GLY E 275 -34.00 -19.88 -17.41
N LEU E 276 -35.14 -20.23 -16.84
CA LEU E 276 -36.16 -19.26 -16.44
C LEU E 276 -35.92 -18.71 -15.03
N ILE E 277 -35.25 -19.47 -14.17
CA ILE E 277 -35.13 -19.10 -12.78
C ILE E 277 -34.51 -17.71 -12.68
N GLY E 278 -34.96 -16.94 -11.68
CA GLY E 278 -34.53 -15.57 -11.54
C GLY E 278 -35.41 -14.58 -12.28
N THR E 279 -35.80 -14.91 -13.50
CA THR E 279 -36.61 -13.99 -14.29
C THR E 279 -37.97 -13.81 -13.65
N VAL E 280 -38.82 -13.03 -14.33
CA VAL E 280 -40.15 -12.75 -13.78
C VAL E 280 -40.91 -14.04 -13.54
N MET E 281 -40.57 -15.10 -14.27
CA MET E 281 -41.24 -16.39 -14.11
C MET E 281 -40.36 -17.28 -13.25
N THR E 282 -40.53 -17.16 -11.94
CA THR E 282 -39.76 -17.94 -10.99
C THR E 282 -40.64 -19.05 -10.44
N PRO E 283 -40.67 -20.22 -11.06
CA PRO E 283 -41.48 -21.33 -10.55
C PRO E 283 -40.80 -22.05 -9.40
N ASN E 284 -41.59 -22.91 -8.75
CA ASN E 284 -41.09 -23.82 -7.73
C ASN E 284 -42.02 -25.02 -7.71
N TYR E 285 -41.72 -25.96 -6.82
CA TYR E 285 -42.47 -27.21 -6.75
C TYR E 285 -43.68 -27.02 -5.84
N LEU E 286 -44.87 -27.12 -6.41
CA LEU E 286 -46.09 -26.94 -5.64
C LEU E 286 -46.25 -28.08 -4.63
N ARG E 287 -47.30 -28.00 -3.83
CA ARG E 287 -47.62 -29.04 -2.86
C ARG E 287 -48.67 -29.96 -3.48
N SER E 288 -48.20 -30.85 -4.34
CA SER E 288 -49.04 -31.80 -5.05
C SER E 288 -48.44 -33.19 -4.94
N PRO E 289 -49.27 -34.24 -4.93
CA PRO E 289 -48.71 -35.60 -4.82
C PRO E 289 -47.71 -35.94 -5.91
N LYS E 290 -47.99 -35.52 -7.14
CA LYS E 290 -47.11 -35.78 -8.26
C LYS E 290 -46.13 -34.61 -8.42
N ILE E 291 -45.41 -34.59 -9.53
CA ILE E 291 -44.42 -33.54 -9.80
C ILE E 291 -45.11 -32.51 -10.70
N SER E 292 -45.73 -31.52 -10.08
CA SER E 292 -46.33 -30.40 -10.79
C SER E 292 -45.57 -29.12 -10.49
N VAL E 293 -45.70 -28.15 -11.39
CA VAL E 293 -45.00 -26.88 -11.28
C VAL E 293 -45.88 -25.79 -11.86
N SER E 294 -45.89 -24.64 -11.19
CA SER E 294 -46.65 -23.50 -11.65
C SER E 294 -45.87 -22.25 -11.27
N PRO E 295 -45.83 -21.23 -12.11
CA PRO E 295 -45.34 -19.94 -11.65
C PRO E 295 -46.30 -19.38 -10.60
N PHE E 296 -45.84 -18.35 -9.90
CA PHE E 296 -46.70 -17.70 -8.92
C PHE E 296 -47.82 -16.98 -9.64
N CYS E 297 -48.94 -17.66 -9.83
CA CYS E 297 -50.06 -17.15 -10.61
C CYS E 297 -51.20 -18.15 -10.49
N ASP E 298 -52.35 -17.76 -11.01
CA ASP E 298 -53.52 -18.63 -11.02
C ASP E 298 -54.51 -18.11 -12.04
N CYS E 299 -55.32 -19.02 -12.57
CA CYS E 299 -56.31 -18.67 -13.59
C CYS E 299 -57.59 -18.17 -12.92
N SER E 300 -57.47 -17.06 -12.21
CA SER E 300 -58.58 -16.36 -11.60
C SER E 300 -58.88 -15.09 -12.36
N SER E 301 -60.15 -14.70 -12.38
CA SER E 301 -60.61 -13.49 -13.05
C SER E 301 -60.26 -13.50 -14.53
N SER E 302 -60.01 -14.67 -15.10
CA SER E 302 -59.68 -14.77 -16.52
C SER E 302 -60.93 -14.81 -17.39
N GLY E 303 -62.10 -15.01 -16.81
CA GLY E 303 -63.33 -14.92 -17.57
C GLY E 303 -63.36 -15.89 -18.74
N ASN E 304 -63.77 -15.38 -19.90
CA ASN E 304 -63.92 -16.24 -21.07
C ASN E 304 -62.64 -17.00 -21.36
N SER E 305 -61.49 -16.35 -21.15
CA SER E 305 -60.21 -16.94 -21.54
C SER E 305 -59.63 -17.80 -20.43
N LYS E 306 -60.45 -18.73 -19.93
CA LYS E 306 -59.94 -19.78 -19.06
C LYS E 306 -59.29 -20.90 -19.86
N GLU E 307 -59.54 -20.98 -21.17
CA GLU E 307 -58.92 -21.98 -22.01
C GLU E 307 -57.44 -21.67 -22.25
N GLU E 308 -57.13 -20.41 -22.58
CA GLU E 308 -55.75 -20.05 -22.83
C GLU E 308 -54.91 -20.21 -21.57
N CYS E 309 -55.44 -19.75 -20.44
CA CYS E 309 -54.74 -19.94 -19.16
C CYS E 309 -54.59 -21.41 -18.85
N ASP E 310 -55.63 -22.20 -19.09
CA ASP E 310 -55.56 -23.61 -18.79
C ASP E 310 -54.51 -24.31 -19.65
N ARG E 311 -54.44 -23.99 -20.93
CA ARG E 311 -53.42 -24.58 -21.79
C ARG E 311 -52.03 -24.19 -21.32
N PHE E 312 -51.80 -22.91 -21.09
CA PHE E 312 -50.54 -22.44 -20.53
C PHE E 312 -50.14 -23.27 -19.32
N THR E 313 -51.03 -23.29 -18.31
CA THR E 313 -50.70 -23.92 -17.04
C THR E 313 -50.51 -25.42 -17.20
N GLU E 314 -51.36 -26.08 -17.98
CA GLU E 314 -51.25 -27.52 -18.19
C GLU E 314 -49.92 -27.86 -18.85
N PHE E 315 -49.59 -27.15 -19.93
CA PHE E 315 -48.28 -27.33 -20.53
C PHE E 315 -47.19 -27.14 -19.50
N PHE E 316 -47.41 -26.23 -18.55
CA PHE E 316 -46.39 -25.96 -17.55
C PHE E 316 -46.53 -26.86 -16.32
N THR E 317 -47.73 -27.35 -16.01
CA THR E 317 -47.95 -28.09 -14.77
C THR E 317 -47.80 -29.61 -14.96
N ASP E 318 -48.64 -30.20 -15.79
CA ASP E 318 -48.71 -31.66 -15.95
C ASP E 318 -48.36 -32.00 -17.39
N ASN E 319 -47.17 -32.58 -17.57
CA ASN E 319 -46.68 -32.97 -18.88
C ASN E 319 -45.83 -34.22 -18.72
N ALA E 320 -45.65 -34.93 -19.83
CA ALA E 320 -44.84 -36.15 -19.84
C ALA E 320 -43.36 -35.85 -20.02
N CYS E 321 -43.01 -35.04 -21.02
CA CYS E 321 -41.60 -34.77 -21.30
C CYS E 321 -40.87 -34.27 -20.06
N LEU E 322 -41.51 -33.38 -19.30
CA LEU E 322 -40.84 -32.78 -18.16
C LEU E 322 -40.70 -33.77 -17.02
N ARG E 323 -41.76 -34.54 -16.75
CA ARG E 323 -41.67 -35.56 -15.71
C ARG E 323 -40.61 -36.61 -16.07
N ASN E 324 -40.60 -37.06 -17.32
CA ASN E 324 -39.59 -38.02 -17.75
C ASN E 324 -38.20 -37.43 -17.61
N ALA E 325 -38.02 -36.18 -18.01
CA ALA E 325 -36.72 -35.55 -17.94
C ALA E 325 -36.23 -35.46 -16.49
N ILE E 326 -37.08 -34.95 -15.60
CA ILE E 326 -36.68 -34.81 -14.20
C ILE E 326 -36.49 -36.15 -13.54
N GLN E 327 -37.17 -37.19 -14.04
CA GLN E 327 -36.99 -38.53 -13.48
C GLN E 327 -35.68 -39.15 -13.95
N ALA E 328 -35.27 -38.85 -15.18
CA ALA E 328 -34.03 -39.40 -15.72
C ALA E 328 -32.85 -39.10 -14.79
N PHE E 329 -32.69 -37.84 -14.41
CA PHE E 329 -31.63 -37.48 -13.49
C PHE E 329 -31.77 -38.21 -12.17
N GLY E 330 -32.99 -38.58 -11.79
CA GLY E 330 -33.20 -39.27 -10.52
C GLY E 330 -32.54 -40.64 -10.50
N ASN E 331 -32.63 -41.37 -11.61
CA ASN E 331 -32.04 -42.70 -11.71
C ASN E 331 -30.56 -42.55 -12.04
N GLY E 332 -29.77 -42.34 -10.99
CA GLY E 332 -28.34 -42.19 -11.13
C GLY E 332 -27.55 -43.28 -10.41
N GLN F 4 6.84 -14.60 5.03
CA GLN F 4 7.60 -14.93 3.83
C GLN F 4 8.17 -16.34 3.99
N GLY F 5 8.35 -16.75 5.25
CA GLY F 5 8.77 -18.10 5.55
C GLY F 5 7.97 -19.14 4.80
N ARG F 6 8.68 -20.13 4.26
CA ARG F 6 8.08 -21.21 3.51
C ARG F 6 7.65 -22.37 4.39
N GLY F 7 7.99 -22.39 5.67
CA GLY F 7 7.48 -23.46 6.49
C GLY F 7 6.08 -23.25 7.02
N CYS F 8 5.66 -21.95 7.02
CA CYS F 8 4.33 -21.42 7.40
C CYS F 8 3.49 -21.55 6.12
N LEU F 9 2.95 -22.76 5.98
CA LEU F 9 2.14 -23.18 4.85
C LEU F 9 0.64 -23.31 5.18
N LEU F 10 -0.14 -23.55 4.13
CA LEU F 10 -1.60 -23.70 4.16
C LEU F 10 -2.07 -25.20 4.04
N LYS F 11 -2.78 -25.70 5.05
CA LYS F 11 -3.35 -27.03 5.21
C LYS F 11 -4.87 -26.95 5.26
N GLU F 12 -5.53 -28.11 5.16
CA GLU F 12 -6.98 -28.13 5.10
C GLU F 12 -7.49 -29.42 5.75
N ILE F 13 -8.70 -29.36 6.28
CA ILE F 13 -9.32 -30.51 6.94
C ILE F 13 -10.82 -30.43 6.68
N HIS F 14 -11.41 -31.56 6.33
CA HIS F 14 -12.85 -31.68 6.09
C HIS F 14 -13.64 -31.89 7.39
N LEU F 15 -14.60 -31.01 7.66
CA LEU F 15 -15.37 -31.05 8.90
C LEU F 15 -16.85 -30.89 8.58
N ASN F 16 -17.67 -31.37 9.52
CA ASN F 16 -19.07 -30.96 9.60
C ASN F 16 -19.17 -29.55 10.16
N VAL F 17 -20.18 -28.82 9.71
CA VAL F 17 -20.45 -27.50 10.27
C VAL F 17 -20.68 -27.59 11.77
N THR F 18 -21.32 -28.66 12.23
CA THR F 18 -21.59 -28.81 13.66
C THR F 18 -20.33 -28.92 14.52
N ASP F 19 -19.22 -29.44 13.98
CA ASP F 19 -17.98 -29.49 14.76
C ASP F 19 -17.49 -28.09 15.15
N LEU F 20 -18.00 -27.05 14.50
CA LEU F 20 -17.60 -25.68 14.83
C LEU F 20 -18.19 -25.22 16.15
N ASP F 21 -19.23 -25.90 16.64
CA ASP F 21 -19.90 -25.56 17.89
C ASP F 21 -20.43 -24.12 17.90
N LEU F 22 -20.94 -23.66 16.76
CA LEU F 22 -21.53 -22.33 16.72
C LEU F 22 -23.04 -22.37 16.97
N GLY F 23 -23.62 -23.56 17.17
CA GLY F 23 -25.01 -23.74 17.49
C GLY F 23 -25.92 -24.12 16.35
N TYR F 24 -25.44 -24.13 15.12
CA TYR F 24 -26.31 -24.48 14.00
C TYR F 24 -26.61 -25.98 13.98
N ARG F 25 -27.81 -26.28 13.51
CA ARG F 25 -28.32 -27.63 13.31
C ARG F 25 -28.53 -27.93 11.82
N THR F 26 -27.53 -28.56 11.20
CA THR F 26 -27.55 -28.79 9.77
C THR F 26 -26.66 -29.98 9.48
N LYS F 27 -26.92 -30.64 8.36
CA LYS F 27 -26.05 -31.71 7.89
C LYS F 27 -25.11 -31.27 6.77
N GLU F 28 -25.01 -29.97 6.50
CA GLU F 28 -24.12 -29.50 5.46
C GLU F 28 -22.67 -29.60 5.96
N GLU F 29 -21.74 -29.60 5.02
CA GLU F 29 -20.33 -29.84 5.28
C GLU F 29 -19.50 -28.70 4.69
N LEU F 30 -18.19 -28.70 4.96
CA LEU F 30 -17.35 -27.66 4.39
C LEU F 30 -15.88 -28.08 4.41
N ILE F 31 -15.08 -27.34 3.64
CA ILE F 31 -13.62 -27.36 3.69
C ILE F 31 -13.12 -26.14 4.46
N PHE F 32 -12.50 -26.40 5.60
CA PHE F 32 -11.85 -25.38 6.41
C PHE F 32 -10.35 -25.35 6.11
N ARG F 33 -9.79 -24.15 5.95
CA ARG F 33 -8.39 -23.95 5.60
C ARG F 33 -7.68 -23.14 6.68
N TYR F 34 -6.38 -23.38 6.89
CA TYR F 34 -5.69 -22.69 7.97
C TYR F 34 -4.17 -22.69 7.77
N CYS F 35 -3.47 -21.81 8.49
CA CYS F 35 -2.02 -21.75 8.38
C CYS F 35 -1.37 -22.04 9.74
N SER F 36 -0.32 -22.88 9.76
CA SER F 36 0.36 -23.24 11.01
C SER F 36 1.77 -23.81 10.78
N GLY F 37 2.79 -22.97 10.86
CA GLY F 37 4.15 -23.45 10.69
C GLY F 37 5.18 -22.49 11.27
N PRO F 38 6.48 -22.84 11.10
CA PRO F 38 7.45 -21.93 11.72
C PRO F 38 7.79 -20.71 10.87
N CYS F 39 8.14 -19.60 11.53
CA CYS F 39 8.54 -18.38 10.83
C CYS F 39 9.83 -17.83 11.41
N HIS F 40 10.71 -18.73 11.86
CA HIS F 40 11.98 -18.34 12.46
C HIS F 40 12.93 -17.64 11.50
N ASP F 41 12.90 -17.97 10.21
CA ASP F 41 13.80 -17.36 9.25
C ASP F 41 13.51 -15.89 8.96
N ALA F 42 12.42 -15.33 9.47
CA ALA F 42 12.09 -13.92 9.30
C ALA F 42 12.33 -13.06 10.54
N GLU F 43 12.93 -13.59 11.61
CA GLU F 43 13.09 -12.81 12.81
C GLU F 43 14.25 -11.81 12.76
N THR F 44 14.14 -10.79 13.61
CA THR F 44 15.07 -9.67 13.74
C THR F 44 15.73 -9.70 15.12
N ASN F 45 16.59 -8.70 15.35
CA ASN F 45 17.18 -8.47 16.66
C ASN F 45 16.14 -8.29 17.77
N TYR F 46 15.02 -7.63 17.45
CA TYR F 46 13.94 -7.44 18.41
C TYR F 46 13.49 -8.76 19.03
N ASP F 47 13.22 -9.75 18.19
CA ASP F 47 12.72 -11.03 18.65
C ASP F 47 13.77 -11.76 19.47
N LYS F 48 15.03 -11.66 19.07
CA LYS F 48 16.07 -12.35 19.80
C LYS F 48 16.22 -11.77 21.20
N ILE F 49 16.07 -10.45 21.32
CA ILE F 49 16.15 -9.83 22.63
C ILE F 49 14.97 -10.28 23.50
N LEU F 50 13.79 -10.30 22.91
CA LEU F 50 12.60 -10.77 23.60
C LEU F 50 12.78 -12.20 24.13
N ASN F 51 13.17 -13.10 23.24
CA ASN F 51 13.49 -14.48 23.60
C ASN F 51 14.46 -14.52 24.76
N ASN F 52 15.49 -13.67 24.71
CA ASN F 52 16.53 -13.74 25.71
C ASN F 52 16.04 -13.25 27.06
N LEU F 53 15.16 -12.24 27.07
CA LEU F 53 14.68 -11.72 28.34
C LEU F 53 13.59 -12.59 28.93
N THR F 54 12.85 -13.30 28.07
CA THR F 54 11.93 -14.34 28.51
C THR F 54 12.64 -15.50 29.18
N HIS F 55 13.70 -16.00 28.54
CA HIS F 55 14.46 -17.11 29.13
C HIS F 55 15.12 -16.68 30.42
N ASN F 56 15.49 -15.41 30.54
CA ASN F 56 16.10 -14.93 31.78
C ASN F 56 15.08 -14.81 32.92
N LYS F 57 13.78 -14.76 32.60
CA LYS F 57 12.73 -14.39 33.55
C LYS F 57 12.85 -12.98 34.09
N LYS F 58 13.70 -12.15 33.50
CA LYS F 58 13.89 -10.79 34.02
C LYS F 58 12.68 -9.88 33.81
N LEU F 59 11.80 -10.16 32.85
CA LEU F 59 10.45 -9.56 32.83
C LEU F 59 9.46 -10.49 33.52
N ASP F 60 8.95 -10.04 34.67
CA ASP F 60 8.18 -10.90 35.56
C ASP F 60 7.02 -11.56 34.83
N LYS F 61 6.12 -10.76 34.27
CA LYS F 61 4.88 -11.24 33.64
C LYS F 61 4.73 -10.80 32.19
N ASP F 62 5.27 -9.65 31.80
CA ASP F 62 5.09 -9.18 30.42
C ASP F 62 5.68 -10.20 29.45
N THR F 63 4.91 -10.54 28.42
CA THR F 63 5.27 -11.60 27.47
C THR F 63 4.93 -11.15 26.06
N PRO F 64 5.70 -10.23 25.50
CA PRO F 64 5.38 -9.75 24.16
C PRO F 64 5.61 -10.83 23.11
N SER F 65 4.90 -10.70 22.00
CA SER F 65 4.82 -11.75 20.99
C SER F 65 5.92 -11.67 19.95
N ARG F 66 6.55 -12.80 19.68
CA ARG F 66 7.45 -12.90 18.53
C ARG F 66 6.60 -13.12 17.28
N THR F 67 7.24 -13.15 16.11
CA THR F 67 6.55 -13.34 14.80
C THR F 67 5.43 -14.41 14.79
N CYS F 68 4.24 -14.07 14.28
CA CYS F 68 3.12 -15.01 14.28
C CYS F 68 2.57 -15.27 12.86
N CYS F 69 2.67 -16.50 12.36
CA CYS F 69 2.17 -16.85 11.01
C CYS F 69 0.66 -16.66 11.10
N ARG F 70 0.16 -15.54 10.56
CA ARG F 70 -1.26 -15.23 10.59
C ARG F 70 -1.72 -15.05 9.14
N PRO F 71 -3.03 -15.20 8.88
CA PRO F 71 -3.54 -15.06 7.51
C PRO F 71 -3.82 -13.63 7.06
N ILE F 72 -3.10 -13.11 6.07
CA ILE F 72 -3.38 -11.82 5.61
C ILE F 72 -4.51 -11.60 4.59
N ALA F 73 -5.48 -12.56 4.41
CA ALA F 73 -6.68 -12.48 3.60
C ALA F 73 -7.51 -13.74 3.84
N PHE F 74 -8.83 -13.55 3.78
CA PHE F 74 -9.83 -14.59 4.03
C PHE F 74 -10.56 -15.03 2.77
N ASP F 75 -11.03 -16.28 2.80
CA ASP F 75 -11.79 -16.89 1.72
C ASP F 75 -13.17 -16.22 1.56
N ASP F 76 -13.83 -16.58 0.45
CA ASP F 76 -15.19 -16.16 0.14
C ASP F 76 -16.21 -16.58 1.20
N ASP F 77 -17.27 -15.77 1.31
CA ASP F 77 -18.46 -16.09 2.11
C ASP F 77 -19.04 -17.47 1.80
N ILE F 78 -19.65 -18.07 2.84
CA ILE F 78 -20.43 -19.29 2.80
C ILE F 78 -21.85 -19.11 3.31
N SER F 79 -22.80 -19.88 2.73
CA SER F 79 -24.17 -19.87 3.20
C SER F 79 -24.59 -21.30 3.50
N PHE F 80 -25.62 -21.48 4.33
CA PHE F 80 -26.15 -22.83 4.59
C PHE F 80 -27.52 -22.72 5.26
N LEU F 81 -28.26 -23.83 5.17
CA LEU F 81 -29.60 -23.97 5.75
C LEU F 81 -29.58 -24.86 6.99
N ASP F 82 -30.23 -24.41 8.06
CA ASP F 82 -30.24 -25.20 9.28
C ASP F 82 -31.43 -26.15 9.29
N ASP F 83 -31.53 -26.93 10.36
CA ASP F 83 -32.56 -27.97 10.44
C ASP F 83 -33.98 -27.40 10.44
N SER F 84 -34.15 -26.18 10.93
CA SER F 84 -35.44 -25.51 10.89
C SER F 84 -35.70 -24.77 9.57
N LEU F 85 -34.89 -25.01 8.56
CA LEU F 85 -35.08 -24.40 7.24
C LEU F 85 -34.92 -22.88 7.26
N GLU F 86 -34.08 -22.37 8.17
CA GLU F 86 -33.68 -20.97 8.18
C GLU F 86 -32.25 -20.88 7.65
N TYR F 87 -31.97 -19.88 6.84
CA TYR F 87 -30.61 -19.68 6.35
C TYR F 87 -29.77 -18.82 7.29
N HIS F 88 -28.47 -19.11 7.33
CA HIS F 88 -27.45 -18.33 8.02
C HIS F 88 -26.24 -18.21 7.12
N THR F 89 -25.49 -17.10 7.28
CA THR F 89 -24.29 -16.84 6.49
C THR F 89 -23.10 -16.48 7.38
N LEU F 90 -21.96 -17.08 7.03
CA LEU F 90 -20.69 -16.87 7.73
C LEU F 90 -19.67 -16.19 6.82
N LYS F 91 -19.07 -15.14 7.36
CA LYS F 91 -18.07 -14.30 6.72
C LYS F 91 -16.72 -14.43 7.42
N LYS F 92 -15.64 -14.25 6.66
CA LYS F 92 -14.27 -14.31 7.19
C LYS F 92 -14.04 -15.53 8.07
N HIS F 93 -14.30 -16.70 7.50
CA HIS F 93 -14.20 -17.96 8.23
C HIS F 93 -12.99 -18.80 7.83
N SER F 94 -12.34 -18.51 6.71
CA SER F 94 -11.32 -19.40 6.16
C SER F 94 -10.25 -18.60 5.44
N ALA F 95 -9.01 -19.08 5.54
CA ALA F 95 -7.85 -18.39 4.99
C ALA F 95 -7.72 -18.66 3.51
N LYS F 96 -7.25 -17.66 2.77
CA LYS F 96 -6.89 -17.82 1.37
C LYS F 96 -5.39 -17.84 1.10
N LYS F 97 -4.62 -17.00 1.80
CA LYS F 97 -3.14 -17.00 1.62
C LYS F 97 -2.36 -16.33 2.78
N CYS F 98 -1.69 -17.11 3.63
CA CYS F 98 -0.99 -16.57 4.79
C CYS F 98 0.49 -16.19 4.61
N ALA F 99 0.99 -15.45 5.60
CA ALA F 99 2.37 -14.98 5.62
C ALA F 99 2.86 -14.87 7.07
N CYS F 100 4.11 -14.48 7.28
CA CYS F 100 4.69 -14.34 8.61
C CYS F 100 4.69 -12.89 9.06
N VAL F 101 3.64 -12.46 9.75
CA VAL F 101 3.55 -11.10 10.23
C VAL F 101 3.19 -11.06 11.71
CA CA G . 75.84 27.94 2.94
CA CA H . 72.58 25.93 1.55
CA CA I . 71.46 21.79 -3.93
CA CA J . 36.59 -19.47 0.70
C1 NAG K . 76.95 7.14 4.21
C2 NAG K . 77.30 6.78 5.65
C3 NAG K . 77.54 8.04 6.48
C4 NAG K . 78.57 8.92 5.81
C5 NAG K . 78.17 9.20 4.36
C6 NAG K . 79.20 9.99 3.59
C7 NAG K . 76.49 4.90 7.03
C8 NAG K . 77.93 4.56 7.25
N2 NAG K . 76.24 5.97 6.26
O3 NAG K . 77.97 7.68 7.78
O4 NAG K . 78.69 10.15 6.50
O5 NAG K . 77.99 7.95 3.66
O6 NAG K . 79.23 11.34 4.02
O7 NAG K . 75.58 4.23 7.52
H4 NAG K . 79.44 8.46 5.81
H5 NAG K . 77.33 9.69 4.35
H61 NAG K . 78.98 9.96 2.64
H62 NAG K . 80.08 9.58 3.73
H81 NAG K . 77.99 3.75 7.79
H82 NAG K . 78.38 5.30 7.71
H83 NAG K . 78.37 4.41 6.38
HN2 NAG K . 75.38 6.20 6.10
HO4 NAG K . 78.37 10.81 6.00
HO6 NAG K . 78.82 11.85 3.42
C1 NAG L . 69.10 9.25 -27.34
C2 NAG L . 69.08 9.70 -25.88
C3 NAG L . 69.65 11.10 -25.75
C4 NAG L . 71.04 11.15 -26.35
C5 NAG L . 71.00 10.67 -27.81
C6 NAG L . 72.36 10.59 -28.45
C7 NAG L . 66.76 10.47 -25.65
C8 NAG L . 65.45 10.26 -24.97
N2 NAG L . 67.74 9.62 -25.32
O3 NAG L . 69.69 11.49 -24.38
O4 NAG L . 71.55 12.48 -26.31
O5 NAG L . 70.44 9.35 -27.85
O6 NAG L . 72.28 10.03 -29.75
O7 NAG L . 66.93 11.37 -26.47
H4 NAG L . 71.64 10.57 -25.84
H5 NAG L . 70.44 11.28 -28.32
H61 NAG L . 72.94 10.03 -27.89
H62 NAG L . 72.74 11.48 -28.49
H81 NAG L . 64.80 10.91 -25.30
H82 NAG L . 65.56 10.36 -24.00
H83 NAG L . 65.13 9.36 -25.16
HN2 NAG L . 67.56 8.98 -24.71
HO4 NAG L . 71.72 12.76 -27.14
HO6 NAG L . 71.44 10.07 -30.04
C1 NAG M . 48.20 -6.34 -16.58
C2 NAG M . 47.58 -6.15 -17.95
C3 NAG M . 46.06 -6.28 -17.84
C4 NAG M . 45.67 -7.56 -17.10
C5 NAG M . 46.49 -7.76 -15.83
C6 NAG M . 46.29 -9.12 -15.21
C7 NAG M . 47.55 -3.69 -17.99
C8 NAG M . 48.00 -2.46 -18.72
N2 NAG M . 47.94 -4.86 -18.52
O3 NAG M . 45.48 -6.27 -19.15
O4 NAG M . 44.30 -7.49 -16.73
O5 NAG M . 47.90 -7.63 -16.11
O6 NAG M . 47.21 -9.34 -14.13
O7 NAG M . 46.85 -3.63 -16.99
H4 NAG M . 45.81 -8.32 -17.69
H5 NAG M . 46.24 -7.07 -15.18
H61 NAG M . 46.43 -9.80 -15.88
H62 NAG M . 45.38 -9.18 -14.86
H81 NAG M . 47.97 -1.69 -18.11
H82 NAG M . 47.40 -2.29 -19.48
H83 NAG M . 48.90 -2.59 -19.05
HN2 NAG M . 48.45 -4.84 -19.28
HO4 NAG M . 44.21 -7.76 -15.89
HO6 NAG M . 46.87 -9.95 -13.59
C1 NAG N . 72.10 21.50 -15.25
C2 NAG N . 72.20 21.82 -16.74
C3 NAG N . 73.13 23.00 -16.97
C4 NAG N . 72.70 24.18 -16.11
C5 NAG N . 72.56 23.76 -14.65
C6 NAG N . 72.02 24.86 -13.76
C7 NAG N . 71.95 19.54 -17.64
C8 NAG N . 72.60 18.44 -18.41
N2 NAG N . 72.69 20.65 -17.48
O3 NAG N . 73.10 23.37 -18.35
O4 NAG N . 73.67 25.22 -16.20
O5 NAG N . 71.65 22.66 -14.56
O6 NAG N . 72.85 26.02 -13.80
O7 NAG N . 70.82 19.43 -17.17
H4 NAG N . 71.84 24.52 -16.43
H5 NAG N . 73.43 23.48 -14.32
H61 NAG N . 71.98 24.52 -12.84
H62 NAG N . 71.12 25.09 -14.05
H81 NAG N . 71.91 17.85 -18.78
H82 NAG N . 73.18 17.92 -17.82
H83 NAG N . 73.13 18.82 -19.14
HN2 NAG N . 73.52 20.68 -17.83
HO6 NAG N . 72.35 26.72 -14.00
C1 NAG O . 75.15 -7.13 -13.01
C2 NAG O . 74.67 -8.55 -13.29
C3 NAG O . 75.87 -9.46 -13.52
C4 NAG O . 76.81 -8.87 -14.57
C5 NAG O . 77.15 -7.43 -14.24
C6 NAG O . 77.96 -6.74 -15.33
C7 NAG O . 73.32 -10.29 -12.20
C8 NAG O . 72.49 -10.63 -11.00
N2 NAG O . 73.84 -9.05 -12.21
O3 NAG O . 75.44 -10.75 -13.93
O4 NAG O . 78.00 -9.63 -14.64
O5 NAG O . 75.95 -6.66 -14.09
O6 NAG O . 78.16 -5.37 -15.04
O7 NAG O . 73.51 -11.09 -13.11
H4 NAG O . 76.36 -8.91 -15.45
H5 NAG O . 77.65 -7.39 -13.41
H61 NAG O . 77.48 -6.83 -16.17
H62 NAG O . 78.82 -7.19 -15.40
H81 NAG O . 72.19 -11.56 -11.08
H82 NAG O . 71.71 -10.05 -10.97
H83 NAG O . 73.02 -10.53 -10.19
HN2 NAG O . 73.67 -8.51 -11.51
HO6 NAG O . 77.37 -4.94 -15.08
C1 NAG P . 26.60 -31.88 -15.21
C2 NAG P . 26.83 -31.17 -16.53
C3 NAG P . 25.48 -30.85 -17.19
C4 NAG P . 24.64 -32.10 -17.29
C5 NAG P . 24.52 -32.78 -15.93
C6 NAG P . 23.80 -34.10 -15.99
C7 NAG P . 28.01 -29.17 -17.34
C8 NAG P . 28.81 -27.96 -16.96
N2 NAG P . 27.61 -29.96 -16.34
O3 NAG P . 25.70 -30.31 -18.48
O4 NAG P . 23.33 -31.77 -17.76
O5 NAG P . 25.83 -33.05 -15.42
O6 NAG P . 23.34 -34.50 -14.70
O7 NAG P . 27.72 -29.42 -18.51
H4 NAG P . 25.05 -32.72 -17.92
H5 NAG P . 24.06 -32.19 -15.32
H61 NAG P . 24.41 -34.79 -16.33
H62 NAG P . 23.03 -34.02 -16.58
H81 NAG P . 28.92 -27.39 -17.75
H82 NAG P . 29.68 -28.24 -16.63
H83 NAG P . 28.33 -27.47 -16.27
HN2 NAG P . 27.84 -29.73 -15.50
HO6 NAG P . 22.76 -35.17 -14.78
C1 NAG Q . 21.90 -24.63 -5.04
C2 NAG Q . 21.23 -24.14 -6.32
C3 NAG Q . 19.78 -24.63 -6.38
C4 NAG Q . 19.74 -26.15 -6.21
C5 NAG Q . 20.48 -26.57 -4.95
C6 NAG Q . 20.58 -28.06 -4.79
C7 NAG Q . 21.44 -22.02 -7.55
C8 NAG Q . 21.59 -22.86 -8.78
N2 NAG Q . 21.27 -22.69 -6.40
O3 NAG Q . 19.18 -24.26 -7.61
O4 NAG Q . 18.39 -26.59 -6.12
O5 NAG Q . 21.83 -26.07 -4.99
O6 NAG Q . 20.68 -28.43 -3.43
O7 NAG Q . 21.47 -20.80 -7.58
H4 NAG Q . 20.16 -26.56 -6.98
H5 NAG Q . 20.03 -26.19 -4.18
H61 NAG Q . 21.37 -28.39 -5.28
H62 NAG Q . 19.78 -28.48 -5.18
H81 NAG Q . 21.85 -22.29 -9.52
H82 NAG Q . 20.73 -23.29 -8.99
H83 NAG Q . 22.27 -23.53 -8.65
HN2 NAG Q . 21.18 -22.21 -5.63
HO6 NAG Q . 20.72 -27.71 -2.92
CA CA R . -77.25 -14.97 -18.91
CA CA S . -73.98 -12.93 -17.59
CA CA T . -73.09 -6.60 -14.80
CA CA U . -34.60 0.64 22.70
C1 NAG V . -76.48 -11.81 1.71
C2 NAG V . -76.65 -13.16 2.39
C3 NAG V . -76.90 -14.25 1.36
C4 NAG V . -78.07 -13.86 0.47
C5 NAG V . -77.84 -12.49 -0.15
C6 NAG V . -79.00 -12.00 -0.96
C7 NAG V . -75.55 -14.02 4.42
C8 NAG V . -76.93 -14.28 4.94
N2 NAG V . -75.47 -13.48 3.19
O3 NAG V . -77.17 -15.48 2.02
O4 NAG V . -78.23 -14.82 -0.58
O5 NAG V . -77.63 -11.53 0.91
O6 NAG V . -79.12 -12.70 -2.19
O7 NAG V . -74.55 -14.28 5.07
H4 NAG V . -78.89 -13.85 1.01
H5 NAG V . -77.05 -12.53 -0.71
H61 NAG V . -78.89 -11.05 -1.15
H62 NAG V . -79.83 -12.12 -0.45
H81 NAG V . -76.87 -14.66 5.83
H82 NAG V . -77.39 -14.91 4.35
H83 NAG V . -77.42 -13.44 4.98
HN2 NAG V . -74.65 -13.32 2.85
HO4 NAG V . -77.79 -14.55 -1.30
HO6 NAG V . -78.61 -12.31 -2.80
C1 NAG W . -72.07 19.07 -7.70
C2 NAG W . -71.93 17.55 -7.83
C3 NAG W . -72.60 17.08 -9.12
C4 NAG W . -74.05 17.55 -9.15
C5 NAG W . -74.11 19.06 -8.98
C6 NAG W . -75.52 19.60 -8.89
C7 NAG W . -69.68 17.36 -8.78
C8 NAG W . -68.29 16.84 -8.57
N2 NAG W . -70.55 17.14 -7.79
O3 NAG W . -72.55 15.66 -9.20
O4 NAG W . -74.66 17.18 -10.38
O5 NAG W . -73.44 19.45 -7.77
O6 NAG W . -75.53 21.00 -8.64
O7 NAG W . -70.00 17.95 -9.81
H4 NAG W . -74.54 17.13 -8.42
H5 NAG W . -73.66 19.48 -9.74
H61 NAG W . -75.99 19.14 -8.18
H62 NAG W . -75.98 19.42 -9.74
H81 NAG W . -67.74 17.02 -9.36
H82 NAG W . -68.32 15.88 -8.40
H83 NAG W . -67.89 17.30 -7.80
HN2 NAG W . -70.24 16.69 -7.05
HO4 NAG W . -75.44 16.79 -10.22
HO6 NAG W . -74.76 21.23 -8.28
C1 NAG X . -48.96 13.67 7.53
C2 NAG X . -48.50 15.02 6.99
C3 NAG X . -46.96 15.05 6.99
C4 NAG X . -46.40 14.64 8.35
C5 NAG X . -47.07 13.38 8.90
C6 NAG X . -46.70 13.08 10.33
C7 NAG X . -48.66 14.53 4.59
C8 NAG X . -49.29 14.92 3.29
N2 NAG X . -49.02 15.25 5.66
O3 NAG X . -46.52 16.36 6.65
O4 NAG X . -45.01 14.38 8.22
O5 NAG X . -48.50 13.51 8.86
O6 NAG X . -47.47 12.01 10.85
O7 NAG X . -47.88 13.59 4.68
H4 NAG X . -46.52 15.37 8.98
H5 NAG X . -46.81 12.62 8.33
H61 NAG X . -46.84 13.88 10.86
H62 NAG X . -45.75 12.84 10.36
H81 NAG X . -49.26 14.16 2.68
H82 NAG X . -48.80 15.67 2.91
H83 NAG X . -50.22 15.20 3.45
HN2 NAG X . -49.60 15.94 5.54
HO4 NAG X . -44.87 13.50 8.27
HO6 NAG X . -47.03 11.65 11.54
C1 NAG Y . -74.84 4.42 -16.81
C2 NAG Y . -75.12 5.80 -17.40
C3 NAG Y . -76.17 5.69 -18.51
C4 NAG Y . -75.75 4.62 -19.53
C5 NAG Y . -75.42 3.31 -18.83
C6 NAG Y . -74.89 2.25 -19.76
C7 NAG Y . -74.77 7.18 -15.41
C8 NAG Y . -75.40 8.12 -14.43
N2 NAG Y . -75.57 6.72 -16.38
O3 NAG Y . -76.31 6.94 -19.16
O4 NAG Y . -76.81 4.41 -20.46
O5 NAG Y . -74.42 3.54 -17.83
O6 NAG Y . -75.81 1.97 -20.81
O7 NAG Y . -73.60 6.84 -15.32
H4 NAG Y . -74.96 4.94 -20.01
H5 NAG Y . -76.23 2.98 -18.39
H61 NAG Y . -74.74 1.43 -19.26
H62 NAG Y . -74.05 2.56 -20.14
H81 NAG Y . -74.70 8.56 -13.90
H82 NAG Y . -75.99 7.63 -13.83
H83 NAG Y . -75.92 8.80 -14.90
HN2 NAG Y . -76.44 7.00 -16.39
HO6 NAG Y . -75.74 1.11 -21.05
C1 NAG Z . -75.24 8.17 11.83
C2 NAG Z . -74.68 8.81 13.10
C3 NAG Z . -75.82 9.12 14.07
C4 NAG Z . -76.89 9.95 13.37
C5 NAG Z . -77.32 9.28 12.06
C6 NAG Z . -78.29 10.12 11.26
C7 NAG Z . -73.08 8.23 14.88
C8 NAG Z . -72.11 7.20 15.38
N2 NAG Z . -73.71 7.92 13.73
O3 NAG Z . -75.31 9.84 15.19
O4 NAG Z . -78.03 10.07 14.22
O5 NAG Z . -76.18 9.06 11.23
O6 NAG Z . -78.57 9.53 10.01
O7 NAG Z . -73.30 9.26 15.48
H4 NAG Z . -76.54 10.83 13.18
H5 NAG Z . -77.74 8.42 12.26
H61 NAG Z . -77.89 11.01 11.12
H62 NAG Z . -79.12 10.22 11.77
H81 NAG Z . -71.71 7.51 16.22
H82 NAG Z . -71.40 7.07 14.72
H83 NAG Z . -72.57 6.35 15.52
HN2 NAG Z . -73.50 7.13 13.32
HO6 NAG Z . -78.12 8.76 9.93
C1 NAG AA . -25.26 19.59 30.43
C2 NAG AA . -25.68 20.72 29.48
C3 NAG AA . -24.44 21.39 28.91
C4 NAG AA . -23.50 21.83 30.02
C5 NAG AA . -23.19 20.67 30.95
C6 NAG AA . -22.37 21.07 32.15
C7 NAG AA . -27.10 20.98 27.50
C8 NAG AA . -27.95 20.28 26.49
N2 NAG AA . -26.54 20.21 28.44
O3 NAG AA . -24.84 22.52 28.12
O4 NAG AA . -22.28 22.32 29.46
O5 NAG AA . -24.42 20.12 31.46
O6 NAG AA . -21.76 19.93 32.76
O7 NAG AA . -26.91 22.20 27.47
H4 NAG AA . -23.93 22.55 30.53
H5 NAG AA . -22.73 19.98 30.45
H61 NAG AA . -22.95 21.50 32.80
H62 NAG AA . -21.68 21.69 31.86
H81 NAG AA . -28.21 20.91 25.79
H82 NAG AA . -28.75 19.93 26.92
H83 NAG AA . -27.45 19.55 26.09
HN2 NAG AA . -26.71 19.31 28.41
HO6 NAG AA . -21.35 20.18 33.50
C1 NAG BA . -20.18 8.52 25.01
C2 NAG BA . -19.68 9.71 24.19
C3 NAG BA . -18.22 9.99 24.51
C4 NAG BA . -18.03 10.17 26.01
C5 NAG BA . -18.61 8.97 26.77
C6 NAG BA . -18.55 9.13 28.26
C7 NAG BA . -20.20 10.43 21.89
C8 NAG BA . -20.40 11.80 22.47
N2 NAG BA . -19.85 9.47 22.77
O3 NAG BA . -17.78 11.15 23.83
O4 NAG BA . -16.64 10.28 26.32
O5 NAG BA . -19.99 8.78 26.40
O6 NAG BA . -18.49 7.86 28.92
O7 NAG BA . -20.33 10.20 20.70
H4 NAG BA . -18.49 10.97 26.30
H5 NAG BA . -18.10 8.16 26.52
H61 NAG BA . -19.36 9.60 28.55
H62 NAG BA . -17.77 9.65 28.50
H81 NAG BA . -20.78 12.38 21.79
H82 NAG BA . -19.54 12.17 22.75
H83 NAG BA . -20.99 11.76 23.24
HN2 NAG BA . -19.72 8.63 22.45
HO6 NAG BA . -18.65 7.22 28.33
C1 NAG CA . 23.42 -1.15 34.82
C2 NAG CA . 22.60 -1.89 35.87
C3 NAG CA . 22.72 -1.20 37.22
C4 NAG CA . 24.18 -1.03 37.59
C5 NAG CA . 24.95 -0.34 36.47
C6 NAG CA . 26.43 -0.26 36.73
C7 NAG CA . 20.42 -3.00 35.92
C8 NAG CA . 19.01 -2.99 35.42
N2 NAG CA . 21.21 -2.02 35.47
O3 NAG CA . 22.05 -1.96 38.21
O4 NAG CA . 24.29 -0.24 38.78
O5 NAG CA . 24.78 -1.05 35.24
O6 NAG CA . 26.76 -0.80 38.01
O7 NAG CA . 20.82 -3.86 36.70
H4 NAG CA . 24.57 -1.91 37.76
H5 NAG CA . 24.60 0.57 36.36
H61 NAG CA . 26.72 0.67 36.69
H62 NAG CA . 26.90 -0.78 36.04
H81 NAG CA . 18.48 -3.63 35.93
H82 NAG CA . 18.99 -3.23 34.47
H83 NAG CA . 18.63 -2.09 35.53
HN2 NAG CA . 20.86 -1.40 34.89
HO4 NAG CA . 24.98 -0.53 39.27
HO6 NAG CA . 27.64 -0.72 38.15
C1 NAG DA . -19.71 -35.69 10.19
C2 NAG DA . -18.73 -36.50 11.03
C3 NAG DA . -18.75 -37.96 10.60
C4 NAG DA . -20.18 -38.50 10.66
C5 NAG DA . -21.12 -37.59 9.86
C6 NAG DA . -22.57 -38.00 9.99
C7 NAG DA . -16.45 -36.15 11.89
C8 NAG DA . -15.12 -35.54 11.64
N2 NAG DA . -17.38 -35.98 10.94
O3 NAG DA . -17.92 -38.72 11.46
O4 NAG DA . -20.23 -39.81 10.12
O5 NAG DA . -21.02 -36.24 10.33
O6 NAG DA . -22.72 -39.16 10.78
O7 NAG DA . -16.70 -36.79 12.92
H4 NAG DA . -20.48 -38.52 11.59
H5 NAG DA . -20.87 -37.62 8.92
H61 NAG DA . -22.94 -38.15 9.10
H62 NAG DA . -23.06 -37.26 10.41
H81 NAG DA . -14.48 -35.88 12.30
H82 NAG DA . -15.17 -34.57 11.74
H83 NAG DA . -14.81 -35.76 10.74
HN2 NAG DA . -17.14 -35.49 10.19
HO4 NAG DA . -20.54 -40.37 10.74
HO6 NAG DA . -23.06 -39.82 10.30
#